data_5DFA
#
_entry.id   5DFA
#
_cell.length_a   71.730
_cell.length_b   181.310
_cell.length_c   197.660
_cell.angle_alpha   90.00
_cell.angle_beta   90.00
_cell.angle_gamma   90.00
#
_symmetry.space_group_name_H-M   'P 21 21 21'
#
loop_
_entity.id
_entity.type
_entity.pdbx_description
1 polymer Beta-galactosidase
2 non-polymer 'ZINC ION'
3 non-polymer GLYCEROL
4 water water
#
_entity_poly.entity_id   1
_entity_poly.type   'polypeptide(L)'
_entity_poly.pdbx_seq_one_letter_code
;MPKYERTYTTQANFILHGGDYNPDQWLDRPDILQADLELMKLSHTNTFTVGVFAWSALEPEEGVYRFEWLDKVFDDIYRI
GGRVILATPSGARPAWLSQKYPEVLRVNAARVRQLHGGRHNHCFTSSVYREKTQHINRLLAERYGDHPALLMWHVSNEYG
GECHCNLCQEAFREWLKKKYNHDLDALNAAWWTSFWSHTYTDWSQIESPSPIGEHTIHGLNLDWKRFVTDQTISFFENEI
VPLRELTPHIPITTNFMADTHDLIPFQGLDYSKFAKHLDVISWDAYPAWHNDWESTADLAMKVGFINDLYRSLKQQPFLL
MACTPSLVNWHKVNKAKRPGMHFLSSMQMIAHGSDSILYFQWRKSRGSFEKFHGAVVDHDNRTDSRVFQEVAEVGKALKK
MSGIVGTNRPAEVAILYDWENNWALNDAQGFAAETKRYPQTLVQHYRPFWERDIPVDVITKEHDFSRYKLLIAPMLYLVS
EETIARLKEFVANGGTLVMTYISGIVDEHDLAYLGGWHQDLREMFGMEPIETDTLYPRDRNSVHYRGRSYELKDYATVIK
IHAATVEGVYEDDFYADTPAVTSNQYGKGQAYYIGGRLEDQFHRDFYQELMEKLDLRPVLFVKHEKGVSVQARQAPECDY
VFIMNFTEEKQAVVLEEKVKDLFTGEEIVGEIMLDKYEVRVVEKRR
;
_entity_poly.pdbx_strand_id   A,B,C
#
loop_
_chem_comp.id
_chem_comp.type
_chem_comp.name
_chem_comp.formula
GOL non-polymer GLYCEROL 'C3 H8 O3'
ZN non-polymer 'ZINC ION' 'Zn 2'
#
# COMPACT_ATOMS: atom_id res chain seq x y z
N PRO A 2 5.21 -15.45 -54.84
CA PRO A 2 5.36 -15.12 -53.42
C PRO A 2 4.86 -13.72 -53.08
N LYS A 3 4.54 -12.93 -54.10
CA LYS A 3 4.06 -11.57 -53.89
C LYS A 3 2.65 -11.58 -53.30
N TYR A 4 2.52 -11.09 -52.07
CA TYR A 4 1.26 -11.07 -51.33
C TYR A 4 0.66 -12.46 -51.18
N GLU A 5 1.50 -13.48 -51.27
CA GLU A 5 1.04 -14.87 -51.21
C GLU A 5 0.38 -15.17 -49.87
N ARG A 6 -0.71 -15.92 -49.91
CA ARG A 6 -1.43 -16.30 -48.71
C ARG A 6 -0.64 -17.31 -47.88
N THR A 7 -0.73 -17.18 -46.57
CA THR A 7 -0.03 -18.08 -45.65
C THR A 7 -1.00 -18.63 -44.60
N TYR A 8 -1.35 -19.91 -44.74
CA TYR A 8 -2.35 -20.52 -43.87
C TYR A 8 -1.73 -21.12 -42.61
N THR A 9 -2.37 -20.86 -41.47
CA THR A 9 -1.89 -21.37 -40.19
C THR A 9 -2.56 -22.69 -39.84
N THR A 10 -3.76 -22.90 -40.36
CA THR A 10 -4.49 -24.15 -40.17
C THR A 10 -4.97 -24.68 -41.52
N GLN A 11 -5.64 -25.83 -41.50
CA GLN A 11 -6.24 -26.36 -42.71
C GLN A 11 -7.65 -25.80 -42.89
N ALA A 12 -8.00 -24.83 -42.04
CA ALA A 12 -9.27 -24.15 -42.14
C ALA A 12 -9.23 -23.09 -43.23
N ASN A 13 -10.20 -23.12 -44.13
CA ASN A 13 -10.31 -22.12 -45.19
C ASN A 13 -11.31 -21.04 -44.80
N PHE A 14 -11.51 -20.88 -43.50
CA PHE A 14 -12.45 -19.90 -42.98
C PHE A 14 -11.92 -19.26 -41.71
N ILE A 15 -12.53 -18.15 -41.30
CA ILE A 15 -12.14 -17.49 -40.05
C ILE A 15 -12.76 -18.21 -38.87
N LEU A 16 -11.91 -18.68 -37.96
CA LEU A 16 -12.37 -19.43 -36.80
C LEU A 16 -13.24 -18.57 -35.89
N HIS A 17 -14.39 -19.11 -35.50
CA HIS A 17 -15.30 -18.40 -34.62
C HIS A 17 -15.82 -19.33 -33.53
N GLY A 18 -15.68 -18.91 -32.28
CA GLY A 18 -16.09 -19.71 -31.15
C GLY A 18 -15.27 -19.36 -29.93
N GLY A 19 -14.63 -20.37 -29.32
CA GLY A 19 -13.77 -20.15 -28.19
C GLY A 19 -13.75 -21.28 -27.18
N ASP A 20 -13.31 -20.98 -25.97
CA ASP A 20 -13.21 -21.97 -24.91
C ASP A 20 -14.56 -22.60 -24.58
N TYR A 21 -14.63 -23.92 -24.70
CA TYR A 21 -15.84 -24.67 -24.40
C TYR A 21 -15.55 -25.65 -23.26
N ASN A 22 -16.33 -25.55 -22.19
CA ASN A 22 -16.10 -26.39 -21.01
C ASN A 22 -17.30 -27.26 -20.65
N PRO A 23 -17.58 -28.29 -21.47
CA PRO A 23 -18.72 -29.19 -21.21
C PRO A 23 -18.49 -30.05 -19.98
N ASP A 24 -17.23 -30.17 -19.56
CA ASP A 24 -16.87 -30.98 -18.40
C ASP A 24 -17.41 -30.40 -17.10
N GLN A 25 -17.93 -29.17 -17.16
CA GLN A 25 -18.58 -28.55 -16.02
C GLN A 25 -20.09 -28.81 -16.05
N TRP A 26 -20.54 -29.45 -17.13
CA TRP A 26 -21.98 -29.65 -17.34
C TRP A 26 -22.33 -31.09 -17.72
N LEU A 27 -21.51 -32.04 -17.28
CA LEU A 27 -21.72 -33.44 -17.63
C LEU A 27 -23.00 -34.01 -17.02
N ASP A 28 -23.45 -33.40 -15.92
CA ASP A 28 -24.68 -33.83 -15.27
C ASP A 28 -25.89 -33.11 -15.85
N ARG A 29 -25.68 -32.41 -16.95
CA ARG A 29 -26.74 -31.64 -17.58
C ARG A 29 -26.82 -31.91 -19.09
N PRO A 30 -27.45 -33.02 -19.48
CA PRO A 30 -27.62 -33.38 -20.90
C PRO A 30 -28.39 -32.33 -21.67
N ASP A 31 -29.32 -31.66 -21.00
CA ASP A 31 -30.12 -30.60 -21.63
C ASP A 31 -29.24 -29.42 -22.03
N ILE A 32 -28.33 -29.04 -21.14
CA ILE A 32 -27.41 -27.93 -21.40
C ILE A 32 -26.48 -28.26 -22.56
N LEU A 33 -25.96 -29.48 -22.57
CA LEU A 33 -25.03 -29.91 -23.61
C LEU A 33 -25.70 -29.99 -24.98
N GLN A 34 -26.95 -30.42 -25.00
CA GLN A 34 -27.71 -30.49 -26.25
C GLN A 34 -28.05 -29.09 -26.74
N ALA A 35 -28.37 -28.20 -25.80
CA ALA A 35 -28.68 -26.82 -26.12
C ALA A 35 -27.46 -26.08 -26.66
N ASP A 36 -26.28 -26.50 -26.20
CA ASP A 36 -25.02 -25.91 -26.64
C ASP A 36 -24.89 -25.95 -28.17
N LEU A 37 -25.08 -27.14 -28.74
CA LEU A 37 -24.95 -27.34 -30.17
C LEU A 37 -25.93 -26.48 -30.96
N GLU A 38 -27.16 -26.39 -30.47
CA GLU A 38 -28.19 -25.59 -31.11
C GLU A 38 -27.81 -24.11 -31.13
N LEU A 39 -27.31 -23.62 -30.01
CA LEU A 39 -26.93 -22.22 -29.89
C LEU A 39 -25.66 -21.93 -30.69
N MET A 40 -24.81 -22.95 -30.81
CA MET A 40 -23.58 -22.84 -31.61
C MET A 40 -23.93 -22.55 -33.06
N LYS A 41 -24.92 -23.25 -33.58
CA LYS A 41 -25.38 -23.04 -34.95
C LYS A 41 -25.98 -21.64 -35.12
N LEU A 42 -26.82 -21.25 -34.17
CA LEU A 42 -27.47 -19.94 -34.21
C LEU A 42 -26.47 -18.80 -34.10
N SER A 43 -25.35 -19.05 -33.42
CA SER A 43 -24.34 -18.02 -33.20
C SER A 43 -23.27 -18.04 -34.30
N HIS A 44 -23.39 -19.00 -35.21
CA HIS A 44 -22.44 -19.17 -36.31
C HIS A 44 -21.02 -19.39 -35.79
N THR A 45 -20.90 -20.15 -34.69
CA THR A 45 -19.59 -20.51 -34.15
C THR A 45 -19.21 -21.91 -34.64
N ASN A 46 -17.93 -22.12 -34.90
CA ASN A 46 -17.48 -23.35 -35.55
C ASN A 46 -16.17 -23.92 -35.03
N THR A 47 -15.57 -23.26 -34.04
CA THR A 47 -14.28 -23.68 -33.52
C THR A 47 -14.23 -23.53 -32.00
N PHE A 48 -13.86 -24.60 -31.30
CA PHE A 48 -13.94 -24.60 -29.84
C PHE A 48 -12.72 -25.20 -29.17
N THR A 49 -12.19 -24.49 -28.19
CA THR A 49 -11.05 -24.94 -27.40
C THR A 49 -11.53 -25.78 -26.22
N VAL A 50 -11.19 -27.06 -26.24
CA VAL A 50 -11.68 -27.99 -25.23
C VAL A 50 -10.54 -28.62 -24.42
N GLY A 51 -10.74 -28.75 -23.11
CA GLY A 51 -9.84 -29.48 -22.26
C GLY A 51 -8.75 -28.66 -21.58
N VAL A 52 -8.92 -27.33 -21.58
CA VAL A 52 -7.93 -26.44 -20.99
C VAL A 52 -7.72 -26.73 -19.51
N PHE A 53 -8.81 -26.96 -18.79
CA PHE A 53 -8.75 -27.28 -17.38
C PHE A 53 -9.54 -28.54 -17.06
N ALA A 54 -9.30 -29.61 -17.82
CA ALA A 54 -10.13 -30.80 -17.74
C ALA A 54 -9.37 -32.04 -17.24
N TRP A 55 -8.24 -31.83 -16.58
CA TRP A 55 -7.42 -32.95 -16.10
C TRP A 55 -8.19 -33.83 -15.11
N SER A 56 -8.87 -33.21 -14.16
CA SER A 56 -9.64 -33.95 -13.16
C SER A 56 -10.87 -34.59 -13.78
N ALA A 57 -11.37 -34.00 -14.87
CA ALA A 57 -12.51 -34.56 -15.58
C ALA A 57 -12.04 -35.74 -16.44
N LEU A 58 -10.79 -35.67 -16.90
CA LEU A 58 -10.20 -36.75 -17.68
C LEU A 58 -9.64 -37.84 -16.79
N GLU A 59 -9.02 -37.42 -15.69
CA GLU A 59 -8.41 -38.36 -14.75
C GLU A 59 -8.75 -38.00 -13.31
N PRO A 60 -9.95 -38.38 -12.85
CA PRO A 60 -10.43 -38.07 -11.50
C PRO A 60 -9.51 -38.62 -10.40
N GLU A 61 -9.03 -39.84 -10.60
CA GLU A 61 -8.01 -40.41 -9.72
C GLU A 61 -6.87 -40.93 -10.58
N GLU A 62 -5.68 -41.03 -10.01
CA GLU A 62 -4.51 -41.44 -10.77
C GLU A 62 -4.68 -42.83 -11.38
N GLY A 63 -4.62 -42.88 -12.71
CA GLY A 63 -4.74 -44.13 -13.43
C GLY A 63 -6.16 -44.49 -13.78
N VAL A 64 -7.10 -43.67 -13.32
CA VAL A 64 -8.51 -43.87 -13.64
C VAL A 64 -8.95 -42.79 -14.62
N TYR A 65 -9.26 -43.19 -15.84
CA TYR A 65 -9.52 -42.23 -16.91
C TYR A 65 -10.98 -42.21 -17.37
N ARG A 66 -11.43 -41.02 -17.76
CA ARG A 66 -12.79 -40.81 -18.24
C ARG A 66 -12.76 -40.05 -19.56
N PHE A 67 -12.60 -40.77 -20.66
CA PHE A 67 -12.45 -40.13 -21.98
C PHE A 67 -13.75 -40.12 -22.77
N GLU A 68 -14.78 -40.78 -22.26
CA GLU A 68 -16.03 -40.94 -22.99
C GLU A 68 -16.71 -39.60 -23.29
N TRP A 69 -16.79 -38.74 -22.29
CA TRP A 69 -17.44 -37.44 -22.45
C TRP A 69 -16.75 -36.61 -23.52
N LEU A 70 -15.42 -36.72 -23.61
CA LEU A 70 -14.65 -35.96 -24.57
C LEU A 70 -14.78 -36.56 -25.96
N ASP A 71 -14.96 -37.88 -26.03
CA ASP A 71 -15.24 -38.54 -27.30
C ASP A 71 -16.53 -38.00 -27.91
N LYS A 72 -17.56 -37.91 -27.07
CA LYS A 72 -18.87 -37.47 -27.53
C LYS A 72 -18.87 -36.00 -27.92
N VAL A 73 -18.11 -35.19 -27.18
CA VAL A 73 -17.98 -33.77 -27.49
C VAL A 73 -17.31 -33.57 -28.84
N PHE A 74 -16.31 -34.40 -29.12
CA PHE A 74 -15.62 -34.40 -30.41
C PHE A 74 -16.59 -34.69 -31.56
N ASP A 75 -17.37 -35.76 -31.40
CA ASP A 75 -18.30 -36.19 -32.44
C ASP A 75 -19.47 -35.23 -32.61
N ASP A 76 -19.91 -34.62 -31.50
CA ASP A 76 -21.04 -33.70 -31.55
C ASP A 76 -20.66 -32.38 -32.22
N ILE A 77 -19.47 -31.87 -31.91
CA ILE A 77 -18.96 -30.66 -32.55
C ILE A 77 -18.71 -30.91 -34.03
N TYR A 78 -18.18 -32.09 -34.33
CA TYR A 78 -17.89 -32.50 -35.70
C TYR A 78 -19.16 -32.61 -36.53
N ARG A 79 -20.24 -33.04 -35.88
CA ARG A 79 -21.52 -33.27 -36.57
C ARG A 79 -22.11 -31.98 -37.12
N ILE A 80 -22.03 -30.91 -36.35
CA ILE A 80 -22.58 -29.62 -36.77
C ILE A 80 -21.58 -28.83 -37.60
N GLY A 81 -20.55 -29.52 -38.10
CA GLY A 81 -19.58 -28.92 -38.98
C GLY A 81 -18.52 -28.09 -38.28
N GLY A 82 -18.30 -28.37 -37.01
CA GLY A 82 -17.35 -27.61 -36.21
C GLY A 82 -15.98 -28.26 -36.10
N ARG A 83 -15.02 -27.48 -35.61
CA ARG A 83 -13.66 -27.97 -35.40
C ARG A 83 -13.28 -27.90 -33.93
N VAL A 84 -12.27 -28.68 -33.54
CA VAL A 84 -11.84 -28.70 -32.15
C VAL A 84 -10.37 -28.32 -31.99
N ILE A 85 -10.13 -27.24 -31.25
CA ILE A 85 -8.79 -26.92 -30.79
C ILE A 85 -8.57 -27.64 -29.47
N LEU A 86 -7.80 -28.73 -29.51
CA LEU A 86 -7.61 -29.54 -28.31
C LEU A 86 -6.48 -28.98 -27.45
N ALA A 87 -6.78 -28.76 -26.17
CA ALA A 87 -5.81 -28.20 -25.25
C ALA A 87 -5.23 -29.25 -24.32
N THR A 88 -3.94 -29.12 -24.02
CA THR A 88 -3.31 -29.93 -22.99
C THR A 88 -3.63 -29.31 -21.63
N PRO A 89 -3.90 -30.16 -20.63
CA PRO A 89 -4.47 -29.70 -19.36
C PRO A 89 -3.46 -29.36 -18.26
N SER A 90 -2.21 -29.04 -18.61
CA SER A 90 -1.20 -28.77 -17.60
C SER A 90 -1.45 -27.47 -16.84
N GLY A 91 -2.41 -26.69 -17.30
CA GLY A 91 -2.72 -25.41 -16.67
C GLY A 91 -3.34 -25.51 -15.30
N ALA A 92 -3.86 -26.70 -14.97
CA ALA A 92 -4.44 -26.92 -13.64
C ALA A 92 -4.42 -28.40 -13.27
N ARG A 93 -3.48 -28.76 -12.39
CA ARG A 93 -3.34 -30.13 -11.93
C ARG A 93 -4.44 -30.50 -10.94
N PRO A 94 -4.84 -31.78 -10.93
CA PRO A 94 -5.82 -32.28 -9.96
C PRO A 94 -5.29 -32.21 -8.52
N ALA A 95 -6.20 -32.29 -7.56
CA ALA A 95 -5.83 -32.19 -6.15
C ALA A 95 -5.02 -33.42 -5.70
N TRP A 96 -5.31 -34.58 -6.29
CA TRP A 96 -4.62 -35.80 -5.91
C TRP A 96 -3.16 -35.75 -6.37
N LEU A 97 -2.89 -34.99 -7.41
CA LEU A 97 -1.53 -34.89 -7.94
C LEU A 97 -0.64 -34.08 -7.00
N SER A 98 -1.18 -32.97 -6.51
CA SER A 98 -0.44 -32.13 -5.56
C SER A 98 -0.20 -32.87 -4.25
N GLN A 99 -1.20 -33.62 -3.81
CA GLN A 99 -1.12 -34.33 -2.54
C GLN A 99 -0.10 -35.48 -2.59
N LYS A 100 -0.10 -36.22 -3.69
CA LYS A 100 0.79 -37.38 -3.83
C LYS A 100 2.20 -36.97 -4.24
N TYR A 101 2.31 -35.92 -5.05
CA TYR A 101 3.60 -35.44 -5.50
C TYR A 101 3.80 -33.97 -5.17
N PRO A 102 4.16 -33.68 -3.91
CA PRO A 102 4.30 -32.29 -3.42
C PRO A 102 5.40 -31.48 -4.12
N GLU A 103 6.26 -32.14 -4.90
CA GLU A 103 7.37 -31.43 -5.54
C GLU A 103 6.90 -30.59 -6.73
N VAL A 104 5.64 -30.78 -7.13
CA VAL A 104 5.08 -30.02 -8.24
C VAL A 104 4.58 -28.65 -7.76
N LEU A 105 4.54 -28.49 -6.44
CA LEU A 105 4.11 -27.21 -5.86
C LEU A 105 5.22 -26.19 -5.89
N ARG A 106 4.85 -24.93 -6.11
CA ARG A 106 5.83 -23.86 -6.25
C ARG A 106 6.42 -23.38 -4.93
N VAL A 107 7.61 -22.81 -5.03
CA VAL A 107 8.22 -22.07 -3.94
C VAL A 107 8.48 -20.65 -4.41
N ASN A 108 7.81 -19.68 -3.80
CA ASN A 108 7.90 -18.29 -4.27
C ASN A 108 9.27 -17.67 -3.99
N ALA A 109 9.42 -16.41 -4.36
CA ALA A 109 10.70 -15.70 -4.24
C ALA A 109 11.15 -15.60 -2.80
N ALA A 110 10.19 -15.50 -1.88
CA ALA A 110 10.51 -15.42 -0.45
C ALA A 110 10.73 -16.81 0.15
N ARG A 111 10.89 -17.80 -0.73
CA ARG A 111 11.19 -19.18 -0.36
C ARG A 111 10.08 -19.86 0.45
N VAL A 112 8.85 -19.45 0.23
CA VAL A 112 7.71 -20.11 0.86
C VAL A 112 7.08 -21.12 -0.08
N ARG A 113 6.94 -22.36 0.40
CA ARG A 113 6.28 -23.40 -0.37
C ARG A 113 4.79 -23.13 -0.44
N GLN A 114 4.22 -23.15 -1.65
CA GLN A 114 2.81 -22.91 -1.84
C GLN A 114 1.98 -24.14 -1.50
N LEU A 115 0.71 -23.93 -1.18
CA LEU A 115 -0.24 -25.03 -1.05
C LEU A 115 -0.94 -25.23 -2.38
N HIS A 116 -1.64 -26.35 -2.53
CA HIS A 116 -2.39 -26.60 -3.76
C HIS A 116 -3.52 -25.58 -3.91
N GLY A 117 -3.69 -25.08 -5.13
CA GLY A 117 -4.74 -24.12 -5.39
C GLY A 117 -4.51 -23.28 -6.64
N GLY A 118 -5.58 -22.67 -7.13
CA GLY A 118 -5.50 -21.81 -8.29
C GLY A 118 -5.14 -22.54 -9.57
N ARG A 119 -4.26 -21.94 -10.36
CA ARG A 119 -3.88 -22.46 -11.67
C ARG A 119 -2.54 -21.87 -12.11
N HIS A 120 -1.97 -22.45 -13.17
CA HIS A 120 -0.75 -21.93 -13.79
C HIS A 120 0.44 -21.86 -12.83
N ASN A 121 0.32 -22.50 -11.67
CA ASN A 121 1.33 -22.36 -10.62
C ASN A 121 2.06 -23.65 -10.31
N HIS A 122 2.68 -24.25 -11.31
CA HIS A 122 3.44 -25.48 -11.13
C HIS A 122 4.93 -25.22 -11.11
N CYS A 123 5.69 -26.13 -10.51
CA CYS A 123 7.14 -26.08 -10.58
C CYS A 123 7.59 -26.52 -11.97
N PHE A 124 8.23 -25.61 -12.70
CA PHE A 124 8.58 -25.88 -14.09
C PHE A 124 9.86 -26.70 -14.23
N THR A 125 10.45 -27.11 -13.10
CA THR A 125 11.63 -27.95 -13.13
C THR A 125 11.27 -29.40 -12.81
N SER A 126 10.32 -29.57 -11.89
CA SER A 126 9.90 -30.88 -11.38
C SER A 126 9.81 -31.96 -12.45
N SER A 127 10.67 -32.98 -12.30
CA SER A 127 10.71 -34.10 -13.24
CA SER A 127 10.71 -34.10 -13.24
C SER A 127 9.39 -34.86 -13.26
N VAL A 128 8.75 -34.96 -12.09
CA VAL A 128 7.48 -35.66 -11.97
C VAL A 128 6.39 -34.97 -12.78
N TYR A 129 6.29 -33.65 -12.67
CA TYR A 129 5.25 -32.92 -13.36
C TYR A 129 5.47 -32.92 -14.87
N ARG A 130 6.73 -32.83 -15.29
CA ARG A 130 7.07 -32.91 -16.70
CA ARG A 130 7.07 -32.90 -16.70
C ARG A 130 6.69 -34.27 -17.27
N GLU A 131 6.79 -35.30 -16.42
CA GLU A 131 6.47 -36.66 -16.82
C GLU A 131 4.96 -36.88 -16.89
N LYS A 132 4.25 -36.50 -15.84
CA LYS A 132 2.80 -36.67 -15.80
CA LYS A 132 2.80 -36.64 -15.79
C LYS A 132 2.11 -35.89 -16.92
N THR A 133 2.54 -34.66 -17.14
CA THR A 133 1.95 -33.82 -18.18
C THR A 133 2.23 -34.37 -19.57
N GLN A 134 3.39 -34.98 -19.77
CA GLN A 134 3.70 -35.56 -21.07
C GLN A 134 2.91 -36.84 -21.28
N HIS A 135 2.65 -37.57 -20.20
CA HIS A 135 1.87 -38.79 -20.26
C HIS A 135 0.44 -38.49 -20.73
N ILE A 136 -0.22 -37.56 -20.05
CA ILE A 136 -1.61 -37.24 -20.36
C ILE A 136 -1.72 -36.62 -21.76
N ASN A 137 -0.67 -35.92 -22.19
CA ASN A 137 -0.64 -35.38 -23.55
C ASN A 137 -0.55 -36.49 -24.59
N ARG A 138 0.23 -37.52 -24.27
CA ARG A 138 0.38 -38.67 -25.16
C ARG A 138 -0.94 -39.42 -25.31
N LEU A 139 -1.65 -39.58 -24.20
CA LEU A 139 -2.95 -40.24 -24.20
C LEU A 139 -3.92 -39.47 -25.10
N LEU A 140 -3.92 -38.15 -24.98
CA LEU A 140 -4.77 -37.30 -25.80
C LEU A 140 -4.40 -37.42 -27.28
N ALA A 141 -3.11 -37.44 -27.56
CA ALA A 141 -2.62 -37.54 -28.93
C ALA A 141 -2.94 -38.90 -29.53
N GLU A 142 -2.93 -39.94 -28.70
CA GLU A 142 -3.26 -41.29 -29.15
C GLU A 142 -4.74 -41.41 -29.51
N ARG A 143 -5.60 -40.86 -28.66
CA ARG A 143 -7.03 -41.06 -28.79
C ARG A 143 -7.69 -40.12 -29.81
N TYR A 144 -7.15 -38.92 -29.96
CA TYR A 144 -7.82 -37.90 -30.78
C TYR A 144 -6.97 -37.37 -31.92
N GLY A 145 -5.77 -37.94 -32.09
CA GLY A 145 -4.85 -37.47 -33.10
C GLY A 145 -5.34 -37.61 -34.53
N ASP A 146 -6.16 -38.62 -34.78
CA ASP A 146 -6.63 -38.90 -36.14
C ASP A 146 -8.10 -38.53 -36.33
N HIS A 147 -8.66 -37.81 -35.37
CA HIS A 147 -10.03 -37.33 -35.49
C HIS A 147 -10.04 -36.13 -36.43
N PRO A 148 -10.88 -36.19 -37.48
CA PRO A 148 -10.95 -35.13 -38.49
C PRO A 148 -11.30 -33.75 -37.93
N ALA A 149 -11.93 -33.72 -36.76
CA ALA A 149 -12.32 -32.47 -36.14
C ALA A 149 -11.13 -31.74 -35.51
N LEU A 150 -10.05 -32.46 -35.27
CA LEU A 150 -8.86 -31.87 -34.66
C LEU A 150 -8.22 -30.86 -35.59
N LEU A 151 -8.04 -29.64 -35.09
CA LEU A 151 -7.53 -28.54 -35.90
C LEU A 151 -6.13 -28.11 -35.44
N MET A 152 -5.93 -28.07 -34.13
CA MET A 152 -4.74 -27.45 -33.56
C MET A 152 -4.57 -27.81 -32.08
N TRP A 153 -3.32 -27.87 -31.63
CA TRP A 153 -3.02 -28.07 -30.21
C TRP A 153 -2.92 -26.75 -29.45
N HIS A 154 -3.56 -26.71 -28.29
CA HIS A 154 -3.51 -25.55 -27.40
C HIS A 154 -2.75 -25.92 -26.13
N VAL A 155 -1.43 -25.82 -26.18
CA VAL A 155 -0.60 -26.34 -25.09
C VAL A 155 -0.68 -25.49 -23.83
N SER A 156 -1.09 -26.14 -22.74
CA SER A 156 -1.26 -25.49 -21.44
C SER A 156 -2.20 -24.29 -21.54
N ASN A 157 -2.02 -23.32 -20.65
CA ASN A 157 -2.80 -22.11 -20.68
C ASN A 157 -2.09 -20.93 -19.99
N GLU A 158 -1.80 -19.90 -20.77
CA GLU A 158 -1.17 -18.67 -20.28
C GLU A 158 0.01 -18.95 -19.36
N TYR A 159 1.10 -19.46 -19.94
CA TYR A 159 2.33 -19.69 -19.20
C TYR A 159 2.79 -18.45 -18.45
N GLY A 160 3.18 -18.62 -17.20
CA GLY A 160 3.63 -17.51 -16.39
C GLY A 160 4.04 -17.93 -15.00
N GLY A 161 4.73 -17.03 -14.30
CA GLY A 161 5.17 -17.31 -12.94
C GLY A 161 6.51 -17.99 -12.89
N GLU A 162 7.05 -18.15 -11.69
CA GLU A 162 8.37 -18.76 -11.51
C GLU A 162 8.42 -19.57 -10.21
N CYS A 163 9.43 -20.43 -10.11
CA CYS A 163 9.62 -21.24 -8.92
C CYS A 163 11.05 -21.09 -8.42
N HIS A 164 11.23 -21.14 -7.10
CA HIS A 164 12.54 -20.95 -6.50
C HIS A 164 12.92 -22.13 -5.60
N CYS A 165 12.32 -23.28 -5.83
CA CYS A 165 12.62 -24.47 -5.03
C CYS A 165 14.04 -24.95 -5.30
N ASN A 166 14.52 -25.87 -4.48
CA ASN A 166 15.88 -26.36 -4.60
CA ASN A 166 15.87 -26.42 -4.58
C ASN A 166 16.17 -27.01 -5.95
N LEU A 167 15.17 -27.63 -6.56
CA LEU A 167 15.33 -28.23 -7.87
C LEU A 167 15.57 -27.13 -8.91
N CYS A 168 14.84 -26.04 -8.80
CA CYS A 168 15.00 -24.91 -9.70
C CYS A 168 16.32 -24.18 -9.46
N GLN A 169 16.76 -24.17 -8.20
CA GLN A 169 18.03 -23.53 -7.85
C GLN A 169 19.20 -24.21 -8.55
N GLU A 170 19.23 -25.53 -8.49
CA GLU A 170 20.28 -26.30 -9.12
C GLU A 170 20.16 -26.25 -10.65
N ALA A 171 18.93 -26.16 -11.13
CA ALA A 171 18.68 -26.03 -12.56
C ALA A 171 19.21 -24.68 -13.05
N PHE A 172 19.06 -23.66 -12.21
CA PHE A 172 19.54 -22.32 -12.52
C PHE A 172 21.07 -22.29 -12.55
N ARG A 173 21.70 -23.06 -11.66
CA ARG A 173 23.14 -23.14 -11.60
C ARG A 173 23.72 -23.85 -12.82
N GLU A 174 23.05 -24.92 -13.24
CA GLU A 174 23.45 -25.64 -14.44
C GLU A 174 23.31 -24.74 -15.67
N TRP A 175 22.22 -23.98 -15.71
CA TRP A 175 21.96 -23.04 -16.78
C TRP A 175 23.04 -21.97 -16.84
N LEU A 176 23.51 -21.54 -15.68
CA LEU A 176 24.55 -20.52 -15.59
C LEU A 176 25.91 -21.07 -16.03
N LYS A 177 26.17 -22.32 -15.67
CA LYS A 177 27.41 -22.98 -16.05
C LYS A 177 27.52 -23.10 -17.57
N LYS A 178 26.40 -23.41 -18.22
CA LYS A 178 26.36 -23.52 -19.66
C LYS A 178 26.54 -22.15 -20.33
N LYS A 179 25.83 -21.15 -19.82
CA LYS A 179 25.87 -19.81 -20.41
C LYS A 179 27.26 -19.20 -20.31
N TYR A 180 27.94 -19.42 -19.18
CA TYR A 180 29.22 -18.79 -18.93
C TYR A 180 30.40 -19.75 -19.03
N ASN A 181 30.19 -20.86 -19.72
CA ASN A 181 31.25 -21.85 -20.00
C ASN A 181 31.99 -22.31 -18.75
N HIS A 182 31.26 -22.48 -17.65
CA HIS A 182 31.82 -22.90 -16.38
C HIS A 182 32.94 -21.97 -15.90
N ASP A 183 32.90 -20.73 -16.36
CA ASP A 183 33.89 -19.73 -15.98
C ASP A 183 33.30 -18.78 -14.95
N LEU A 184 33.61 -19.03 -13.68
CA LEU A 184 33.08 -18.23 -12.58
C LEU A 184 33.60 -16.79 -12.64
N ASP A 185 34.78 -16.62 -13.23
CA ASP A 185 35.37 -15.30 -13.41
C ASP A 185 34.53 -14.45 -14.37
N ALA A 186 34.10 -15.07 -15.46
CA ALA A 186 33.31 -14.38 -16.48
C ALA A 186 31.95 -13.97 -15.93
N LEU A 187 31.37 -14.83 -15.09
CA LEU A 187 30.09 -14.53 -14.46
C LEU A 187 30.22 -13.34 -13.52
N ASN A 188 31.21 -13.40 -12.63
CA ASN A 188 31.46 -12.33 -11.67
C ASN A 188 31.77 -11.01 -12.36
N ALA A 189 32.44 -11.07 -13.50
CA ALA A 189 32.77 -9.88 -14.26
C ALA A 189 31.54 -9.29 -14.94
N ALA A 190 30.68 -10.17 -15.46
CA ALA A 190 29.47 -9.75 -16.14
C ALA A 190 28.48 -9.10 -15.19
N TRP A 191 28.40 -9.64 -13.97
CA TRP A 191 27.46 -9.13 -12.97
C TRP A 191 28.09 -8.04 -12.10
N TRP A 192 29.40 -7.85 -12.24
CA TRP A 192 30.15 -6.87 -11.46
C TRP A 192 29.97 -7.12 -9.97
N THR A 193 30.19 -8.36 -9.56
CA THR A 193 29.90 -8.79 -8.18
C THR A 193 30.91 -8.28 -7.16
N SER A 194 31.95 -7.60 -7.64
CA SER A 194 32.94 -7.00 -6.74
C SER A 194 32.27 -5.92 -5.88
N PHE A 195 31.22 -5.32 -6.42
CA PHE A 195 30.42 -4.32 -5.72
C PHE A 195 29.73 -4.94 -4.51
N TRP A 196 29.85 -4.26 -3.37
CA TRP A 196 29.30 -4.73 -2.09
C TRP A 196 29.77 -6.14 -1.73
N SER A 197 30.98 -6.49 -2.17
CA SER A 197 31.65 -7.73 -1.78
C SER A 197 30.83 -8.99 -2.06
N HIS A 198 30.22 -9.05 -3.24
CA HIS A 198 29.32 -10.16 -3.59
C HIS A 198 29.98 -11.24 -4.45
N THR A 199 31.30 -11.13 -4.64
CA THR A 199 32.03 -12.06 -5.50
C THR A 199 31.82 -13.52 -5.11
N TYR A 200 31.37 -14.33 -6.07
CA TYR A 200 31.14 -15.75 -5.84
C TYR A 200 32.43 -16.56 -6.03
N THR A 201 32.67 -17.50 -5.13
CA THR A 201 33.86 -18.35 -5.21
C THR A 201 33.49 -19.81 -5.44
N ASP A 202 32.19 -20.09 -5.43
CA ASP A 202 31.69 -21.42 -5.74
C ASP A 202 30.29 -21.31 -6.32
N TRP A 203 29.96 -22.20 -7.26
CA TRP A 203 28.66 -22.16 -7.93
C TRP A 203 27.50 -22.39 -6.97
N SER A 204 27.76 -23.14 -5.89
CA SER A 204 26.72 -23.46 -4.93
C SER A 204 26.24 -22.23 -4.15
N GLN A 205 27.05 -21.17 -4.17
CA GLN A 205 26.72 -19.94 -3.46
C GLN A 205 25.65 -19.13 -4.21
N ILE A 206 25.56 -19.35 -5.52
CA ILE A 206 24.62 -18.61 -6.35
C ILE A 206 23.19 -19.12 -6.20
N GLU A 207 22.27 -18.20 -5.95
CA GLU A 207 20.85 -18.54 -5.85
CA GLU A 207 20.86 -18.56 -5.87
C GLU A 207 19.98 -17.48 -6.51
N SER A 208 18.74 -17.84 -6.84
CA SER A 208 17.80 -16.92 -7.45
C SER A 208 17.58 -15.69 -6.57
N PRO A 209 17.24 -14.55 -7.20
CA PRO A 209 16.97 -13.34 -6.42
C PRO A 209 15.80 -13.51 -5.45
N SER A 210 15.79 -12.70 -4.40
CA SER A 210 14.77 -12.81 -3.36
C SER A 210 14.62 -11.51 -2.58
N PRO A 211 13.39 -11.21 -2.14
CA PRO A 211 13.16 -10.04 -1.29
C PRO A 211 13.76 -10.23 0.11
N ILE A 212 14.04 -11.47 0.48
CA ILE A 212 14.70 -11.75 1.76
C ILE A 212 16.13 -12.24 1.53
N GLY A 213 16.64 -12.03 0.32
CA GLY A 213 17.98 -12.45 -0.02
C GLY A 213 18.73 -11.41 -0.84
N GLU A 214 19.08 -11.77 -2.06
CA GLU A 214 19.81 -10.88 -2.95
C GLU A 214 18.90 -10.32 -4.04
N HIS A 215 18.76 -9.00 -4.08
CA HIS A 215 17.94 -8.36 -5.10
C HIS A 215 18.60 -7.07 -5.61
N THR A 216 19.90 -6.95 -5.36
CA THR A 216 20.63 -5.74 -5.72
C THR A 216 21.65 -5.98 -6.84
N ILE A 217 21.71 -7.21 -7.33
CA ILE A 217 22.59 -7.53 -8.46
C ILE A 217 21.79 -7.65 -9.75
N HIS A 218 21.87 -6.62 -10.58
CA HIS A 218 21.08 -6.54 -11.81
C HIS A 218 21.35 -7.70 -12.77
N GLY A 219 22.61 -8.06 -12.91
CA GLY A 219 22.99 -9.15 -13.79
C GLY A 219 22.33 -10.46 -13.38
N LEU A 220 22.24 -10.68 -12.07
CA LEU A 220 21.58 -11.86 -11.53
C LEU A 220 20.08 -11.81 -11.81
N ASN A 221 19.47 -10.65 -11.58
CA ASN A 221 18.04 -10.47 -11.83
C ASN A 221 17.70 -10.68 -13.30
N LEU A 222 18.56 -10.17 -14.18
CA LEU A 222 18.35 -10.29 -15.62
C LEU A 222 18.50 -11.73 -16.09
N ASP A 223 19.58 -12.38 -15.67
CA ASP A 223 19.83 -13.77 -16.05
C ASP A 223 18.77 -14.72 -15.47
N TRP A 224 18.22 -14.34 -14.32
CA TRP A 224 17.17 -15.15 -13.71
C TRP A 224 15.91 -15.13 -14.57
N LYS A 225 15.55 -13.95 -15.07
CA LYS A 225 14.40 -13.80 -15.96
CA LYS A 225 14.39 -13.82 -15.95
C LYS A 225 14.61 -14.60 -17.24
N ARG A 226 15.85 -14.58 -17.74
CA ARG A 226 16.22 -15.34 -18.93
C ARG A 226 16.04 -16.83 -18.68
N PHE A 227 16.48 -17.28 -17.51
CA PHE A 227 16.35 -18.69 -17.12
C PHE A 227 14.88 -19.10 -17.00
N VAL A 228 14.06 -18.22 -16.42
CA VAL A 228 12.63 -18.46 -16.26
C VAL A 228 11.98 -18.70 -17.62
N THR A 229 12.38 -17.90 -18.60
CA THR A 229 11.88 -18.06 -19.96
C THR A 229 12.35 -19.40 -20.57
N ASP A 230 13.65 -19.65 -20.47
CA ASP A 230 14.24 -20.85 -21.07
C ASP A 230 13.67 -22.15 -20.51
N GLN A 231 13.43 -22.19 -19.21
CA GLN A 231 12.94 -23.41 -18.57
C GLN A 231 11.43 -23.57 -18.77
N THR A 232 10.74 -22.45 -18.96
CA THR A 232 9.33 -22.49 -19.33
C THR A 232 9.20 -23.07 -20.73
N ILE A 233 10.08 -22.62 -21.63
CA ILE A 233 10.14 -23.13 -22.99
C ILE A 233 10.52 -24.62 -22.97
N SER A 234 11.44 -24.97 -22.09
CA SER A 234 11.85 -26.37 -21.93
C SER A 234 10.69 -27.24 -21.50
N PHE A 235 9.88 -26.72 -20.58
CA PHE A 235 8.69 -27.42 -20.12
C PHE A 235 7.72 -27.61 -21.27
N PHE A 236 7.55 -26.57 -22.07
CA PHE A 236 6.69 -26.63 -23.24
C PHE A 236 7.19 -27.67 -24.23
N GLU A 237 8.49 -27.68 -24.50
CA GLU A 237 9.10 -28.63 -25.41
C GLU A 237 8.88 -30.07 -24.95
N ASN A 238 8.89 -30.26 -23.63
CA ASN A 238 8.65 -31.57 -23.06
C ASN A 238 7.19 -31.99 -23.21
N GLU A 239 6.29 -31.01 -23.13
CA GLU A 239 4.86 -31.27 -23.30
C GLU A 239 4.53 -31.76 -24.71
N ILE A 240 5.18 -31.18 -25.71
CA ILE A 240 4.80 -31.39 -27.10
C ILE A 240 5.57 -32.52 -27.78
N VAL A 241 6.35 -33.29 -27.01
CA VAL A 241 7.08 -34.41 -27.58
C VAL A 241 6.14 -35.46 -28.21
N PRO A 242 5.09 -35.91 -27.48
CA PRO A 242 4.21 -36.86 -28.16
C PRO A 242 3.34 -36.20 -29.23
N LEU A 243 3.19 -34.88 -29.13
CA LEU A 243 2.41 -34.13 -30.12
C LEU A 243 3.12 -34.13 -31.47
N ARG A 244 4.43 -33.87 -31.45
CA ARG A 244 5.24 -33.90 -32.66
C ARG A 244 5.35 -35.31 -33.22
N GLU A 245 5.40 -36.29 -32.33
CA GLU A 245 5.60 -37.68 -32.73
C GLU A 245 4.35 -38.29 -33.36
N LEU A 246 3.21 -38.16 -32.68
CA LEU A 246 1.99 -38.82 -33.11
C LEU A 246 1.14 -37.98 -34.05
N THR A 247 1.26 -36.66 -33.95
CA THR A 247 0.51 -35.75 -34.80
C THR A 247 1.40 -34.65 -35.39
N PRO A 248 2.32 -35.03 -36.29
CA PRO A 248 3.32 -34.08 -36.81
C PRO A 248 2.74 -32.98 -37.68
N HIS A 249 1.52 -33.16 -38.18
CA HIS A 249 0.92 -32.20 -39.09
C HIS A 249 -0.17 -31.36 -38.43
N ILE A 250 -0.32 -31.51 -37.12
CA ILE A 250 -1.24 -30.65 -36.37
C ILE A 250 -0.46 -29.50 -35.74
N PRO A 251 -0.75 -28.27 -36.16
CA PRO A 251 -0.04 -27.08 -35.68
C PRO A 251 -0.16 -26.89 -34.18
N ILE A 252 0.88 -26.31 -33.56
CA ILE A 252 0.93 -26.14 -32.12
C ILE A 252 1.03 -24.66 -31.74
N THR A 253 0.22 -24.25 -30.77
CA THR A 253 0.29 -22.89 -30.26
C THR A 253 0.12 -22.87 -28.75
N THR A 254 0.43 -21.72 -28.15
CA THR A 254 0.10 -21.45 -26.76
C THR A 254 -0.29 -19.98 -26.65
N ASN A 255 -1.28 -19.68 -25.83
CA ASN A 255 -1.86 -18.34 -25.80
C ASN A 255 -1.02 -17.34 -25.03
N PHE A 256 -0.65 -16.26 -25.70
CA PHE A 256 0.10 -15.17 -25.09
C PHE A 256 -0.82 -14.23 -24.33
N MET A 257 -0.24 -13.37 -23.50
CA MET A 257 -1.00 -12.37 -22.77
C MET A 257 -0.45 -10.96 -23.01
N ALA A 258 -1.30 -9.97 -22.76
CA ALA A 258 -0.83 -8.61 -22.50
C ALA A 258 -0.86 -8.47 -20.99
N ASP A 259 -0.08 -7.55 -20.43
CA ASP A 259 -0.02 -7.44 -18.98
C ASP A 259 -1.17 -6.61 -18.42
N THR A 260 -1.49 -6.88 -17.16
CA THR A 260 -2.71 -6.43 -16.49
C THR A 260 -3.15 -4.99 -16.77
N HIS A 261 -2.21 -4.08 -16.96
CA HIS A 261 -2.56 -2.67 -17.13
C HIS A 261 -2.02 -2.03 -18.40
N ASP A 262 -2.83 -1.14 -18.98
CA ASP A 262 -2.47 -0.33 -20.16
C ASP A 262 -2.03 -1.13 -21.38
N LEU A 263 -2.34 -2.43 -21.40
CA LEU A 263 -2.09 -3.28 -22.56
C LEU A 263 -0.66 -3.21 -23.06
N ILE A 264 0.30 -3.45 -22.18
CA ILE A 264 1.70 -3.56 -22.58
C ILE A 264 2.03 -5.05 -22.75
N PRO A 265 3.09 -5.37 -23.51
CA PRO A 265 3.49 -6.77 -23.67
C PRO A 265 3.70 -7.49 -22.34
N PHE A 266 3.40 -8.79 -22.30
CA PHE A 266 3.59 -9.58 -21.09
C PHE A 266 5.06 -9.59 -20.68
N GLN A 267 5.32 -9.27 -19.43
CA GLN A 267 6.69 -9.07 -18.96
C GLN A 267 7.26 -10.31 -18.28
N GLY A 268 6.42 -11.31 -18.05
CA GLY A 268 6.86 -12.52 -17.37
C GLY A 268 7.72 -13.43 -18.23
N LEU A 269 7.51 -13.38 -19.54
CA LEU A 269 8.24 -14.24 -20.47
C LEU A 269 8.71 -13.51 -21.72
N ASP A 270 9.88 -13.87 -22.21
CA ASP A 270 10.40 -13.34 -23.46
C ASP A 270 9.70 -14.04 -24.62
N TYR A 271 8.61 -13.45 -25.09
CA TYR A 271 7.82 -14.04 -26.17
C TYR A 271 8.58 -14.09 -27.49
N SER A 272 9.57 -13.21 -27.64
CA SER A 272 10.38 -13.17 -28.85
C SER A 272 11.23 -14.43 -28.98
N LYS A 273 11.44 -15.11 -27.86
CA LYS A 273 12.20 -16.35 -27.84
C LYS A 273 11.26 -17.55 -27.93
N PHE A 274 10.11 -17.44 -27.28
CA PHE A 274 9.13 -18.53 -27.25
C PHE A 274 8.51 -18.73 -28.63
N ALA A 275 8.31 -17.64 -29.35
CA ALA A 275 7.65 -17.65 -30.66
C ALA A 275 8.30 -18.65 -31.63
N LYS A 276 9.62 -18.77 -31.54
CA LYS A 276 10.37 -19.65 -32.44
C LYS A 276 10.07 -21.13 -32.19
N HIS A 277 9.46 -21.43 -31.05
CA HIS A 277 9.12 -22.81 -30.70
C HIS A 277 7.66 -23.11 -30.99
N LEU A 278 6.96 -22.15 -31.59
CA LEU A 278 5.55 -22.30 -31.89
C LEU A 278 5.31 -22.33 -33.40
N ASP A 279 4.22 -22.96 -33.82
CA ASP A 279 3.84 -22.98 -35.22
C ASP A 279 3.07 -21.71 -35.59
N VAL A 280 2.29 -21.21 -34.64
CA VAL A 280 1.49 -20.01 -34.84
C VAL A 280 1.33 -19.25 -33.54
N ILE A 281 1.31 -17.93 -33.62
CA ILE A 281 1.14 -17.08 -32.44
C ILE A 281 -0.34 -16.88 -32.12
N SER A 282 -0.67 -16.98 -30.83
CA SER A 282 -2.02 -16.74 -30.36
C SER A 282 -1.99 -15.98 -29.04
N TRP A 283 -2.98 -15.12 -28.81
CA TRP A 283 -2.99 -14.35 -27.57
C TRP A 283 -4.39 -13.92 -27.12
N ASP A 284 -4.49 -13.55 -25.85
CA ASP A 284 -5.76 -13.20 -25.24
C ASP A 284 -5.87 -11.72 -24.96
N ALA A 285 -6.87 -11.07 -25.54
CA ALA A 285 -7.03 -9.63 -25.43
C ALA A 285 -8.21 -9.25 -24.55
N TYR A 286 -7.96 -8.43 -23.55
CA TYR A 286 -9.04 -7.91 -22.70
C TYR A 286 -8.88 -6.43 -22.43
N PRO A 287 -9.10 -5.59 -23.46
CA PRO A 287 -9.03 -4.14 -23.27
C PRO A 287 -10.19 -3.64 -22.44
N ALA A 288 -9.94 -2.72 -21.51
CA ALA A 288 -10.99 -2.16 -20.68
C ALA A 288 -11.78 -1.11 -21.44
N TRP A 289 -12.59 -1.56 -22.40
CA TRP A 289 -13.38 -0.66 -23.22
C TRP A 289 -14.30 0.20 -22.37
N HIS A 290 -14.51 1.44 -22.81
CA HIS A 290 -15.41 2.40 -22.14
C HIS A 290 -14.94 2.77 -20.74
N ASN A 291 -13.63 2.76 -20.51
CA ASN A 291 -13.09 3.26 -19.24
C ASN A 291 -13.12 4.78 -19.23
N ASP A 292 -12.81 5.38 -18.09
CA ASP A 292 -12.94 6.83 -17.95
C ASP A 292 -11.60 7.54 -17.80
N TRP A 293 -10.54 6.99 -18.39
CA TRP A 293 -9.24 7.64 -18.33
C TRP A 293 -8.61 7.83 -19.71
N GLU A 294 -9.29 7.34 -20.75
CA GLU A 294 -8.83 7.51 -22.12
C GLU A 294 -9.97 7.38 -23.11
N SER A 295 -9.77 7.90 -24.32
CA SER A 295 -10.76 7.78 -25.38
C SER A 295 -10.73 6.38 -25.99
N THR A 296 -11.82 6.01 -26.63
CA THR A 296 -11.92 4.70 -27.28
C THR A 296 -10.86 4.56 -28.36
N ALA A 297 -10.55 5.66 -29.04
CA ALA A 297 -9.53 5.67 -30.09
C ALA A 297 -8.14 5.38 -29.52
N ASP A 298 -7.85 5.94 -28.36
CA ASP A 298 -6.56 5.72 -27.71
C ASP A 298 -6.36 4.26 -27.31
N LEU A 299 -7.43 3.66 -26.78
CA LEU A 299 -7.37 2.25 -26.38
C LEU A 299 -7.24 1.35 -27.59
N ALA A 300 -7.98 1.68 -28.65
CA ALA A 300 -7.93 0.91 -29.89
C ALA A 300 -6.52 0.95 -30.48
N MET A 301 -5.87 2.11 -30.35
CA MET A 301 -4.51 2.28 -30.82
C MET A 301 -3.56 1.34 -30.08
N LYS A 302 -3.76 1.22 -28.76
CA LYS A 302 -2.96 0.34 -27.93
C LYS A 302 -3.16 -1.12 -28.34
N VAL A 303 -4.41 -1.47 -28.65
CA VAL A 303 -4.74 -2.81 -29.13
C VAL A 303 -4.02 -3.09 -30.44
N GLY A 304 -4.03 -2.09 -31.34
CA GLY A 304 -3.37 -2.21 -32.62
C GLY A 304 -1.88 -2.42 -32.48
N PHE A 305 -1.28 -1.75 -31.52
CA PHE A 305 0.16 -1.88 -31.25
C PHE A 305 0.52 -3.31 -30.87
N ILE A 306 -0.20 -3.86 -29.89
CA ILE A 306 0.05 -5.22 -29.43
C ILE A 306 -0.19 -6.23 -30.54
N ASN A 307 -1.25 -6.01 -31.32
CA ASN A 307 -1.54 -6.87 -32.47
C ASN A 307 -0.40 -6.87 -33.48
N ASP A 308 0.13 -5.68 -33.77
CA ASP A 308 1.23 -5.54 -34.72
C ASP A 308 2.49 -6.21 -34.19
N LEU A 309 2.63 -6.25 -32.86
CA LEU A 309 3.78 -6.89 -32.23
C LEU A 309 3.71 -8.40 -32.35
N TYR A 310 2.60 -8.99 -31.91
CA TYR A 310 2.47 -10.44 -31.87
C TYR A 310 2.37 -11.06 -33.27
N ARG A 311 1.83 -10.29 -34.22
CA ARG A 311 1.77 -10.76 -35.61
C ARG A 311 3.15 -10.85 -36.23
N SER A 312 3.98 -9.84 -35.96
CA SER A 312 5.29 -9.73 -36.58
C SER A 312 6.29 -10.75 -36.05
N LEU A 313 5.88 -11.52 -35.05
CA LEU A 313 6.76 -12.51 -34.43
C LEU A 313 7.06 -13.68 -35.36
N LYS A 314 6.15 -13.97 -36.29
CA LYS A 314 6.33 -15.10 -37.19
C LYS A 314 5.97 -14.79 -38.64
N GLN A 315 5.59 -13.53 -38.90
CA GLN A 315 5.26 -13.06 -40.24
C GLN A 315 4.27 -13.98 -40.96
N GLN A 316 3.08 -14.07 -40.37
CA GLN A 316 1.97 -14.83 -40.90
C GLN A 316 0.79 -14.43 -40.02
N PRO A 317 -0.45 -14.79 -40.42
CA PRO A 317 -1.56 -14.42 -39.53
C PRO A 317 -1.43 -15.02 -38.13
N PHE A 318 -1.94 -14.31 -37.12
CA PHE A 318 -1.99 -14.84 -35.77
C PHE A 318 -3.42 -15.25 -35.45
N LEU A 319 -3.65 -15.74 -34.23
CA LEU A 319 -4.97 -16.18 -33.83
C LEU A 319 -5.39 -15.58 -32.50
N LEU A 320 -6.43 -14.77 -32.49
CA LEU A 320 -7.02 -14.33 -31.24
C LEU A 320 -7.59 -15.55 -30.54
N MET A 321 -6.91 -16.00 -29.48
CA MET A 321 -7.30 -17.21 -28.78
C MET A 321 -8.42 -16.93 -27.78
N ALA A 322 -8.45 -15.72 -27.26
CA ALA A 322 -9.49 -15.34 -26.30
C ALA A 322 -9.74 -13.85 -26.24
N CYS A 323 -11.02 -13.50 -26.14
CA CYS A 323 -11.47 -12.15 -25.83
C CYS A 323 -12.85 -12.30 -25.22
N THR A 324 -13.36 -11.26 -24.58
CA THR A 324 -14.70 -11.34 -24.03
C THR A 324 -15.72 -10.69 -24.97
N PRO A 325 -16.85 -11.35 -25.17
CA PRO A 325 -17.94 -10.80 -26.00
C PRO A 325 -18.73 -9.73 -25.26
N SER A 326 -18.37 -9.48 -24.00
CA SER A 326 -19.07 -8.50 -23.18
C SER A 326 -18.15 -7.87 -22.13
N LEU A 327 -17.80 -8.65 -21.11
CA LEU A 327 -17.01 -8.13 -20.00
C LEU A 327 -16.19 -9.23 -19.32
N VAL A 328 -15.28 -8.81 -18.45
CA VAL A 328 -14.49 -9.75 -17.65
C VAL A 328 -14.92 -9.68 -16.19
N ASN A 329 -14.22 -10.42 -15.33
CA ASN A 329 -14.59 -10.50 -13.92
C ASN A 329 -13.54 -9.91 -13.00
N TRP A 330 -12.32 -9.75 -13.50
CA TRP A 330 -11.17 -9.48 -12.64
C TRP A 330 -10.65 -8.04 -12.70
N HIS A 331 -11.34 -7.17 -13.43
CA HIS A 331 -10.96 -5.76 -13.48
C HIS A 331 -11.51 -5.01 -12.27
N LYS A 332 -10.91 -3.86 -11.95
CA LYS A 332 -11.38 -3.01 -10.87
C LYS A 332 -12.82 -2.60 -11.13
N VAL A 333 -13.13 -2.34 -12.39
CA VAL A 333 -14.49 -2.02 -12.81
C VAL A 333 -14.84 -2.86 -14.03
N ASN A 334 -15.72 -3.84 -13.83
CA ASN A 334 -16.09 -4.76 -14.90
C ASN A 334 -17.29 -4.26 -15.71
N LYS A 335 -17.00 -3.36 -16.65
CA LYS A 335 -18.03 -2.76 -17.49
C LYS A 335 -18.14 -3.52 -18.81
N ALA A 336 -19.38 -3.77 -19.23
CA ALA A 336 -19.61 -4.56 -20.44
C ALA A 336 -19.49 -3.71 -21.70
N LYS A 337 -19.13 -4.35 -22.81
CA LYS A 337 -19.05 -3.69 -24.10
C LYS A 337 -20.41 -3.09 -24.48
N ARG A 338 -20.38 -1.89 -25.03
CA ARG A 338 -21.59 -1.25 -25.52
C ARG A 338 -22.02 -1.89 -26.83
N PRO A 339 -23.29 -1.70 -27.23
CA PRO A 339 -23.75 -2.20 -28.53
C PRO A 339 -22.87 -1.70 -29.67
N GLY A 340 -22.44 -2.62 -30.53
CA GLY A 340 -21.60 -2.27 -31.66
C GLY A 340 -20.11 -2.45 -31.39
N MET A 341 -19.72 -2.27 -30.13
CA MET A 341 -18.31 -2.31 -29.75
C MET A 341 -17.67 -3.68 -29.99
N HIS A 342 -18.41 -4.75 -29.70
CA HIS A 342 -17.86 -6.10 -29.88
C HIS A 342 -17.59 -6.40 -31.35
N PHE A 343 -18.51 -6.01 -32.21
CA PHE A 343 -18.34 -6.17 -33.64
C PHE A 343 -17.14 -5.36 -34.11
N LEU A 344 -17.05 -4.14 -33.59
CA LEU A 344 -15.96 -3.22 -33.92
C LEU A 344 -14.59 -3.79 -33.55
N SER A 345 -14.46 -4.26 -32.31
CA SER A 345 -13.18 -4.79 -31.84
C SER A 345 -12.82 -6.09 -32.54
N SER A 346 -13.83 -6.89 -32.87
CA SER A 346 -13.61 -8.14 -33.59
C SER A 346 -13.06 -7.87 -34.98
N MET A 347 -13.63 -6.87 -35.65
CA MET A 347 -13.17 -6.49 -36.97
C MET A 347 -11.73 -5.94 -36.92
N GLN A 348 -11.42 -5.22 -35.85
CA GLN A 348 -10.08 -4.65 -35.68
C GLN A 348 -9.05 -5.76 -35.55
N MET A 349 -9.44 -6.84 -34.88
CA MET A 349 -8.56 -8.00 -34.74
C MET A 349 -8.24 -8.61 -36.09
N ILE A 350 -9.28 -8.75 -36.92
CA ILE A 350 -9.11 -9.30 -38.26
C ILE A 350 -8.24 -8.36 -39.10
N ALA A 351 -8.47 -7.06 -38.97
CA ALA A 351 -7.76 -6.06 -39.75
C ALA A 351 -6.25 -6.06 -39.50
N HIS A 352 -5.85 -6.43 -38.28
CA HIS A 352 -4.45 -6.38 -37.90
C HIS A 352 -3.74 -7.72 -38.05
N GLY A 353 -4.42 -8.71 -38.63
CA GLY A 353 -3.78 -9.94 -39.01
C GLY A 353 -4.33 -11.23 -38.44
N SER A 354 -5.36 -11.15 -37.61
CA SER A 354 -5.93 -12.34 -37.00
C SER A 354 -6.82 -13.11 -37.97
N ASP A 355 -6.69 -14.43 -37.96
CA ASP A 355 -7.56 -15.30 -38.75
C ASP A 355 -8.58 -16.01 -37.88
N SER A 356 -8.92 -15.41 -36.74
CA SER A 356 -9.88 -16.01 -35.83
C SER A 356 -10.46 -15.00 -34.84
N ILE A 357 -11.71 -15.26 -34.44
CA ILE A 357 -12.32 -14.56 -33.32
C ILE A 357 -12.78 -15.61 -32.31
N LEU A 358 -11.98 -15.79 -31.26
CA LEU A 358 -12.29 -16.79 -30.25
C LEU A 358 -12.57 -16.15 -28.89
N TYR A 359 -13.52 -16.72 -28.17
CA TYR A 359 -13.97 -16.13 -26.90
C TYR A 359 -13.58 -16.95 -25.68
N PHE A 360 -13.40 -16.25 -24.57
CA PHE A 360 -13.60 -16.87 -23.28
C PHE A 360 -14.81 -16.22 -22.63
N GLN A 361 -15.87 -17.00 -22.42
CA GLN A 361 -15.91 -18.39 -22.88
C GLN A 361 -17.20 -18.61 -23.65
N TRP A 362 -17.52 -19.87 -23.93
CA TRP A 362 -18.76 -20.16 -24.63
C TRP A 362 -19.97 -19.95 -23.71
N ARG A 363 -19.97 -20.66 -22.59
CA ARG A 363 -21.06 -20.57 -21.63
C ARG A 363 -20.52 -20.24 -20.24
N LYS A 364 -21.17 -19.29 -19.57
CA LYS A 364 -20.75 -18.86 -18.24
C LYS A 364 -20.70 -19.99 -17.23
N SER A 365 -19.67 -19.98 -16.38
CA SER A 365 -19.61 -20.90 -15.26
C SER A 365 -20.69 -20.52 -14.25
N ARG A 366 -21.26 -21.51 -13.58
CA ARG A 366 -22.32 -21.26 -12.62
C ARG A 366 -21.74 -20.83 -11.28
N GLY A 367 -20.50 -21.21 -11.02
CA GLY A 367 -19.85 -20.88 -9.76
C GLY A 367 -18.37 -20.60 -9.88
N SER A 368 -17.74 -20.41 -8.72
CA SER A 368 -16.30 -20.15 -8.60
C SER A 368 -15.85 -18.85 -9.27
N PHE A 369 -14.54 -18.66 -9.33
CA PHE A 369 -13.91 -17.36 -9.56
C PHE A 369 -14.41 -16.56 -10.78
N GLU A 370 -14.72 -17.24 -11.87
CA GLU A 370 -15.08 -16.54 -13.11
C GLU A 370 -16.53 -16.78 -13.53
N LYS A 371 -17.43 -16.85 -12.56
CA LYS A 371 -18.83 -17.10 -12.86
C LYS A 371 -19.52 -15.86 -13.43
N PHE A 372 -18.91 -14.70 -13.23
CA PHE A 372 -19.45 -13.45 -13.76
C PHE A 372 -18.62 -12.93 -14.92
N HIS A 373 -17.74 -13.78 -15.44
CA HIS A 373 -16.99 -13.45 -16.64
C HIS A 373 -17.92 -13.54 -17.84
N GLY A 374 -17.65 -12.72 -18.85
CA GLY A 374 -18.48 -12.69 -20.04
C GLY A 374 -18.42 -13.98 -20.85
N ALA A 375 -19.53 -14.31 -21.50
CA ALA A 375 -19.60 -15.49 -22.36
C ALA A 375 -20.71 -15.31 -23.38
N VAL A 376 -20.72 -16.18 -24.38
CA VAL A 376 -21.75 -16.13 -25.42
C VAL A 376 -23.12 -16.41 -24.83
N VAL A 377 -23.20 -17.44 -23.98
CA VAL A 377 -24.44 -17.81 -23.33
C VAL A 377 -24.40 -17.44 -21.84
N ASP A 378 -25.34 -16.58 -21.43
CA ASP A 378 -25.42 -16.15 -20.04
C ASP A 378 -26.06 -17.24 -19.18
N HIS A 379 -26.24 -16.95 -17.89
CA HIS A 379 -26.85 -17.90 -16.97
C HIS A 379 -28.31 -18.16 -17.32
N ASP A 380 -28.92 -17.23 -18.07
CA ASP A 380 -30.33 -17.33 -18.42
C ASP A 380 -30.57 -18.24 -19.63
N ASN A 381 -29.49 -18.66 -20.27
CA ASN A 381 -29.55 -19.56 -21.43
C ASN A 381 -30.39 -18.96 -22.57
N ARG A 382 -30.36 -17.64 -22.69
CA ARG A 382 -31.19 -16.96 -23.68
C ARG A 382 -30.45 -16.60 -24.97
N THR A 383 -31.20 -16.51 -26.05
CA THR A 383 -30.66 -16.04 -27.33
C THR A 383 -31.10 -14.60 -27.58
N ASP A 384 -32.04 -14.14 -26.76
CA ASP A 384 -32.54 -12.76 -26.84
C ASP A 384 -31.48 -11.78 -26.35
N SER A 385 -30.48 -12.30 -25.65
CA SER A 385 -29.39 -11.50 -25.11
C SER A 385 -28.70 -10.68 -26.19
N ARG A 386 -28.41 -9.41 -25.89
CA ARG A 386 -27.73 -8.54 -26.84
C ARG A 386 -26.30 -9.01 -27.06
N VAL A 387 -25.77 -9.75 -26.08
CA VAL A 387 -24.44 -10.33 -26.19
C VAL A 387 -24.44 -11.45 -27.23
N PHE A 388 -25.40 -12.35 -27.12
CA PHE A 388 -25.53 -13.48 -28.04
C PHE A 388 -25.79 -13.00 -29.47
N GLN A 389 -26.68 -12.02 -29.61
CA GLN A 389 -27.06 -11.54 -30.93
CA GLN A 389 -27.08 -11.49 -30.90
C GLN A 389 -25.91 -10.83 -31.63
N GLU A 390 -25.11 -10.08 -30.89
CA GLU A 390 -23.98 -9.38 -31.50
C GLU A 390 -22.86 -10.37 -31.83
N VAL A 391 -22.75 -11.43 -31.03
CA VAL A 391 -21.83 -12.52 -31.35
C VAL A 391 -22.26 -13.15 -32.67
N ALA A 392 -23.56 -13.35 -32.84
CA ALA A 392 -24.12 -13.91 -34.06
C ALA A 392 -23.88 -12.98 -35.25
N GLU A 393 -23.96 -11.67 -35.00
CA GLU A 393 -23.70 -10.68 -36.05
C GLU A 393 -22.25 -10.80 -36.53
N VAL A 394 -21.34 -10.98 -35.58
CA VAL A 394 -19.93 -11.16 -35.90
C VAL A 394 -19.74 -12.42 -36.73
N GLY A 395 -20.30 -13.53 -36.27
CA GLY A 395 -20.21 -14.80 -36.96
C GLY A 395 -20.78 -14.76 -38.35
N LYS A 396 -21.89 -14.03 -38.50
CA LYS A 396 -22.53 -13.86 -39.80
C LYS A 396 -21.61 -13.12 -40.77
N ALA A 397 -20.94 -12.09 -40.26
CA ALA A 397 -20.01 -11.30 -41.06
C ALA A 397 -18.76 -12.09 -41.41
N LEU A 398 -18.28 -12.89 -40.45
CA LEU A 398 -17.05 -13.65 -40.63
C LEU A 398 -17.14 -14.68 -41.76
N LYS A 399 -18.31 -15.28 -41.91
CA LYS A 399 -18.52 -16.30 -42.93
C LYS A 399 -18.38 -15.74 -44.35
N LYS A 400 -18.50 -14.42 -44.47
CA LYS A 400 -18.38 -13.76 -45.76
C LYS A 400 -16.96 -13.27 -46.01
N MET A 401 -16.05 -13.61 -45.11
CA MET A 401 -14.69 -13.06 -45.14
C MET A 401 -13.61 -14.13 -45.27
N SER A 402 -13.94 -15.25 -45.89
CA SER A 402 -13.00 -16.36 -46.00
C SER A 402 -11.82 -16.04 -46.91
N GLY A 403 -11.99 -15.05 -47.79
CA GLY A 403 -10.92 -14.64 -48.69
C GLY A 403 -9.77 -13.99 -47.97
N ILE A 404 -10.04 -13.44 -46.79
CA ILE A 404 -9.03 -12.76 -46.00
C ILE A 404 -8.11 -13.76 -45.29
N VAL A 405 -8.62 -14.98 -45.10
CA VAL A 405 -7.86 -16.04 -44.44
C VAL A 405 -6.51 -16.29 -45.12
N GLY A 406 -5.43 -16.19 -44.35
CA GLY A 406 -4.10 -16.47 -44.84
C GLY A 406 -3.37 -15.26 -45.39
N THR A 407 -4.10 -14.16 -45.58
CA THR A 407 -3.52 -12.96 -46.16
C THR A 407 -2.61 -12.22 -45.16
N ASN A 408 -1.58 -11.58 -45.70
CA ASN A 408 -0.63 -10.84 -44.87
C ASN A 408 -0.76 -9.33 -45.08
N ARG A 409 0.17 -8.59 -44.50
CA ARG A 409 0.16 -7.13 -44.59
C ARG A 409 1.55 -6.54 -44.35
N PRO A 410 2.39 -6.55 -45.39
CA PRO A 410 3.76 -6.04 -45.30
C PRO A 410 3.81 -4.56 -44.93
N ALA A 411 4.79 -4.17 -44.12
CA ALA A 411 4.93 -2.78 -43.71
C ALA A 411 6.29 -2.22 -44.10
N GLU A 412 6.35 -0.90 -44.29
CA GLU A 412 7.60 -0.22 -44.60
C GLU A 412 8.19 0.40 -43.35
N VAL A 413 7.38 0.45 -42.29
CA VAL A 413 7.79 1.05 -41.03
C VAL A 413 7.85 0.01 -39.92
N ALA A 414 8.93 0.04 -39.14
CA ALA A 414 9.09 -0.90 -38.04
C ALA A 414 9.47 -0.20 -36.74
N ILE A 415 8.89 -0.67 -35.64
CA ILE A 415 9.26 -0.19 -34.31
C ILE A 415 9.92 -1.33 -33.53
N LEU A 416 11.13 -1.10 -33.06
CA LEU A 416 11.89 -2.15 -32.38
C LEU A 416 11.57 -2.24 -30.90
N TYR A 417 11.17 -3.43 -30.46
CA TYR A 417 10.90 -3.70 -29.06
C TYR A 417 11.78 -4.83 -28.56
N ASP A 418 12.20 -4.75 -27.30
CA ASP A 418 13.08 -5.76 -26.72
C ASP A 418 12.68 -6.06 -25.28
N TRP A 419 12.29 -7.31 -25.03
CA TRP A 419 11.83 -7.71 -23.69
C TRP A 419 12.94 -7.61 -22.65
N GLU A 420 14.15 -8.06 -23.01
CA GLU A 420 15.27 -7.99 -22.09
C GLU A 420 15.63 -6.54 -21.77
N ASN A 421 15.45 -5.67 -22.74
CA ASN A 421 15.63 -4.23 -22.53
C ASN A 421 14.59 -3.71 -21.55
N ASN A 422 13.36 -4.18 -21.70
CA ASN A 422 12.28 -3.82 -20.79
C ASN A 422 12.59 -4.26 -19.36
N TRP A 423 13.14 -5.47 -19.23
CA TRP A 423 13.52 -6.02 -17.94
C TRP A 423 14.63 -5.20 -17.26
N ALA A 424 15.74 -5.03 -17.98
CA ALA A 424 16.91 -4.34 -17.43
C ALA A 424 16.60 -2.89 -17.09
N LEU A 425 15.84 -2.23 -17.95
CA LEU A 425 15.48 -0.83 -17.74
C LEU A 425 14.60 -0.67 -16.50
N ASN A 426 13.66 -1.58 -16.31
CA ASN A 426 12.76 -1.53 -15.17
C ASN A 426 13.46 -1.80 -13.85
N ASP A 427 14.48 -2.65 -13.89
CA ASP A 427 15.20 -3.04 -12.68
C ASP A 427 16.29 -2.04 -12.31
N ALA A 428 16.62 -1.15 -13.24
CA ALA A 428 17.73 -0.21 -13.06
C ALA A 428 17.44 0.84 -11.99
N GLN A 429 18.44 1.10 -11.16
CA GLN A 429 18.36 2.18 -10.18
C GLN A 429 18.87 3.48 -10.80
N GLY A 430 17.93 4.33 -11.20
CA GLY A 430 18.27 5.58 -11.86
C GLY A 430 17.04 6.13 -12.55
N PHE A 431 17.19 7.29 -13.17
CA PHE A 431 16.09 7.97 -13.84
C PHE A 431 14.92 8.17 -12.86
N ALA A 432 13.70 7.92 -13.34
CA ALA A 432 12.54 7.97 -12.46
C ALA A 432 11.66 6.73 -12.69
N ALA A 433 11.37 6.02 -11.60
CA ALA A 433 10.68 4.74 -11.66
C ALA A 433 9.32 4.84 -12.34
N GLU A 434 8.58 5.91 -12.05
CA GLU A 434 7.22 6.03 -12.55
C GLU A 434 7.13 6.61 -13.96
N THR A 435 8.23 7.15 -14.47
CA THR A 435 8.20 7.80 -15.78
C THR A 435 9.00 7.08 -16.85
N LYS A 436 9.61 5.94 -16.50
CA LYS A 436 10.35 5.14 -17.47
C LYS A 436 9.45 4.79 -18.64
N ARG A 437 8.38 4.06 -18.35
CA ARG A 437 7.28 3.80 -19.29
C ARG A 437 7.76 3.48 -20.70
N TYR A 438 8.51 2.39 -20.82
CA TYR A 438 9.16 2.01 -22.06
C TYR A 438 8.19 1.55 -23.16
N PRO A 439 7.28 0.61 -22.86
CA PRO A 439 6.36 0.24 -23.96
C PRO A 439 5.35 1.34 -24.28
N GLN A 440 4.96 2.13 -23.28
CA GLN A 440 4.05 3.26 -23.51
C GLN A 440 4.70 4.27 -24.44
N THR A 441 6.01 4.45 -24.29
CA THR A 441 6.76 5.37 -25.13
C THR A 441 6.77 4.92 -26.59
N LEU A 442 6.92 3.62 -26.79
CA LEU A 442 6.88 3.04 -28.12
C LEU A 442 5.52 3.29 -28.79
N VAL A 443 4.47 3.25 -27.98
CA VAL A 443 3.12 3.51 -28.46
C VAL A 443 3.00 4.96 -28.94
N GLN A 444 3.71 5.86 -28.25
CA GLN A 444 3.68 7.27 -28.60
C GLN A 444 4.33 7.52 -29.96
N HIS A 445 5.31 6.69 -30.31
CA HIS A 445 5.95 6.78 -31.62
C HIS A 445 5.14 6.02 -32.66
N TYR A 446 4.22 5.19 -32.16
CA TYR A 446 3.32 4.41 -33.01
C TYR A 446 2.13 5.25 -33.43
N ARG A 447 1.78 6.22 -32.59
CA ARG A 447 0.58 7.05 -32.77
C ARG A 447 0.48 7.77 -34.13
N PRO A 448 1.54 8.47 -34.58
CA PRO A 448 1.37 9.22 -35.83
C PRO A 448 1.09 8.34 -37.03
N PHE A 449 1.59 7.10 -37.01
CA PHE A 449 1.39 6.17 -38.12
C PHE A 449 0.01 5.52 -38.05
N TRP A 450 -0.48 5.33 -36.84
CA TRP A 450 -1.83 4.78 -36.65
C TRP A 450 -2.88 5.80 -37.05
N GLU A 451 -2.58 7.07 -36.79
CA GLU A 451 -3.47 8.17 -37.16
C GLU A 451 -3.47 8.40 -38.66
N ARG A 452 -2.40 7.95 -39.32
CA ARG A 452 -2.26 8.11 -40.76
C ARG A 452 -2.50 6.80 -41.51
N ASP A 453 -2.99 5.80 -40.79
CA ASP A 453 -3.33 4.50 -41.37
C ASP A 453 -2.16 3.83 -42.06
N ILE A 454 -0.94 4.14 -41.61
CA ILE A 454 0.26 3.57 -42.19
C ILE A 454 0.66 2.28 -41.46
N PRO A 455 0.71 1.16 -42.20
CA PRO A 455 1.04 -0.15 -41.65
C PRO A 455 2.37 -0.17 -40.90
N VAL A 456 2.37 -0.69 -39.69
CA VAL A 456 3.58 -0.77 -38.88
C VAL A 456 3.79 -2.18 -38.34
N ASP A 457 5.02 -2.68 -38.46
CA ASP A 457 5.41 -3.90 -37.79
C ASP A 457 6.14 -3.55 -36.49
N VAL A 458 5.74 -4.17 -35.39
CA VAL A 458 6.48 -4.00 -34.14
C VAL A 458 7.36 -5.24 -33.97
N ILE A 459 8.65 -5.07 -34.25
CA ILE A 459 9.55 -6.21 -34.35
C ILE A 459 10.51 -6.33 -33.17
N THR A 460 11.18 -7.47 -33.09
CA THR A 460 12.22 -7.70 -32.10
C THR A 460 13.56 -7.84 -32.83
N LYS A 461 14.64 -7.98 -32.08
CA LYS A 461 15.97 -7.96 -32.70
C LYS A 461 16.27 -9.22 -33.52
N GLU A 462 15.47 -10.27 -33.34
CA GLU A 462 15.61 -11.47 -34.14
C GLU A 462 15.10 -11.23 -35.56
N HIS A 463 14.20 -10.26 -35.69
CA HIS A 463 13.59 -9.91 -36.97
C HIS A 463 14.60 -9.26 -37.91
N ASP A 464 14.42 -9.45 -39.22
CA ASP A 464 15.27 -8.81 -40.21
C ASP A 464 14.94 -7.33 -40.31
N PHE A 465 15.96 -6.50 -40.51
CA PHE A 465 15.78 -5.05 -40.57
C PHE A 465 15.74 -4.52 -42.01
N SER A 466 16.36 -5.26 -42.93
CA SER A 466 16.62 -4.76 -44.28
C SER A 466 15.38 -4.38 -45.08
N ARG A 467 14.28 -5.08 -44.87
CA ARG A 467 13.09 -4.87 -45.69
C ARG A 467 12.36 -3.56 -45.38
N TYR A 468 12.74 -2.91 -44.28
CA TYR A 468 12.05 -1.70 -43.85
C TYR A 468 12.74 -0.42 -44.31
N LYS A 469 11.95 0.59 -44.61
CA LYS A 469 12.46 1.92 -44.94
C LYS A 469 12.87 2.66 -43.67
N LEU A 470 12.01 2.55 -42.66
CA LEU A 470 12.17 3.29 -41.42
C LEU A 470 12.06 2.38 -40.22
N LEU A 471 13.07 2.40 -39.35
CA LEU A 471 13.03 1.65 -38.11
C LEU A 471 13.15 2.62 -36.94
N ILE A 472 12.20 2.52 -36.02
CA ILE A 472 12.16 3.37 -34.84
C ILE A 472 12.55 2.56 -33.61
N ALA A 473 13.62 2.99 -32.92
CA ALA A 473 14.10 2.27 -31.74
C ALA A 473 14.21 3.20 -30.54
N PRO A 474 13.08 3.47 -29.87
CA PRO A 474 13.06 4.35 -28.71
C PRO A 474 13.59 3.67 -27.45
N MET A 475 14.38 4.41 -26.67
CA MET A 475 14.86 3.95 -25.37
C MET A 475 15.48 2.56 -25.39
N LEU A 476 16.38 2.33 -26.35
CA LEU A 476 17.08 1.04 -26.42
C LEU A 476 18.22 1.01 -25.39
N TYR A 477 17.85 1.18 -24.13
CA TYR A 477 18.77 1.21 -23.00
C TYR A 477 19.78 0.07 -23.04
N LEU A 478 19.29 -1.15 -23.14
CA LEU A 478 20.16 -2.31 -23.27
C LEU A 478 20.30 -2.71 -24.73
N VAL A 479 21.53 -2.79 -25.22
CA VAL A 479 21.78 -3.21 -26.59
C VAL A 479 23.16 -3.88 -26.68
N SER A 480 23.24 -4.95 -27.46
CA SER A 480 24.47 -5.69 -27.61
C SER A 480 25.30 -5.17 -28.78
N GLU A 481 26.57 -5.57 -28.82
CA GLU A 481 27.47 -5.21 -29.92
C GLU A 481 26.93 -5.69 -31.26
N GLU A 482 26.38 -6.90 -31.26
CA GLU A 482 25.87 -7.48 -32.49
CA GLU A 482 25.83 -7.51 -32.46
C GLU A 482 24.65 -6.72 -33.01
N THR A 483 23.80 -6.25 -32.11
CA THR A 483 22.62 -5.48 -32.51
C THR A 483 23.03 -4.12 -33.06
N ILE A 484 23.99 -3.49 -32.38
CA ILE A 484 24.53 -2.20 -32.83
C ILE A 484 25.12 -2.32 -34.24
N ALA A 485 25.85 -3.40 -34.48
CA ALA A 485 26.43 -3.68 -35.78
C ALA A 485 25.35 -3.81 -36.86
N ARG A 486 24.26 -4.47 -36.50
CA ARG A 486 23.16 -4.68 -37.43
C ARG A 486 22.43 -3.37 -37.75
N LEU A 487 22.31 -2.51 -36.75
CA LEU A 487 21.71 -1.20 -36.95
C LEU A 487 22.61 -0.32 -37.80
N LYS A 488 23.92 -0.50 -37.61
CA LYS A 488 24.92 0.23 -38.38
C LYS A 488 24.82 -0.12 -39.86
N GLU A 489 24.78 -1.42 -40.16
CA GLU A 489 24.65 -1.89 -41.51
C GLU A 489 23.31 -1.48 -42.13
N PHE A 490 22.27 -1.48 -41.30
CA PHE A 490 20.93 -1.11 -41.74
C PHE A 490 20.90 0.32 -42.26
N VAL A 491 21.49 1.24 -41.51
CA VAL A 491 21.54 2.64 -41.90
C VAL A 491 22.44 2.82 -43.13
N ALA A 492 23.60 2.17 -43.10
CA ALA A 492 24.57 2.30 -44.18
C ALA A 492 24.01 1.89 -45.54
N ASN A 493 23.17 0.86 -45.54
CA ASN A 493 22.59 0.35 -46.77
C ASN A 493 21.41 1.18 -47.27
N GLY A 494 21.03 2.20 -46.52
CA GLY A 494 19.99 3.12 -46.95
C GLY A 494 18.82 3.25 -46.00
N GLY A 495 18.87 2.55 -44.87
CA GLY A 495 17.80 2.60 -43.90
C GLY A 495 17.75 3.91 -43.14
N THR A 496 16.56 4.27 -42.69
CA THR A 496 16.39 5.45 -41.83
C THR A 496 16.11 5.02 -40.40
N LEU A 497 17.02 5.34 -39.50
CA LEU A 497 16.90 4.92 -38.11
C LEU A 497 16.57 6.08 -37.18
N VAL A 498 15.67 5.83 -36.24
CA VAL A 498 15.31 6.83 -35.23
C VAL A 498 15.50 6.26 -33.83
N MET A 499 16.29 6.95 -33.01
CA MET A 499 16.48 6.54 -31.62
C MET A 499 16.27 7.74 -30.70
N THR A 500 16.18 7.47 -29.41
CA THR A 500 15.86 8.51 -28.44
C THR A 500 16.78 8.53 -27.23
N TYR A 501 16.44 9.40 -26.29
CA TYR A 501 17.02 9.42 -24.95
C TYR A 501 17.05 8.03 -24.34
N ILE A 502 18.06 7.77 -23.51
CA ILE A 502 18.19 6.51 -22.78
C ILE A 502 18.14 5.30 -23.71
N SER A 503 18.94 5.35 -24.77
CA SER A 503 19.19 4.17 -25.59
C SER A 503 20.62 3.71 -25.29
N GLY A 504 21.12 2.72 -26.01
CA GLY A 504 22.48 2.23 -25.86
C GLY A 504 23.37 2.60 -24.68
N ILE A 505 22.84 2.50 -23.46
CA ILE A 505 23.61 2.79 -22.24
C ILE A 505 24.40 1.57 -21.78
N VAL A 506 23.87 0.39 -22.09
CA VAL A 506 24.20 -0.83 -21.38
C VAL A 506 24.25 -2.04 -22.34
N ASP A 507 25.11 -3.00 -22.06
CA ASP A 507 25.18 -4.21 -22.90
C ASP A 507 24.24 -5.29 -22.34
N GLU A 508 24.28 -6.47 -22.93
CA GLU A 508 23.30 -7.51 -22.59
C GLU A 508 23.47 -8.07 -21.17
N HIS A 509 24.51 -7.64 -20.46
CA HIS A 509 24.71 -8.05 -19.07
C HIS A 509 24.33 -6.94 -18.11
N ASP A 510 23.64 -5.92 -18.63
CA ASP A 510 23.35 -4.68 -17.91
C ASP A 510 24.64 -4.03 -17.43
N LEU A 511 25.72 -4.28 -18.17
CA LEU A 511 27.01 -3.65 -17.90
C LEU A 511 27.14 -2.37 -18.71
N ALA A 512 27.45 -1.27 -18.05
CA ALA A 512 27.54 0.03 -18.71
C ALA A 512 28.70 0.08 -19.69
N TYR A 513 28.45 0.60 -20.89
CA TYR A 513 29.51 0.85 -21.85
C TYR A 513 30.43 1.95 -21.33
N LEU A 514 31.74 1.75 -21.45
CA LEU A 514 32.72 2.69 -20.91
C LEU A 514 33.35 3.56 -21.99
N GLY A 515 33.83 4.73 -21.59
CA GLY A 515 34.58 5.61 -22.49
C GLY A 515 33.73 6.43 -23.42
N GLY A 516 32.56 6.83 -22.96
CA GLY A 516 31.64 7.55 -23.81
C GLY A 516 30.84 6.55 -24.60
N TRP A 517 30.06 7.03 -25.56
CA TRP A 517 29.17 6.15 -26.28
C TRP A 517 29.85 5.38 -27.40
N HIS A 518 29.26 4.24 -27.74
CA HIS A 518 29.80 3.32 -28.73
C HIS A 518 30.14 4.04 -30.03
N GLN A 519 31.35 3.80 -30.53
CA GLN A 519 31.86 4.50 -31.70
C GLN A 519 30.94 4.36 -32.91
N ASP A 520 30.35 3.17 -33.08
CA ASP A 520 29.43 2.92 -34.17
C ASP A 520 28.23 3.86 -34.11
N LEU A 521 27.62 3.94 -32.93
CA LEU A 521 26.46 4.82 -32.72
C LEU A 521 26.85 6.29 -32.92
N ARG A 522 28.06 6.64 -32.50
CA ARG A 522 28.54 8.01 -32.62
C ARG A 522 28.75 8.39 -34.10
N GLU A 523 29.20 7.42 -34.89
CA GLU A 523 29.40 7.63 -36.32
C GLU A 523 28.06 7.73 -37.05
N MET A 524 27.15 6.84 -36.72
CA MET A 524 25.83 6.78 -37.37
C MET A 524 25.03 8.05 -37.17
N PHE A 525 25.01 8.56 -35.95
CA PHE A 525 24.15 9.68 -35.59
C PHE A 525 24.84 11.03 -35.67
N GLY A 526 26.16 11.02 -35.84
CA GLY A 526 26.91 12.25 -35.95
C GLY A 526 26.89 13.09 -34.69
N MET A 527 26.56 12.46 -33.56
CA MET A 527 26.54 13.13 -32.27
C MET A 527 26.72 12.12 -31.15
N GLU A 528 26.62 12.60 -29.91
CA GLU A 528 26.68 11.72 -28.75
C GLU A 528 26.05 12.39 -27.53
N PRO A 529 25.25 11.62 -26.78
CA PRO A 529 24.69 12.07 -25.51
C PRO A 529 25.73 12.07 -24.40
N ILE A 530 25.74 13.09 -23.54
CA ILE A 530 26.73 13.15 -22.48
C ILE A 530 26.09 13.28 -21.09
N GLU A 531 24.78 13.50 -21.07
CA GLU A 531 24.05 13.57 -19.81
C GLU A 531 22.55 13.39 -20.00
N THR A 532 21.96 12.54 -19.17
CA THR A 532 20.50 12.38 -19.14
C THR A 532 19.92 13.17 -17.98
N ASP A 533 18.98 14.05 -18.29
CA ASP A 533 18.35 14.87 -17.27
C ASP A 533 16.98 14.31 -16.89
N THR A 534 16.86 13.81 -15.67
CA THR A 534 15.60 13.26 -15.17
C THR A 534 14.82 14.33 -14.42
N LEU A 535 13.55 14.47 -14.76
CA LEU A 535 12.75 15.57 -14.22
C LEU A 535 11.64 15.12 -13.27
N TYR A 536 11.26 16.02 -12.37
CA TYR A 536 10.13 15.81 -11.46
C TYR A 536 8.82 16.06 -12.23
N PRO A 537 7.68 15.57 -11.71
CA PRO A 537 6.40 15.71 -12.43
C PRO A 537 6.04 17.14 -12.83
N ARG A 538 6.43 18.13 -12.04
CA ARG A 538 6.06 19.52 -12.31
C ARG A 538 7.10 20.23 -13.17
N ASP A 539 8.25 19.59 -13.37
CA ASP A 539 9.29 20.16 -14.22
C ASP A 539 8.85 20.21 -15.68
N ARG A 540 9.20 21.30 -16.36
CA ARG A 540 8.86 21.45 -17.77
C ARG A 540 10.03 22.03 -18.56
N ASN A 541 10.08 21.66 -19.83
CA ASN A 541 10.99 22.29 -20.78
C ASN A 541 10.30 22.34 -22.14
N SER A 542 11.00 22.82 -23.15
CA SER A 542 10.44 22.87 -24.49
C SER A 542 11.51 22.84 -25.56
N VAL A 543 11.16 22.30 -26.72
CA VAL A 543 12.10 22.22 -27.84
C VAL A 543 11.57 22.99 -29.04
N HIS A 544 12.40 23.87 -29.59
CA HIS A 544 12.04 24.58 -30.82
C HIS A 544 12.42 23.74 -32.03
N TYR A 545 11.45 23.50 -32.91
CA TYR A 545 11.65 22.63 -34.05
C TYR A 545 10.62 22.93 -35.13
N ARG A 546 11.11 23.22 -36.34
CA ARG A 546 10.27 23.60 -37.47
C ARG A 546 9.39 24.82 -37.15
N GLY A 547 10.03 25.86 -36.64
CA GLY A 547 9.35 27.12 -36.36
C GLY A 547 8.29 27.07 -35.28
N ARG A 548 8.41 26.08 -34.39
CA ARG A 548 7.39 25.86 -33.37
C ARG A 548 8.01 25.30 -32.09
N SER A 549 7.38 25.60 -30.95
CA SER A 549 7.83 25.05 -29.68
C SER A 549 6.96 23.88 -29.25
N TYR A 550 7.60 22.82 -28.77
CA TYR A 550 6.90 21.64 -28.27
C TYR A 550 7.27 21.40 -26.82
N GLU A 551 6.30 21.03 -25.99
CA GLU A 551 6.55 20.84 -24.56
C GLU A 551 7.35 19.57 -24.28
N LEU A 552 8.21 19.64 -23.28
CA LEU A 552 9.03 18.49 -22.87
C LEU A 552 8.74 18.11 -21.42
N LYS A 553 8.66 16.81 -21.18
CA LYS A 553 8.51 16.29 -19.82
C LYS A 553 9.42 15.11 -19.55
N ASP A 554 9.56 14.77 -18.28
CA ASP A 554 10.22 13.53 -17.83
C ASP A 554 11.72 13.47 -18.12
N TYR A 555 12.11 13.49 -19.39
CA TYR A 555 13.52 13.28 -19.74
C TYR A 555 14.05 14.23 -20.82
N ALA A 556 15.30 14.63 -20.65
CA ALA A 556 16.01 15.43 -21.63
C ALA A 556 17.44 14.93 -21.74
N THR A 557 18.10 15.23 -22.87
CA THR A 557 19.45 14.74 -23.09
C THR A 557 20.41 15.83 -23.59
N VAL A 558 21.45 16.10 -22.82
CA VAL A 558 22.49 17.03 -23.25
C VAL A 558 23.31 16.36 -24.35
N ILE A 559 23.43 17.04 -25.49
CA ILE A 559 23.98 16.44 -26.69
C ILE A 559 25.23 17.17 -27.21
N LYS A 560 26.27 16.39 -27.52
CA LYS A 560 27.47 16.93 -28.14
C LYS A 560 27.46 16.65 -29.64
N ILE A 561 27.48 17.71 -30.44
CA ILE A 561 27.35 17.60 -31.89
C ILE A 561 28.68 17.36 -32.60
N HIS A 562 28.66 16.47 -33.58
CA HIS A 562 29.81 16.27 -34.47
C HIS A 562 29.42 16.58 -35.91
N ALA A 563 29.16 15.55 -36.70
CA ALA A 563 28.83 15.73 -38.11
C ALA A 563 27.35 16.07 -38.32
N ALA A 564 26.52 15.75 -37.33
CA ALA A 564 25.07 15.83 -37.48
C ALA A 564 24.54 17.25 -37.67
N THR A 565 23.32 17.34 -38.20
CA THR A 565 22.63 18.61 -38.36
C THR A 565 21.66 18.83 -37.20
N VAL A 566 21.71 20.02 -36.62
CA VAL A 566 20.80 20.36 -35.53
C VAL A 566 19.43 20.78 -36.08
N GLU A 567 18.39 20.03 -35.71
CA GLU A 567 17.05 20.32 -36.19
C GLU A 567 16.15 20.83 -35.07
N GLY A 568 16.58 20.63 -33.83
CA GLY A 568 15.82 21.08 -32.68
C GLY A 568 16.72 21.43 -31.49
N VAL A 569 16.34 22.47 -30.76
CA VAL A 569 17.11 22.90 -29.60
C VAL A 569 16.21 23.14 -28.38
N TYR A 570 16.76 22.89 -27.20
CA TYR A 570 16.04 23.18 -25.95
C TYR A 570 15.89 24.68 -25.79
N GLU A 571 14.95 25.10 -24.94
CA GLU A 571 14.66 26.52 -24.77
C GLU A 571 14.82 27.00 -23.33
N ASP A 572 14.86 26.06 -22.39
CA ASP A 572 14.96 26.42 -20.98
C ASP A 572 16.11 25.70 -20.27
N ASP A 573 16.22 25.94 -18.96
CA ASP A 573 17.23 25.32 -18.11
C ASP A 573 18.67 25.63 -18.54
N PHE A 574 19.64 24.96 -17.95
CA PHE A 574 21.04 25.29 -18.16
C PHE A 574 21.57 24.83 -19.52
N TYR A 575 20.80 23.98 -20.20
CA TYR A 575 21.17 23.57 -21.55
C TYR A 575 20.22 24.18 -22.57
N ALA A 576 19.77 25.38 -22.29
CA ALA A 576 18.94 26.13 -23.23
C ALA A 576 19.73 26.44 -24.50
N ASP A 577 19.03 26.47 -25.62
CA ASP A 577 19.63 26.75 -26.93
CA ASP A 577 19.63 26.75 -26.93
C ASP A 577 20.74 25.76 -27.27
N THR A 578 20.59 24.53 -26.79
CA THR A 578 21.52 23.45 -27.11
C THR A 578 20.74 22.36 -27.85
N PRO A 579 21.42 21.58 -28.70
CA PRO A 579 20.73 20.61 -29.57
C PRO A 579 19.85 19.61 -28.84
N ALA A 580 18.63 19.43 -29.35
CA ALA A 580 17.67 18.50 -28.76
C ALA A 580 17.27 17.43 -29.78
N VAL A 581 17.16 17.83 -31.03
CA VAL A 581 16.82 16.92 -32.13
C VAL A 581 17.84 17.03 -33.25
N THR A 582 18.41 15.89 -33.65
CA THR A 582 19.46 15.89 -34.66
C THR A 582 19.19 14.91 -35.81
N SER A 583 19.75 15.23 -36.97
CA SER A 583 19.71 14.33 -38.12
C SER A 583 21.10 14.19 -38.71
N ASN A 584 21.40 13.02 -39.27
CA ASN A 584 22.73 12.77 -39.80
C ASN A 584 22.72 11.73 -40.91
N GLN A 585 23.45 12.01 -41.98
CA GLN A 585 23.56 11.08 -43.09
C GLN A 585 24.74 10.13 -42.89
N TYR A 586 24.45 8.83 -42.94
CA TYR A 586 25.49 7.82 -42.79
C TYR A 586 25.34 6.76 -43.89
N GLY A 587 26.32 6.73 -44.79
CA GLY A 587 26.24 5.86 -45.96
C GLY A 587 25.09 6.29 -46.84
N LYS A 588 24.25 5.33 -47.23
CA LYS A 588 23.10 5.62 -48.07
C LYS A 588 21.88 6.06 -47.25
N GLY A 589 21.98 5.93 -45.93
CA GLY A 589 20.83 6.19 -45.08
C GLY A 589 20.94 7.39 -44.17
N GLN A 590 20.02 7.47 -43.21
CA GLN A 590 19.94 8.60 -42.30
C GLN A 590 19.64 8.17 -40.87
N ALA A 591 20.17 8.92 -39.90
CA ALA A 591 19.94 8.62 -38.49
C ALA A 591 19.43 9.85 -37.74
N TYR A 592 18.27 9.69 -37.09
CA TYR A 592 17.68 10.75 -36.29
C TYR A 592 17.77 10.44 -34.80
N TYR A 593 18.10 11.45 -34.00
CA TYR A 593 18.12 11.29 -32.56
C TYR A 593 17.19 12.31 -31.90
N ILE A 594 16.28 11.82 -31.07
CA ILE A 594 15.35 12.67 -30.34
C ILE A 594 15.72 12.68 -28.85
N GLY A 595 16.26 13.79 -28.38
CA GLY A 595 16.83 13.86 -27.04
C GLY A 595 15.87 14.11 -25.91
N GLY A 596 14.60 14.33 -26.22
CA GLY A 596 13.61 14.62 -25.20
C GLY A 596 12.27 13.98 -25.46
N ARG A 597 11.51 13.76 -24.39
CA ARG A 597 10.16 13.23 -24.51
C ARG A 597 9.19 14.39 -24.74
N LEU A 598 8.78 14.57 -25.99
CA LEU A 598 7.97 15.71 -26.36
C LEU A 598 6.50 15.33 -26.54
N GLU A 599 5.63 16.34 -26.58
CA GLU A 599 4.20 16.13 -26.74
C GLU A 599 3.87 15.41 -28.04
N ASP A 600 2.65 14.90 -28.14
CA ASP A 600 2.23 14.11 -29.30
C ASP A 600 2.38 14.86 -30.62
N GLN A 601 2.20 16.18 -30.58
CA GLN A 601 2.22 16.99 -31.79
C GLN A 601 3.60 17.02 -32.44
N PHE A 602 4.65 16.89 -31.63
CA PHE A 602 6.00 16.80 -32.18
C PHE A 602 6.13 15.54 -33.01
N HIS A 603 5.68 14.42 -32.45
CA HIS A 603 5.76 13.14 -33.13
C HIS A 603 4.96 13.16 -34.43
N ARG A 604 3.84 13.88 -34.42
CA ARG A 604 3.04 14.04 -35.63
C ARG A 604 3.83 14.78 -36.70
N ASP A 605 4.38 15.94 -36.34
CA ASP A 605 5.11 16.77 -37.28
C ASP A 605 6.42 16.13 -37.72
N PHE A 606 7.17 15.61 -36.75
CA PHE A 606 8.46 14.98 -37.02
C PHE A 606 8.32 13.81 -37.98
N TYR A 607 7.34 12.95 -37.73
CA TYR A 607 7.16 11.77 -38.56
C TYR A 607 6.42 12.08 -39.85
N GLN A 608 5.70 13.20 -39.88
CA GLN A 608 5.07 13.68 -41.11
C GLN A 608 6.15 13.96 -42.14
N GLU A 609 7.25 14.55 -41.68
CA GLU A 609 8.41 14.82 -42.52
C GLU A 609 8.96 13.54 -43.14
N LEU A 610 9.01 12.48 -42.34
CA LEU A 610 9.53 11.20 -42.81
C LEU A 610 8.54 10.48 -43.71
N MET A 611 7.25 10.69 -43.48
CA MET A 611 6.22 10.11 -44.34
C MET A 611 6.29 10.69 -45.74
N GLU A 612 6.64 11.97 -45.83
CA GLU A 612 6.78 12.65 -47.11
C GLU A 612 8.10 12.29 -47.78
N LYS A 613 9.18 12.30 -46.98
CA LYS A 613 10.51 12.05 -47.49
C LYS A 613 10.70 10.63 -48.00
N LEU A 614 10.02 9.67 -47.35
CA LEU A 614 10.18 8.27 -47.69
C LEU A 614 8.99 7.70 -48.45
N ASP A 615 8.02 8.56 -48.76
CA ASP A 615 6.80 8.16 -49.45
C ASP A 615 6.10 7.01 -48.73
N LEU A 616 5.63 7.29 -47.51
CA LEU A 616 4.92 6.31 -46.72
C LEU A 616 3.42 6.53 -46.80
N ARG A 617 2.73 5.62 -47.48
CA ARG A 617 1.30 5.76 -47.69
CA ARG A 617 1.30 5.75 -47.71
C ARG A 617 0.53 4.59 -47.09
N PRO A 618 -0.78 4.79 -46.82
CA PRO A 618 -1.60 3.65 -46.42
C PRO A 618 -1.84 2.74 -47.62
N VAL A 619 -2.31 1.52 -47.39
CA VAL A 619 -2.63 0.62 -48.50
C VAL A 619 -3.69 1.26 -49.39
N LEU A 620 -4.79 1.68 -48.78
CA LEU A 620 -5.82 2.44 -49.47
C LEU A 620 -6.12 3.72 -48.69
N PHE A 621 -5.87 4.87 -49.30
CA PHE A 621 -6.15 6.13 -48.63
C PHE A 621 -7.65 6.37 -48.49
N VAL A 622 -8.07 6.67 -47.27
CA VAL A 622 -9.45 7.01 -47.00
C VAL A 622 -9.51 8.29 -46.18
N LYS A 623 -10.27 9.28 -46.66
CA LYS A 623 -10.36 10.56 -45.96
C LYS A 623 -11.27 10.46 -44.74
N HIS A 624 -10.73 10.82 -43.57
CA HIS A 624 -11.47 10.71 -42.33
C HIS A 624 -10.92 11.64 -41.25
N GLU A 625 -11.69 11.84 -40.19
CA GLU A 625 -11.23 12.58 -39.03
C GLU A 625 -10.53 11.65 -38.06
N LYS A 626 -10.02 12.19 -36.96
CA LYS A 626 -9.36 11.37 -35.95
C LYS A 626 -10.38 10.45 -35.26
N GLY A 627 -9.94 9.26 -34.92
CA GLY A 627 -10.81 8.28 -34.28
C GLY A 627 -11.27 7.21 -35.26
N VAL A 628 -11.11 7.49 -36.54
CA VAL A 628 -11.38 6.48 -37.57
C VAL A 628 -10.08 5.79 -37.95
N SER A 629 -10.05 4.47 -37.80
CA SER A 629 -8.87 3.70 -38.15
C SER A 629 -9.08 2.92 -39.44
N VAL A 630 -8.15 3.06 -40.37
CA VAL A 630 -8.19 2.32 -41.61
C VAL A 630 -7.00 1.36 -41.70
N GLN A 631 -7.29 0.07 -41.70
CA GLN A 631 -6.25 -0.95 -41.76
C GLN A 631 -6.57 -1.97 -42.84
N ALA A 632 -5.52 -2.51 -43.47
CA ALA A 632 -5.73 -3.40 -44.61
C ALA A 632 -4.88 -4.68 -44.55
N ARG A 633 -5.44 -5.74 -45.09
CA ARG A 633 -4.69 -6.96 -45.37
C ARG A 633 -4.65 -7.15 -46.88
N GLN A 634 -3.57 -7.76 -47.38
CA GLN A 634 -3.35 -7.77 -48.81
C GLN A 634 -3.28 -9.18 -49.41
N ALA A 635 -4.04 -9.39 -50.46
CA ALA A 635 -4.05 -10.64 -51.21
C ALA A 635 -3.41 -10.40 -52.58
N PRO A 636 -3.04 -11.48 -53.29
CA PRO A 636 -2.43 -11.27 -54.62
C PRO A 636 -3.32 -10.50 -55.59
N GLU A 637 -4.63 -10.69 -55.49
CA GLU A 637 -5.55 -10.09 -56.45
C GLU A 637 -6.27 -8.85 -55.92
N CYS A 638 -6.34 -8.69 -54.60
CA CYS A 638 -7.08 -7.58 -54.03
C CYS A 638 -6.63 -7.20 -52.61
N ASP A 639 -6.99 -5.98 -52.22
CA ASP A 639 -6.76 -5.51 -50.86
C ASP A 639 -8.07 -5.53 -50.07
N TYR A 640 -8.02 -6.08 -48.86
CA TYR A 640 -9.18 -6.02 -47.96
C TYR A 640 -8.99 -4.89 -46.97
N VAL A 641 -9.82 -3.86 -47.09
CA VAL A 641 -9.66 -2.65 -46.30
C VAL A 641 -10.73 -2.50 -45.23
N PHE A 642 -10.30 -2.28 -43.99
CA PHE A 642 -11.22 -2.10 -42.87
C PHE A 642 -11.30 -0.62 -42.48
N ILE A 643 -12.52 -0.08 -42.47
CA ILE A 643 -12.74 1.30 -42.06
C ILE A 643 -13.54 1.31 -40.77
N MET A 644 -12.89 1.67 -39.67
CA MET A 644 -13.47 1.48 -38.34
C MET A 644 -13.63 2.77 -37.56
N ASN A 645 -14.86 3.04 -37.12
CA ASN A 645 -15.18 4.24 -36.36
C ASN A 645 -15.03 4.01 -34.86
N PHE A 646 -13.85 4.35 -34.33
CA PHE A 646 -13.60 4.20 -32.90
C PHE A 646 -13.97 5.47 -32.13
N THR A 647 -15.06 6.12 -32.54
CA THR A 647 -15.61 7.25 -31.81
C THR A 647 -17.06 6.98 -31.45
N GLU A 648 -17.64 7.83 -30.60
CA GLU A 648 -19.02 7.66 -30.18
C GLU A 648 -19.97 8.58 -30.94
N GLU A 649 -19.51 9.12 -32.06
CA GLU A 649 -20.34 9.99 -32.89
C GLU A 649 -20.27 9.58 -34.35
N LYS A 650 -21.24 10.04 -35.14
CA LYS A 650 -21.27 9.72 -36.56
C LYS A 650 -20.10 10.39 -37.28
N GLN A 651 -19.58 9.72 -38.30
CA GLN A 651 -18.33 10.17 -38.92
C GLN A 651 -18.38 10.15 -40.44
N ALA A 652 -18.08 11.30 -41.04
CA ALA A 652 -18.03 11.41 -42.51
C ALA A 652 -16.72 10.85 -43.05
N VAL A 653 -16.83 10.04 -44.08
CA VAL A 653 -15.69 9.33 -44.65
C VAL A 653 -15.74 9.31 -46.17
N VAL A 654 -14.62 9.60 -46.83
CA VAL A 654 -14.60 9.69 -48.30
C VAL A 654 -13.71 8.64 -48.95
N LEU A 655 -14.32 7.79 -49.76
CA LEU A 655 -13.59 6.80 -50.56
C LEU A 655 -13.23 7.39 -51.91
N GLU A 656 -11.93 7.48 -52.19
CA GLU A 656 -11.47 8.08 -53.44
C GLU A 656 -11.66 7.16 -54.62
N GLU A 657 -10.91 6.06 -54.67
CA GLU A 657 -11.10 5.05 -55.70
C GLU A 657 -12.42 4.35 -55.51
N LYS A 658 -13.04 3.93 -56.62
CA LYS A 658 -14.26 3.15 -56.55
C LYS A 658 -13.94 1.79 -55.95
N VAL A 659 -14.88 1.22 -55.20
CA VAL A 659 -14.56 0.12 -54.31
C VAL A 659 -15.78 -0.79 -54.04
N LYS A 660 -15.50 -2.07 -53.77
CA LYS A 660 -16.57 -3.06 -53.59
C LYS A 660 -16.76 -3.49 -52.13
N ASP A 661 -17.96 -3.29 -51.60
CA ASP A 661 -18.32 -3.72 -50.25
C ASP A 661 -18.27 -5.25 -50.16
N LEU A 662 -17.57 -5.76 -49.15
CA LEU A 662 -17.31 -7.20 -49.05
C LEU A 662 -18.56 -7.99 -48.66
N PHE A 663 -19.46 -7.37 -47.90
CA PHE A 663 -20.68 -8.04 -47.45
C PHE A 663 -21.76 -7.97 -48.52
N THR A 664 -22.28 -6.77 -48.75
CA THR A 664 -23.21 -6.55 -49.84
C THR A 664 -22.44 -6.08 -51.06
N GLY A 665 -22.13 -7.01 -51.96
CA GLY A 665 -21.20 -6.79 -53.06
C GLY A 665 -21.40 -5.60 -53.97
N GLU A 666 -22.09 -4.56 -53.49
CA GLU A 666 -22.28 -3.36 -54.27
C GLU A 666 -21.01 -2.51 -54.29
N GLU A 667 -20.80 -1.81 -55.39
CA GLU A 667 -19.67 -0.89 -55.50
C GLU A 667 -20.02 0.43 -54.82
N ILE A 668 -19.05 1.02 -54.11
CA ILE A 668 -19.27 2.31 -53.47
C ILE A 668 -18.10 3.27 -53.70
N VAL A 669 -18.39 4.55 -53.62
CA VAL A 669 -17.40 5.60 -53.86
C VAL A 669 -17.93 6.92 -53.31
N GLY A 670 -17.04 7.89 -53.11
CA GLY A 670 -17.43 9.19 -52.61
C GLY A 670 -17.60 9.21 -51.10
N GLU A 671 -18.46 10.08 -50.60
CA GLU A 671 -18.66 10.20 -49.17
C GLU A 671 -19.55 9.10 -48.61
N ILE A 672 -19.14 8.55 -47.47
CA ILE A 672 -19.91 7.54 -46.76
C ILE A 672 -20.08 7.98 -45.31
N MET A 673 -21.28 7.78 -44.76
CA MET A 673 -21.54 8.13 -43.38
C MET A 673 -21.42 6.90 -42.47
N LEU A 674 -20.59 7.00 -41.44
CA LEU A 674 -20.41 5.92 -40.48
C LEU A 674 -21.10 6.22 -39.16
N ASP A 675 -21.98 5.32 -38.73
CA ASP A 675 -22.61 5.44 -37.42
C ASP A 675 -21.58 5.18 -36.32
N LYS A 676 -22.01 5.36 -35.07
CA LYS A 676 -21.16 5.04 -33.93
C LYS A 676 -20.71 3.57 -33.98
N TYR A 677 -19.40 3.36 -33.88
CA TYR A 677 -18.81 2.03 -33.84
C TYR A 677 -19.03 1.22 -35.12
N GLU A 678 -19.51 1.87 -36.17
CA GLU A 678 -19.75 1.17 -37.43
C GLU A 678 -18.45 0.82 -38.13
N VAL A 679 -18.38 -0.40 -38.65
CA VAL A 679 -17.24 -0.83 -39.44
C VAL A 679 -17.68 -1.08 -40.89
N ARG A 680 -16.88 -0.59 -41.83
CA ARG A 680 -17.11 -0.92 -43.23
C ARG A 680 -15.94 -1.76 -43.74
N VAL A 681 -16.24 -3.00 -44.14
CA VAL A 681 -15.24 -3.86 -44.73
C VAL A 681 -15.32 -3.76 -46.24
N VAL A 682 -14.19 -3.49 -46.88
CA VAL A 682 -14.18 -3.01 -48.26
C VAL A 682 -13.11 -3.72 -49.08
N GLU A 683 -13.42 -3.98 -50.36
CA GLU A 683 -12.50 -4.69 -51.24
C GLU A 683 -12.05 -3.86 -52.43
N LYS A 684 -10.75 -3.87 -52.68
CA LYS A 684 -10.14 -3.11 -53.76
C LYS A 684 -9.25 -4.02 -54.61
N ARG A 685 -9.69 -4.33 -55.82
CA ARG A 685 -8.94 -5.26 -56.67
C ARG A 685 -7.63 -4.64 -57.15
N ARG A 686 -6.67 -5.49 -57.46
CA ARG A 686 -5.33 -5.04 -57.82
C ARG A 686 -5.16 -4.98 -59.33
N LYS B 3 39.82 31.91 23.99
CA LYS B 3 38.58 31.45 23.39
C LYS B 3 38.73 31.29 21.88
N TYR B 4 37.74 30.64 21.26
CA TYR B 4 37.72 30.35 19.83
C TYR B 4 38.90 29.49 19.39
N GLU B 5 39.51 28.76 20.34
CA GLU B 5 40.67 27.94 20.03
C GLU B 5 40.31 26.80 19.08
N ARG B 6 41.18 26.57 18.10
CA ARG B 6 40.96 25.50 17.13
C ARG B 6 41.11 24.13 17.76
N THR B 7 40.19 23.22 17.41
CA THR B 7 40.25 21.84 17.86
C THR B 7 40.19 20.91 16.64
N TYR B 8 41.26 20.15 16.43
CA TYR B 8 41.41 19.35 15.22
C TYR B 8 40.89 17.92 15.38
N THR B 9 40.23 17.43 14.34
CA THR B 9 39.66 16.09 14.36
C THR B 9 40.66 15.04 13.88
N THR B 10 41.50 15.42 12.93
CA THR B 10 42.57 14.56 12.45
C THR B 10 43.89 15.31 12.46
N GLN B 11 44.93 14.70 11.91
CA GLN B 11 46.25 15.33 11.85
C GLN B 11 46.39 16.22 10.63
N ALA B 12 45.37 16.22 9.77
CA ALA B 12 45.39 17.01 8.55
C ALA B 12 45.23 18.50 8.85
N ASN B 13 46.05 19.32 8.20
CA ASN B 13 45.93 20.77 8.33
C ASN B 13 45.27 21.37 7.11
N PHE B 14 44.54 20.54 6.37
CA PHE B 14 43.82 20.97 5.19
C PHE B 14 42.42 20.36 5.19
N ILE B 15 41.49 20.99 4.47
CA ILE B 15 40.16 20.44 4.33
C ILE B 15 40.20 19.19 3.46
N LEU B 16 39.76 18.07 4.01
CA LEU B 16 39.78 16.81 3.28
C LEU B 16 38.88 16.88 2.05
N HIS B 17 39.39 16.40 0.93
CA HIS B 17 38.62 16.39 -0.30
C HIS B 17 38.84 15.09 -1.06
N GLY B 18 37.76 14.42 -1.43
CA GLY B 18 37.82 13.14 -2.11
C GLY B 18 36.59 12.31 -1.81
N GLY B 19 36.79 11.10 -1.29
CA GLY B 19 35.67 10.25 -0.91
C GLY B 19 35.92 8.77 -1.09
N ASP B 20 34.84 8.02 -1.26
CA ASP B 20 34.90 6.57 -1.35
C ASP B 20 35.69 6.11 -2.57
N TYR B 21 36.72 5.33 -2.31
CA TYR B 21 37.49 4.80 -3.41
C TYR B 21 37.49 3.30 -3.33
N ASN B 22 37.44 2.73 -4.51
CA ASN B 22 37.00 1.39 -4.79
C ASN B 22 37.77 0.68 -5.91
N PRO B 23 39.09 0.65 -5.82
CA PRO B 23 39.95 0.06 -6.85
C PRO B 23 39.86 -1.47 -6.88
N ASP B 24 39.34 -2.07 -5.81
CA ASP B 24 39.16 -3.52 -5.74
C ASP B 24 38.10 -3.99 -6.74
N GLN B 25 37.44 -3.03 -7.40
CA GLN B 25 36.50 -3.34 -8.47
C GLN B 25 37.18 -3.24 -9.83
N TRP B 26 38.41 -2.77 -9.84
CA TRP B 26 39.11 -2.48 -11.09
C TRP B 26 40.50 -3.11 -11.16
N LEU B 27 40.68 -4.23 -10.45
CA LEU B 27 41.99 -4.87 -10.38
C LEU B 27 42.41 -5.51 -11.71
N ASP B 28 41.43 -5.79 -12.56
CA ASP B 28 41.72 -6.34 -13.89
CA ASP B 28 41.73 -6.34 -13.89
C ASP B 28 42.01 -5.23 -14.89
N ARG B 29 41.95 -3.99 -14.42
CA ARG B 29 42.14 -2.82 -15.28
C ARG B 29 43.20 -1.87 -14.72
N PRO B 30 44.48 -2.21 -14.89
CA PRO B 30 45.58 -1.39 -14.39
C PRO B 30 45.61 -0.01 -15.03
N ASP B 31 45.12 0.09 -16.27
CA ASP B 31 45.03 1.37 -16.96
C ASP B 31 44.09 2.32 -16.23
N ILE B 32 42.97 1.78 -15.75
CA ILE B 32 42.01 2.55 -14.99
C ILE B 32 42.61 3.00 -13.66
N LEU B 33 43.32 2.09 -13.01
CA LEU B 33 43.97 2.38 -11.73
C LEU B 33 45.01 3.48 -11.87
N GLN B 34 45.75 3.47 -12.96
CA GLN B 34 46.76 4.50 -13.22
C GLN B 34 46.08 5.82 -13.52
N ALA B 35 45.00 5.77 -14.30
CA ALA B 35 44.25 6.97 -14.65
C ALA B 35 43.65 7.63 -13.41
N ASP B 36 43.24 6.80 -12.44
CA ASP B 36 42.69 7.29 -11.18
C ASP B 36 43.62 8.31 -10.52
N LEU B 37 44.89 7.95 -10.39
CA LEU B 37 45.88 8.77 -9.72
C LEU B 37 46.05 10.14 -10.37
N GLU B 38 46.05 10.15 -11.71
CA GLU B 38 46.18 11.41 -12.45
C GLU B 38 44.94 12.28 -12.26
N LEU B 39 43.77 11.66 -12.35
CA LEU B 39 42.51 12.40 -12.23
C LEU B 39 42.33 12.96 -10.82
N MET B 40 42.92 12.29 -9.83
CA MET B 40 42.89 12.76 -8.46
C MET B 40 43.62 14.08 -8.33
N LYS B 41 44.73 14.22 -9.06
CA LYS B 41 45.48 15.46 -9.10
C LYS B 41 44.68 16.55 -9.81
N LEU B 42 44.10 16.19 -10.95
CA LEU B 42 43.33 17.12 -11.77
C LEU B 42 42.09 17.63 -11.04
N SER B 43 41.51 16.79 -10.18
CA SER B 43 40.29 17.15 -9.46
C SER B 43 40.60 17.78 -8.11
N HIS B 44 41.90 17.89 -7.80
CA HIS B 44 42.36 18.44 -6.54
C HIS B 44 41.72 17.76 -5.33
N THR B 45 41.69 16.44 -5.37
CA THR B 45 41.23 15.63 -4.25
C THR B 45 42.46 15.03 -3.56
N ASN B 46 42.37 14.83 -2.25
CA ASN B 46 43.54 14.45 -1.47
C ASN B 46 43.31 13.34 -0.46
N THR B 47 42.04 13.02 -0.20
CA THR B 47 41.71 12.02 0.83
C THR B 47 40.72 11.00 0.28
N PHE B 48 40.98 9.72 0.52
CA PHE B 48 40.16 8.66 -0.05
C PHE B 48 39.87 7.52 0.93
N THR B 49 38.59 7.18 1.02
CA THR B 49 38.12 6.12 1.92
C THR B 49 38.18 4.77 1.23
N VAL B 50 39.03 3.88 1.72
CA VAL B 50 39.33 2.62 1.04
C VAL B 50 38.99 1.39 1.86
N GLY B 51 38.36 0.41 1.21
CA GLY B 51 38.16 -0.91 1.81
C GLY B 51 36.81 -1.11 2.49
N VAL B 52 35.84 -0.28 2.15
CA VAL B 52 34.53 -0.35 2.77
C VAL B 52 33.83 -1.68 2.47
N PHE B 53 33.91 -2.11 1.21
CA PHE B 53 33.29 -3.37 0.80
C PHE B 53 34.30 -4.29 0.12
N ALA B 54 35.50 -4.38 0.69
CA ALA B 54 36.60 -5.07 0.04
C ALA B 54 36.97 -6.39 0.70
N TRP B 55 36.09 -6.92 1.55
CA TRP B 55 36.39 -8.13 2.29
C TRP B 55 36.68 -9.32 1.37
N SER B 56 35.85 -9.49 0.34
CA SER B 56 36.05 -10.61 -0.59
C SER B 56 37.32 -10.42 -1.41
N ALA B 57 37.81 -9.19 -1.48
CA ALA B 57 39.05 -8.89 -2.18
C ALA B 57 40.26 -9.07 -1.28
N LEU B 58 40.05 -8.90 0.02
CA LEU B 58 41.11 -9.08 1.01
C LEU B 58 41.23 -10.53 1.44
N GLU B 59 40.09 -11.21 1.49
CA GLU B 59 40.05 -12.61 1.92
C GLU B 59 39.11 -13.42 1.03
N PRO B 60 39.54 -13.71 -0.21
CA PRO B 60 38.72 -14.40 -1.21
C PRO B 60 38.26 -15.79 -0.74
N GLU B 61 39.11 -16.48 0.00
CA GLU B 61 38.73 -17.72 0.66
C GLU B 61 39.05 -17.61 2.14
N GLU B 62 38.39 -18.39 2.97
CA GLU B 62 38.61 -18.34 4.41
C GLU B 62 40.08 -18.63 4.75
N GLY B 63 40.75 -17.64 5.34
CA GLY B 63 42.14 -17.80 5.74
C GLY B 63 43.13 -17.54 4.61
N VAL B 64 42.63 -17.19 3.44
CA VAL B 64 43.48 -16.88 2.30
C VAL B 64 43.45 -15.38 2.02
N TYR B 65 44.60 -14.73 2.16
CA TYR B 65 44.62 -13.27 2.15
C TYR B 65 45.37 -12.66 0.95
N ARG B 66 44.80 -11.58 0.43
CA ARG B 66 45.38 -10.84 -0.68
C ARG B 66 45.46 -9.36 -0.36
N PHE B 67 46.58 -8.93 0.23
CA PHE B 67 46.74 -7.54 0.67
C PHE B 67 47.62 -6.72 -0.28
N GLU B 68 48.18 -7.38 -1.28
CA GLU B 68 49.16 -6.76 -2.17
C GLU B 68 48.59 -5.57 -2.94
N TRP B 69 47.40 -5.75 -3.49
CA TRP B 69 46.73 -4.68 -4.24
C TRP B 69 46.49 -3.47 -3.36
N LEU B 70 46.21 -3.71 -2.08
CA LEU B 70 45.95 -2.64 -1.14
C LEU B 70 47.25 -1.96 -0.70
N ASP B 71 48.33 -2.74 -0.65
CA ASP B 71 49.65 -2.19 -0.37
C ASP B 71 50.01 -1.15 -1.44
N LYS B 72 49.73 -1.51 -2.69
CA LYS B 72 50.05 -0.66 -3.83
C LYS B 72 49.20 0.62 -3.83
N VAL B 73 47.93 0.48 -3.45
CA VAL B 73 47.03 1.62 -3.39
C VAL B 73 47.50 2.63 -2.34
N PHE B 74 47.93 2.12 -1.19
CA PHE B 74 48.45 2.96 -0.12
C PHE B 74 49.68 3.74 -0.57
N ASP B 75 50.61 3.06 -1.22
CA ASP B 75 51.84 3.69 -1.68
C ASP B 75 51.59 4.70 -2.79
N ASP B 76 50.72 4.34 -3.73
CA ASP B 76 50.41 5.21 -4.87
C ASP B 76 49.71 6.50 -4.43
N ILE B 77 48.72 6.35 -3.55
CA ILE B 77 47.98 7.50 -3.03
C ILE B 77 48.92 8.42 -2.25
N TYR B 78 49.79 7.84 -1.44
CA TYR B 78 50.73 8.62 -0.66
C TYR B 78 51.74 9.35 -1.55
N ARG B 79 52.11 8.73 -2.67
CA ARG B 79 53.11 9.28 -3.57
C ARG B 79 52.61 10.54 -4.27
N ILE B 80 51.31 10.62 -4.53
CA ILE B 80 50.74 11.81 -5.17
C ILE B 80 50.33 12.84 -4.13
N GLY B 81 50.69 12.60 -2.88
CA GLY B 81 50.42 13.54 -1.80
C GLY B 81 49.09 13.32 -1.12
N GLY B 82 48.47 12.17 -1.39
CA GLY B 82 47.15 11.88 -0.85
C GLY B 82 47.17 11.20 0.51
N ARG B 83 45.98 11.07 1.11
CA ARG B 83 45.82 10.40 2.38
C ARG B 83 44.76 9.31 2.28
N VAL B 84 44.79 8.36 3.20
CA VAL B 84 43.82 7.27 3.19
C VAL B 84 43.00 7.20 4.47
N ILE B 85 41.68 7.22 4.33
CA ILE B 85 40.79 6.86 5.42
C ILE B 85 40.47 5.38 5.28
N LEU B 86 41.08 4.55 6.13
CA LEU B 86 40.94 3.10 6.00
C LEU B 86 39.68 2.60 6.68
N ALA B 87 38.87 1.85 5.93
CA ALA B 87 37.62 1.33 6.44
C ALA B 87 37.72 -0.15 6.82
N THR B 88 36.99 -0.53 7.85
CA THR B 88 36.84 -1.94 8.21
C THR B 88 35.74 -2.53 7.34
N PRO B 89 35.94 -3.75 6.83
CA PRO B 89 35.08 -4.32 5.79
C PRO B 89 33.81 -5.02 6.29
N SER B 90 33.39 -4.77 7.54
CA SER B 90 32.25 -5.48 8.10
C SER B 90 30.91 -5.15 7.43
N GLY B 91 30.93 -4.14 6.56
CA GLY B 91 29.71 -3.68 5.91
C GLY B 91 29.08 -4.70 4.96
N ALA B 92 29.87 -5.66 4.51
CA ALA B 92 29.36 -6.71 3.61
C ALA B 92 30.22 -7.97 3.68
N ARG B 93 29.62 -9.05 4.15
CA ARG B 93 30.32 -10.33 4.29
C ARG B 93 30.52 -11.00 2.94
N PRO B 94 31.67 -11.68 2.76
CA PRO B 94 31.90 -12.48 1.56
C PRO B 94 30.92 -13.64 1.48
N ALA B 95 30.67 -14.16 0.28
CA ALA B 95 29.70 -15.23 0.08
C ALA B 95 30.08 -16.51 0.83
N TRP B 96 31.38 -16.79 0.91
CA TRP B 96 31.85 -18.01 1.57
C TRP B 96 31.57 -17.96 3.07
N LEU B 97 31.50 -16.75 3.63
CA LEU B 97 31.26 -16.59 5.05
C LEU B 97 29.81 -16.89 5.40
N SER B 98 28.89 -16.37 4.59
CA SER B 98 27.46 -16.62 4.80
C SER B 98 27.12 -18.09 4.57
N GLN B 99 27.74 -18.69 3.57
CA GLN B 99 27.47 -20.08 3.23
C GLN B 99 27.93 -21.02 4.33
N LYS B 100 29.10 -20.76 4.89
CA LYS B 100 29.69 -21.64 5.90
C LYS B 100 29.16 -21.33 7.31
N TYR B 101 28.95 -20.05 7.60
CA TYR B 101 28.48 -19.64 8.92
C TYR B 101 27.13 -18.93 8.84
N PRO B 102 26.03 -19.69 8.71
CA PRO B 102 24.67 -19.14 8.51
C PRO B 102 24.19 -18.26 9.66
N GLU B 103 24.82 -18.35 10.84
CA GLU B 103 24.36 -17.61 12.00
C GLU B 103 24.60 -16.10 11.85
N VAL B 104 25.37 -15.71 10.85
CA VAL B 104 25.64 -14.29 10.62
C VAL B 104 24.49 -13.64 9.85
N LEU B 105 23.57 -14.47 9.35
CA LEU B 105 22.42 -13.97 8.62
C LEU B 105 21.32 -13.52 9.57
N ARG B 106 20.66 -12.42 9.23
CA ARG B 106 19.66 -11.82 10.11
C ARG B 106 18.34 -12.58 10.14
N VAL B 107 17.62 -12.39 11.25
CA VAL B 107 16.23 -12.83 11.35
C VAL B 107 15.38 -11.59 11.61
N ASN B 108 14.47 -11.29 10.70
CA ASN B 108 13.68 -10.07 10.82
C ASN B 108 12.63 -10.17 11.93
N ALA B 109 11.86 -9.09 12.11
CA ALA B 109 10.86 -9.03 13.17
C ALA B 109 9.78 -10.11 13.00
N ALA B 110 9.47 -10.44 11.75
CA ALA B 110 8.51 -11.49 11.45
C ALA B 110 9.12 -12.87 11.63
N ARG B 111 10.31 -12.91 12.21
CA ARG B 111 11.03 -14.14 12.53
C ARG B 111 11.39 -14.95 11.28
N VAL B 112 11.65 -14.26 10.18
CA VAL B 112 12.11 -14.92 8.96
C VAL B 112 13.62 -14.79 8.81
N ARG B 113 14.29 -15.93 8.72
CA ARG B 113 15.73 -15.94 8.48
C ARG B 113 16.02 -15.48 7.05
N GLN B 114 16.95 -14.55 6.91
CA GLN B 114 17.29 -14.01 5.61
C GLN B 114 18.30 -14.90 4.88
N LEU B 115 18.35 -14.78 3.56
CA LEU B 115 19.38 -15.44 2.78
C LEU B 115 20.53 -14.47 2.55
N HIS B 116 21.64 -14.97 2.00
CA HIS B 116 22.78 -14.10 1.71
C HIS B 116 22.41 -13.05 0.66
N GLY B 117 22.85 -11.82 0.88
CA GLY B 117 22.59 -10.75 -0.07
C GLY B 117 22.60 -9.37 0.56
N GLY B 118 22.68 -8.35 -0.28
CA GLY B 118 22.64 -6.98 0.18
C GLY B 118 23.86 -6.55 0.97
N ARG B 119 23.62 -5.79 2.04
CA ARG B 119 24.69 -5.25 2.88
C ARG B 119 24.11 -4.72 4.18
N HIS B 120 24.98 -4.36 5.12
CA HIS B 120 24.60 -3.76 6.39
C HIS B 120 23.64 -4.62 7.21
N ASN B 121 23.55 -5.90 6.87
CA ASN B 121 22.51 -6.76 7.43
C ASN B 121 23.02 -8.02 8.12
N HIS B 122 24.00 -7.85 9.00
CA HIS B 122 24.54 -8.96 9.76
C HIS B 122 23.83 -9.10 11.10
N CYS B 123 23.87 -10.30 11.67
CA CYS B 123 23.41 -10.49 13.05
C CYS B 123 24.42 -9.84 13.98
N PHE B 124 23.97 -8.89 14.78
CA PHE B 124 24.88 -8.13 15.63
C PHE B 124 25.27 -8.88 16.91
N THR B 125 24.73 -10.08 17.09
CA THR B 125 25.02 -10.87 18.28
C THR B 125 25.99 -12.01 17.96
N SER B 126 25.90 -12.54 16.75
CA SER B 126 26.71 -13.68 16.30
C SER B 126 28.18 -13.59 16.71
N SER B 127 28.62 -14.58 17.47
CA SER B 127 30.00 -14.62 17.95
C SER B 127 30.98 -14.84 16.79
N VAL B 128 30.52 -15.54 15.77
CA VAL B 128 31.35 -15.80 14.60
C VAL B 128 31.71 -14.51 13.89
N TYR B 129 30.70 -13.67 13.63
CA TYR B 129 30.93 -12.44 12.89
C TYR B 129 31.76 -11.46 13.71
N ARG B 130 31.58 -11.47 15.02
CA ARG B 130 32.40 -10.63 15.90
C ARG B 130 33.85 -11.07 15.89
N GLU B 131 34.07 -12.38 15.87
CA GLU B 131 35.42 -12.93 15.79
C GLU B 131 36.07 -12.62 14.44
N LYS B 132 35.32 -12.82 13.36
CA LYS B 132 35.83 -12.61 12.01
C LYS B 132 36.18 -11.15 11.75
N THR B 133 35.26 -10.25 12.10
CA THR B 133 35.45 -8.83 11.86
C THR B 133 36.63 -8.27 12.66
N GLN B 134 36.74 -8.69 13.91
CA GLN B 134 37.84 -8.21 14.75
C GLN B 134 39.19 -8.71 14.22
N HIS B 135 39.22 -9.94 13.71
CA HIS B 135 40.45 -10.52 13.23
C HIS B 135 40.95 -9.83 11.96
N ILE B 136 40.05 -9.59 11.01
CA ILE B 136 40.43 -8.93 9.77
C ILE B 136 40.81 -7.48 10.05
N ASN B 137 40.18 -6.88 11.06
CA ASN B 137 40.56 -5.53 11.49
C ASN B 137 41.95 -5.53 12.08
N ARG B 138 42.29 -6.59 12.81
CA ARG B 138 43.60 -6.72 13.42
C ARG B 138 44.69 -6.82 12.35
N LEU B 139 44.41 -7.60 11.30
CA LEU B 139 45.35 -7.76 10.19
C LEU B 139 45.58 -6.43 9.46
N LEU B 140 44.51 -5.65 9.33
CA LEU B 140 44.61 -4.34 8.69
C LEU B 140 45.44 -3.39 9.55
N ALA B 141 45.15 -3.36 10.85
CA ALA B 141 45.87 -2.51 11.79
C ALA B 141 47.35 -2.88 11.84
N GLU B 142 47.62 -4.18 11.81
CA GLU B 142 49.00 -4.67 11.84
C GLU B 142 49.79 -4.22 10.62
N ARG B 143 49.18 -4.26 9.45
CA ARG B 143 49.88 -4.02 8.20
C ARG B 143 49.99 -2.54 7.84
N TYR B 144 48.92 -1.77 8.07
CA TYR B 144 48.87 -0.39 7.61
C TYR B 144 48.86 0.64 8.74
N GLY B 145 48.90 0.16 9.98
CA GLY B 145 48.77 1.02 11.13
C GLY B 145 49.77 2.15 11.24
N ASP B 146 50.97 1.95 10.68
CA ASP B 146 52.00 2.97 10.75
C ASP B 146 52.39 3.50 9.37
N HIS B 147 51.53 3.23 8.38
CA HIS B 147 51.73 3.78 7.05
C HIS B 147 51.41 5.28 7.08
N PRO B 148 52.33 6.11 6.58
CA PRO B 148 52.20 7.57 6.63
C PRO B 148 50.95 8.11 5.93
N ALA B 149 50.36 7.32 5.05
CA ALA B 149 49.15 7.74 4.34
C ALA B 149 47.90 7.57 5.19
N LEU B 150 47.97 6.66 6.17
CA LEU B 150 46.83 6.40 7.04
C LEU B 150 46.47 7.63 7.86
N LEU B 151 45.21 8.06 7.74
CA LEU B 151 44.75 9.27 8.42
C LEU B 151 43.67 8.95 9.45
N MET B 152 42.88 7.92 9.17
CA MET B 152 41.66 7.69 9.94
C MET B 152 41.06 6.31 9.75
N TRP B 153 40.35 5.83 10.76
CA TRP B 153 39.59 4.58 10.66
C TRP B 153 38.12 4.85 10.34
N HIS B 154 37.60 4.14 9.34
CA HIS B 154 36.21 4.23 8.94
C HIS B 154 35.51 2.92 9.30
N VAL B 155 35.04 2.81 10.54
CA VAL B 155 34.55 1.53 11.04
C VAL B 155 33.18 1.15 10.46
N SER B 156 33.15 0.01 9.77
CA SER B 156 31.96 -0.49 9.09
C SER B 156 31.41 0.53 8.11
N ASN B 157 30.11 0.44 7.82
CA ASN B 157 29.47 1.39 6.93
C ASN B 157 27.98 1.51 7.21
N GLU B 158 27.56 2.69 7.65
CA GLU B 158 26.15 2.99 7.91
C GLU B 158 25.47 1.90 8.74
N TYR B 159 25.89 1.77 9.99
CA TYR B 159 25.27 0.85 10.94
C TYR B 159 23.75 1.04 10.98
N GLY B 160 23.02 -0.06 10.96
CA GLY B 160 21.57 0.01 11.02
C GLY B 160 20.91 -1.36 10.91
N GLY B 161 19.64 -1.42 11.30
CA GLY B 161 18.89 -2.66 11.20
C GLY B 161 18.82 -3.42 12.51
N GLU B 162 17.99 -4.45 12.53
CA GLU B 162 17.80 -5.27 13.73
C GLU B 162 17.89 -6.75 13.40
N CYS B 163 18.20 -7.56 14.42
CA CYS B 163 18.13 -9.01 14.28
C CYS B 163 17.30 -9.58 15.42
N HIS B 164 16.50 -10.60 15.10
CA HIS B 164 15.59 -11.17 16.08
C HIS B 164 15.82 -12.66 16.28
N CYS B 165 17.01 -13.13 15.91
CA CYS B 165 17.35 -14.54 16.04
C CYS B 165 17.43 -14.94 17.51
N ASN B 166 17.56 -16.24 17.75
CA ASN B 166 17.57 -16.74 19.13
CA ASN B 166 17.62 -16.81 19.11
C ASN B 166 18.79 -16.25 19.92
N LEU B 167 19.89 -15.97 19.24
CA LEU B 167 21.06 -15.43 19.90
C LEU B 167 20.75 -14.03 20.41
N CYS B 168 20.04 -13.25 19.60
CA CYS B 168 19.66 -11.89 19.96
C CYS B 168 18.58 -11.86 21.04
N GLN B 169 17.69 -12.84 21.02
CA GLN B 169 16.66 -12.94 22.04
C GLN B 169 17.29 -13.15 23.41
N GLU B 170 18.26 -14.06 23.48
CA GLU B 170 18.98 -14.32 24.72
C GLU B 170 19.77 -13.10 25.17
N ALA B 171 20.44 -12.45 24.23
CA ALA B 171 21.22 -11.25 24.51
C ALA B 171 20.30 -10.13 25.03
N PHE B 172 19.13 -10.03 24.43
CA PHE B 172 18.12 -9.05 24.85
C PHE B 172 17.68 -9.32 26.28
N ARG B 173 17.55 -10.60 26.63
CA ARG B 173 17.13 -10.99 27.97
C ARG B 173 18.18 -10.66 29.02
N GLU B 174 19.44 -10.93 28.70
CA GLU B 174 20.54 -10.61 29.62
CA GLU B 174 20.54 -10.61 29.62
C GLU B 174 20.65 -9.09 29.79
N TRP B 175 20.40 -8.37 28.71
CA TRP B 175 20.41 -6.91 28.73
C TRP B 175 19.34 -6.38 29.67
N LEU B 176 18.16 -6.98 29.62
CA LEU B 176 17.04 -6.60 30.46
C LEU B 176 17.32 -6.91 31.94
N LYS B 177 17.98 -8.04 32.19
CA LYS B 177 18.32 -8.43 33.55
C LYS B 177 19.25 -7.41 34.21
N LYS B 178 20.18 -6.87 33.41
CA LYS B 178 21.10 -5.86 33.91
C LYS B 178 20.41 -4.52 34.13
N LYS B 179 19.59 -4.12 33.16
CA LYS B 179 18.92 -2.82 33.22
C LYS B 179 17.96 -2.74 34.40
N TYR B 180 17.30 -3.86 34.71
CA TYR B 180 16.29 -3.86 35.76
C TYR B 180 16.76 -4.62 37.01
N ASN B 181 18.08 -4.76 37.13
CA ASN B 181 18.70 -5.39 38.29
CA ASN B 181 18.70 -5.39 38.28
C ASN B 181 18.05 -6.73 38.65
N HIS B 182 17.82 -7.56 37.64
CA HIS B 182 17.24 -8.89 37.82
C HIS B 182 15.88 -8.89 38.55
N ASP B 183 15.20 -7.76 38.54
CA ASP B 183 13.91 -7.65 39.23
C ASP B 183 12.76 -7.64 38.22
N LEU B 184 12.11 -8.79 38.08
CA LEU B 184 11.01 -8.95 37.13
C LEU B 184 9.82 -8.07 37.47
N ASP B 185 9.65 -7.77 38.76
CA ASP B 185 8.59 -6.88 39.21
C ASP B 185 8.82 -5.46 38.70
N ALA B 186 10.08 -5.05 38.69
CA ALA B 186 10.43 -3.71 38.22
C ALA B 186 10.18 -3.56 36.72
N LEU B 187 10.50 -4.61 35.96
CA LEU B 187 10.26 -4.62 34.53
C LEU B 187 8.77 -4.56 34.24
N ASN B 188 8.01 -5.41 34.92
CA ASN B 188 6.57 -5.47 34.76
C ASN B 188 5.89 -4.14 35.12
N ALA B 189 6.41 -3.47 36.14
CA ALA B 189 5.88 -2.19 36.57
C ALA B 189 6.19 -1.11 35.54
N ALA B 190 7.41 -1.14 34.99
CA ALA B 190 7.84 -0.15 34.02
C ALA B 190 7.08 -0.26 32.70
N TRP B 191 6.77 -1.49 32.31
CA TRP B 191 6.09 -1.73 31.03
C TRP B 191 4.57 -1.77 31.19
N TRP B 192 4.11 -1.75 32.45
CA TRP B 192 2.68 -1.80 32.76
C TRP B 192 2.05 -3.06 32.14
N THR B 193 2.71 -4.19 32.33
CA THR B 193 2.31 -5.44 31.69
C THR B 193 1.05 -6.05 32.29
N SER B 194 0.52 -5.44 33.34
CA SER B 194 -0.75 -5.87 33.92
C SER B 194 -1.86 -5.66 32.91
N PHE B 195 -1.63 -4.72 32.00
CA PHE B 195 -2.57 -4.42 30.91
C PHE B 195 -2.61 -5.56 29.91
N TRP B 196 -3.83 -5.99 29.57
CA TRP B 196 -4.06 -7.12 28.66
C TRP B 196 -3.35 -8.39 29.12
N SER B 197 -3.20 -8.54 30.43
CA SER B 197 -2.68 -9.76 31.05
C SER B 197 -1.33 -10.20 30.47
N HIS B 198 -0.43 -9.25 30.28
CA HIS B 198 0.86 -9.52 29.65
C HIS B 198 1.99 -9.73 30.66
N THR B 199 1.65 -9.80 31.94
CA THR B 199 2.64 -9.92 33.00
C THR B 199 3.55 -11.13 32.82
N TYR B 200 4.86 -10.88 32.80
CA TYR B 200 5.85 -11.95 32.66
C TYR B 200 6.21 -12.54 34.01
N THR B 201 6.32 -13.87 34.06
CA THR B 201 6.66 -14.57 35.30
C THR B 201 8.00 -15.29 35.18
N ASP B 202 8.61 -15.22 34.00
CA ASP B 202 9.94 -15.78 33.78
C ASP B 202 10.62 -15.04 32.64
N TRP B 203 11.92 -14.78 32.78
CA TRP B 203 12.68 -14.04 31.79
C TRP B 203 12.64 -14.70 30.41
N SER B 204 12.50 -16.01 30.39
CA SER B 204 12.47 -16.75 29.13
C SER B 204 11.20 -16.46 28.32
N GLN B 205 10.21 -15.85 28.97
CA GLN B 205 8.96 -15.50 28.31
C GLN B 205 9.09 -14.23 27.49
N ILE B 206 10.07 -13.40 27.84
CA ILE B 206 10.25 -12.12 27.18
C ILE B 206 10.86 -12.27 25.79
N GLU B 207 10.24 -11.62 24.81
CA GLU B 207 10.73 -11.66 23.43
C GLU B 207 10.70 -10.28 22.80
N SER B 208 11.54 -10.09 21.78
CA SER B 208 11.55 -8.86 21.01
C SER B 208 10.20 -8.66 20.32
N PRO B 209 9.82 -7.40 20.08
CA PRO B 209 8.55 -7.10 19.42
C PRO B 209 8.44 -7.73 18.04
N SER B 210 7.23 -8.05 17.62
CA SER B 210 7.00 -8.73 16.36
C SER B 210 5.59 -8.51 15.83
N PRO B 211 5.46 -8.34 14.50
CA PRO B 211 4.14 -8.19 13.85
C PRO B 211 3.30 -9.46 13.96
N ILE B 212 3.95 -10.60 14.20
CA ILE B 212 3.24 -11.85 14.41
C ILE B 212 3.30 -12.29 15.87
N GLY B 213 3.69 -11.37 16.74
CA GLY B 213 3.80 -11.65 18.15
C GLY B 213 3.29 -10.52 19.02
N GLU B 214 4.18 -9.94 19.82
CA GLU B 214 3.81 -8.86 20.72
C GLU B 214 4.32 -7.52 20.20
N HIS B 215 3.41 -6.57 19.97
CA HIS B 215 3.81 -5.24 19.53
C HIS B 215 2.93 -4.16 20.15
N THR B 216 2.21 -4.51 21.20
CA THR B 216 1.29 -3.58 21.86
C THR B 216 1.86 -3.01 23.16
N ILE B 217 3.06 -3.46 23.53
CA ILE B 217 3.70 -2.97 24.75
C ILE B 217 4.77 -1.94 24.44
N HIS B 218 4.46 -0.67 24.69
CA HIS B 218 5.35 0.44 24.39
C HIS B 218 6.70 0.31 25.08
N GLY B 219 6.67 -0.04 26.37
CA GLY B 219 7.88 -0.21 27.14
C GLY B 219 8.82 -1.24 26.53
N LEU B 220 8.24 -2.33 26.03
CA LEU B 220 9.01 -3.36 25.34
C LEU B 220 9.61 -2.83 24.05
N ASN B 221 8.79 -2.13 23.27
CA ASN B 221 9.23 -1.56 22.00
C ASN B 221 10.37 -0.56 22.19
N LEU B 222 10.24 0.28 23.21
CA LEU B 222 11.24 1.30 23.50
C LEU B 222 12.55 0.67 23.96
N ASP B 223 12.45 -0.27 24.91
CA ASP B 223 13.63 -0.94 25.43
C ASP B 223 14.32 -1.77 24.36
N TRP B 224 13.54 -2.33 23.44
CA TRP B 224 14.11 -3.10 22.34
C TRP B 224 14.96 -2.21 21.44
N LYS B 225 14.46 -1.02 21.13
CA LYS B 225 15.21 -0.05 20.35
CA LYS B 225 15.21 -0.06 20.34
C LYS B 225 16.49 0.35 21.07
N ARG B 226 16.40 0.49 22.39
CA ARG B 226 17.56 0.82 23.21
C ARG B 226 18.60 -0.31 23.13
N PHE B 227 18.13 -1.54 23.20
CA PHE B 227 19.00 -2.70 23.11
C PHE B 227 19.68 -2.78 21.74
N VAL B 228 18.92 -2.50 20.68
CA VAL B 228 19.45 -2.51 19.33
C VAL B 228 20.62 -1.54 19.20
N THR B 229 20.47 -0.37 19.83
CA THR B 229 21.53 0.63 19.84
C THR B 229 22.73 0.15 20.65
N ASP B 230 22.46 -0.33 21.87
CA ASP B 230 23.52 -0.77 22.77
C ASP B 230 24.34 -1.92 22.20
N GLN B 231 23.67 -2.85 21.53
CA GLN B 231 24.35 -4.02 21.01
C GLN B 231 25.06 -3.72 19.68
N THR B 232 24.53 -2.74 18.94
CA THR B 232 25.22 -2.24 17.76
C THR B 232 26.53 -1.60 18.18
N ILE B 233 26.45 -0.78 19.22
CA ILE B 233 27.63 -0.15 19.82
C ILE B 233 28.59 -1.21 20.36
N SER B 234 28.02 -2.25 20.95
CA SER B 234 28.81 -3.38 21.45
C SER B 234 29.59 -4.04 20.31
N PHE B 235 28.92 -4.24 19.19
CA PHE B 235 29.54 -4.80 17.99
C PHE B 235 30.67 -3.89 17.52
N PHE B 236 30.41 -2.58 17.57
CA PHE B 236 31.41 -1.59 17.18
C PHE B 236 32.63 -1.63 18.10
N GLU B 237 32.39 -1.69 19.39
CA GLU B 237 33.46 -1.76 20.38
C GLU B 237 34.32 -2.99 20.15
N ASN B 238 33.69 -4.10 19.79
CA ASN B 238 34.39 -5.33 19.50
C ASN B 238 35.27 -5.19 18.25
N GLU B 239 34.80 -4.39 17.30
CA GLU B 239 35.54 -4.13 16.07
C GLU B 239 36.83 -3.38 16.32
N ILE B 240 36.79 -2.39 17.22
CA ILE B 240 37.90 -1.46 17.37
C ILE B 240 38.91 -1.88 18.45
N VAL B 241 38.76 -3.07 19.01
CA VAL B 241 39.70 -3.56 20.01
C VAL B 241 41.15 -3.59 19.48
N PRO B 242 41.39 -4.19 18.29
CA PRO B 242 42.78 -4.13 17.83
C PRO B 242 43.19 -2.74 17.35
N LEU B 243 42.20 -1.94 16.94
CA LEU B 243 42.46 -0.58 16.49
C LEU B 243 42.98 0.28 17.64
N ARG B 244 42.42 0.08 18.83
CA ARG B 244 42.87 0.80 20.01
C ARG B 244 44.22 0.29 20.50
N GLU B 245 44.43 -1.02 20.39
CA GLU B 245 45.69 -1.63 20.81
C GLU B 245 46.85 -1.22 19.93
N LEU B 246 46.70 -1.45 18.63
CA LEU B 246 47.80 -1.31 17.68
C LEU B 246 47.92 0.11 17.11
N THR B 247 46.79 0.82 17.03
CA THR B 247 46.80 2.19 16.52
C THR B 247 46.03 3.15 17.41
N PRO B 248 46.52 3.39 18.64
CA PRO B 248 45.80 4.27 19.56
C PRO B 248 45.74 5.72 19.09
N HIS B 249 46.66 6.12 18.22
CA HIS B 249 46.77 7.51 17.79
C HIS B 249 45.88 7.86 16.61
N ILE B 250 45.31 6.84 15.97
CA ILE B 250 44.48 7.07 14.79
C ILE B 250 43.01 7.23 15.17
N PRO B 251 42.44 8.41 14.88
CA PRO B 251 41.04 8.72 15.21
C PRO B 251 40.06 7.75 14.56
N ILE B 252 38.99 7.43 15.28
CA ILE B 252 37.99 6.47 14.81
C ILE B 252 36.62 7.10 14.61
N THR B 253 36.02 6.85 13.46
CA THR B 253 34.67 7.30 13.20
C THR B 253 33.82 6.22 12.54
N THR B 254 32.52 6.45 12.51
CA THR B 254 31.61 5.68 11.68
C THR B 254 30.59 6.67 11.11
N ASN B 255 30.19 6.46 9.86
CA ASN B 255 29.36 7.43 9.17
C ASN B 255 27.88 7.33 9.53
N PHE B 256 27.32 8.46 9.95
CA PHE B 256 25.91 8.53 10.32
C PHE B 256 25.04 8.80 9.09
N MET B 257 23.73 8.61 9.25
CA MET B 257 22.80 8.82 8.16
C MET B 257 21.70 9.80 8.51
N ALA B 258 20.95 10.20 7.49
CA ALA B 258 19.66 10.85 7.69
C ALA B 258 18.60 9.90 7.15
N ASP B 259 17.41 9.94 7.74
CA ASP B 259 16.33 9.06 7.28
CA ASP B 259 16.31 9.09 7.29
C ASP B 259 16.02 9.34 5.82
N THR B 260 15.75 8.27 5.08
CA THR B 260 15.54 8.23 3.64
C THR B 260 14.50 9.27 3.13
N HIS B 261 14.12 10.22 3.98
CA HIS B 261 12.88 10.95 3.76
C HIS B 261 12.77 12.21 4.64
N ASP B 262 12.64 13.37 4.00
CA ASP B 262 12.51 14.67 4.69
C ASP B 262 13.78 15.15 5.38
N LEU B 263 14.88 14.43 5.17
CA LEU B 263 16.17 14.74 5.79
C LEU B 263 16.06 14.93 7.31
N ILE B 264 15.37 14.02 7.97
CA ILE B 264 15.29 14.01 9.42
C ILE B 264 16.37 13.06 9.95
N PRO B 265 16.74 13.19 11.24
CA PRO B 265 17.77 12.29 11.80
C PRO B 265 17.41 10.82 11.64
N PHE B 266 18.43 9.98 11.44
CA PHE B 266 18.26 8.54 11.33
C PHE B 266 17.56 8.00 12.57
N GLN B 267 16.48 7.26 12.38
CA GLN B 267 15.65 6.78 13.48
CA GLN B 267 15.65 6.79 13.48
C GLN B 267 16.08 5.42 14.01
N GLY B 268 16.88 4.70 13.22
CA GLY B 268 17.28 3.36 13.59
C GLY B 268 18.20 3.24 14.80
N LEU B 269 19.01 4.27 15.03
CA LEU B 269 19.99 4.23 16.11
C LEU B 269 20.06 5.54 16.90
N ASP B 270 20.21 5.42 18.21
CA ASP B 270 20.39 6.59 19.07
C ASP B 270 21.83 7.09 18.92
N TYR B 271 22.01 8.05 18.01
CA TYR B 271 23.34 8.59 17.72
C TYR B 271 23.93 9.36 18.91
N SER B 272 23.07 9.85 19.78
CA SER B 272 23.52 10.58 20.97
C SER B 272 24.31 9.67 21.90
N LYS B 273 23.93 8.40 21.93
CA LYS B 273 24.66 7.40 22.71
C LYS B 273 25.88 6.93 21.94
N PHE B 274 25.71 6.73 20.64
CA PHE B 274 26.76 6.26 19.75
C PHE B 274 27.96 7.21 19.74
N ALA B 275 27.67 8.51 19.79
CA ALA B 275 28.68 9.55 19.64
C ALA B 275 29.78 9.49 20.70
N LYS B 276 29.42 9.03 21.90
CA LYS B 276 30.37 8.98 23.01
C LYS B 276 31.47 7.94 22.79
N HIS B 277 31.25 7.01 21.86
CA HIS B 277 32.20 5.95 21.59
C HIS B 277 33.09 6.28 20.39
N LEU B 278 32.83 7.41 19.74
CA LEU B 278 33.57 7.81 18.56
C LEU B 278 34.57 8.91 18.88
N ASP B 279 35.57 9.08 18.01
CA ASP B 279 36.53 10.17 18.15
C ASP B 279 36.01 11.42 17.47
N VAL B 280 35.51 11.25 16.25
CA VAL B 280 34.91 12.36 15.51
C VAL B 280 33.63 11.92 14.81
N ILE B 281 32.70 12.87 14.64
CA ILE B 281 31.44 12.61 13.97
C ILE B 281 31.55 12.75 12.46
N SER B 282 30.91 11.84 11.73
CA SER B 282 30.85 11.92 10.28
C SER B 282 29.50 11.42 9.78
N TRP B 283 29.00 11.99 8.68
CA TRP B 283 27.73 11.55 8.14
C TRP B 283 27.59 11.73 6.63
N ASP B 284 26.61 11.03 6.06
CA ASP B 284 26.38 11.02 4.62
C ASP B 284 25.12 11.77 4.27
N ALA B 285 25.26 12.84 3.48
CA ALA B 285 24.13 13.70 3.14
C ALA B 285 23.72 13.56 1.68
N TYR B 286 22.44 13.27 1.46
CA TYR B 286 21.92 13.18 0.10
C TYR B 286 20.58 13.93 -0.05
N PRO B 287 20.64 15.27 -0.03
CA PRO B 287 19.43 16.07 -0.21
C PRO B 287 18.89 15.95 -1.62
N ALA B 288 17.57 15.94 -1.77
CA ALA B 288 16.95 15.88 -3.09
C ALA B 288 16.85 17.27 -3.70
N TRP B 289 18.00 17.81 -4.11
CA TRP B 289 18.03 19.15 -4.69
C TRP B 289 17.17 19.24 -5.95
N HIS B 290 16.58 20.41 -6.15
CA HIS B 290 15.76 20.71 -7.32
C HIS B 290 14.48 19.86 -7.40
N ASN B 291 13.99 19.40 -6.26
CA ASN B 291 12.70 18.72 -6.23
C ASN B 291 11.57 19.73 -6.41
N ASP B 292 10.35 19.24 -6.58
CA ASP B 292 9.23 20.13 -6.91
C ASP B 292 8.18 20.22 -5.81
N TRP B 293 8.58 20.02 -4.56
CA TRP B 293 7.64 20.11 -3.45
C TRP B 293 8.09 21.12 -2.40
N GLU B 294 9.27 21.69 -2.60
CA GLU B 294 9.79 22.68 -1.66
C GLU B 294 10.83 23.56 -2.36
N SER B 295 11.06 24.75 -1.81
CA SER B 295 12.07 25.66 -2.35
C SER B 295 13.46 25.15 -2.00
N THR B 296 14.45 25.62 -2.76
CA THR B 296 15.84 25.28 -2.50
C THR B 296 16.26 25.72 -1.10
N ALA B 297 15.72 26.85 -0.66
CA ALA B 297 16.01 27.40 0.66
C ALA B 297 15.51 26.49 1.78
N ASP B 298 14.30 25.97 1.62
CA ASP B 298 13.71 25.06 2.60
C ASP B 298 14.60 23.84 2.81
N LEU B 299 15.03 23.24 1.70
CA LEU B 299 15.89 22.07 1.74
C LEU B 299 17.24 22.40 2.38
N ALA B 300 17.81 23.54 2.01
CA ALA B 300 19.08 23.99 2.56
C ALA B 300 18.97 24.19 4.07
N MET B 301 17.81 24.68 4.51
CA MET B 301 17.56 24.88 5.93
C MET B 301 17.54 23.54 6.67
N LYS B 302 16.97 22.53 6.04
CA LYS B 302 16.93 21.19 6.60
C LYS B 302 18.34 20.62 6.74
N VAL B 303 19.16 20.85 5.72
CA VAL B 303 20.55 20.41 5.73
C VAL B 303 21.31 21.08 6.88
N GLY B 304 21.09 22.39 7.03
CA GLY B 304 21.70 23.14 8.09
C GLY B 304 21.31 22.62 9.46
N PHE B 305 20.06 22.18 9.58
CA PHE B 305 19.55 21.64 10.83
C PHE B 305 20.29 20.37 11.23
N ILE B 306 20.40 19.42 10.31
CA ILE B 306 21.07 18.16 10.57
C ILE B 306 22.55 18.39 10.90
N ASN B 307 23.19 19.28 10.15
CA ASN B 307 24.57 19.67 10.42
C ASN B 307 24.74 20.21 11.83
N ASP B 308 23.80 21.04 12.25
CA ASP B 308 23.86 21.66 13.58
C ASP B 308 23.60 20.63 14.68
N LEU B 309 22.97 19.51 14.31
CA LEU B 309 22.72 18.43 15.26
C LEU B 309 23.94 17.54 15.41
N TYR B 310 24.52 17.15 14.28
CA TYR B 310 25.62 16.19 14.28
C TYR B 310 26.94 16.84 14.71
N ARG B 311 27.11 18.12 14.42
CA ARG B 311 28.30 18.84 14.86
C ARG B 311 28.29 19.01 16.37
N SER B 312 27.10 19.22 16.93
CA SER B 312 26.96 19.52 18.35
C SER B 312 27.11 18.30 19.25
N LEU B 313 27.26 17.12 18.64
CA LEU B 313 27.49 15.90 19.41
C LEU B 313 28.85 15.94 20.08
N LYS B 314 29.76 16.74 19.54
CA LYS B 314 31.09 16.92 20.10
C LYS B 314 31.53 18.38 20.00
N GLN B 315 32.52 18.77 20.81
CA GLN B 315 33.03 20.13 20.80
C GLN B 315 34.11 20.30 19.75
N GLN B 316 33.77 20.00 18.50
CA GLN B 316 34.74 19.96 17.41
C GLN B 316 34.02 19.91 16.06
N PRO B 317 34.74 20.23 14.97
CA PRO B 317 34.18 20.07 13.63
C PRO B 317 33.78 18.62 13.34
N PHE B 318 32.87 18.43 12.39
CA PHE B 318 32.52 17.08 11.94
C PHE B 318 33.11 16.84 10.56
N LEU B 319 32.88 15.65 10.03
CA LEU B 319 33.40 15.31 8.71
C LEU B 319 32.29 14.86 7.76
N LEU B 320 32.03 15.62 6.71
CA LEU B 320 31.14 15.15 5.67
C LEU B 320 31.80 13.93 5.02
N MET B 321 31.31 12.75 5.36
CA MET B 321 31.92 11.51 4.92
C MET B 321 31.44 11.11 3.52
N ALA B 322 30.24 11.54 3.17
CA ALA B 322 29.70 11.22 1.86
C ALA B 322 28.61 12.19 1.40
N CYS B 323 28.66 12.53 0.12
CA CYS B 323 27.59 13.23 -0.57
C CYS B 323 27.75 12.89 -2.04
N THR B 324 26.82 13.32 -2.88
CA THR B 324 26.97 13.08 -4.30
C THR B 324 27.36 14.38 -5.03
N PRO B 325 28.35 14.27 -5.94
CA PRO B 325 28.78 15.42 -6.74
C PRO B 325 27.79 15.76 -7.85
N SER B 326 26.76 14.94 -7.99
CA SER B 326 25.76 15.15 -9.05
C SER B 326 24.39 14.61 -8.66
N LEU B 327 24.24 13.29 -8.72
CA LEU B 327 22.95 12.66 -8.45
C LEU B 327 23.11 11.33 -7.74
N VAL B 328 22.02 10.84 -7.16
CA VAL B 328 22.02 9.50 -6.55
C VAL B 328 21.28 8.53 -7.47
N ASN B 329 21.13 7.30 -7.02
CA ASN B 329 20.51 6.26 -7.85
C ASN B 329 19.19 5.77 -7.29
N TRP B 330 18.94 6.03 -6.02
CA TRP B 330 17.86 5.35 -5.30
C TRP B 330 16.66 6.23 -4.94
N HIS B 331 16.68 7.50 -5.36
CA HIS B 331 15.52 8.37 -5.13
C HIS B 331 14.41 8.05 -6.12
N LYS B 332 13.20 8.49 -5.82
CA LYS B 332 12.07 8.32 -6.72
CA LYS B 332 12.07 8.32 -6.72
C LYS B 332 12.35 9.02 -8.05
N VAL B 333 12.94 10.21 -7.96
CA VAL B 333 13.35 10.97 -9.12
C VAL B 333 14.81 11.38 -8.98
N ASN B 334 15.69 10.69 -9.70
CA ASN B 334 17.12 10.93 -9.58
C ASN B 334 17.59 12.08 -10.46
N LYS B 335 17.40 13.30 -9.96
CA LYS B 335 17.76 14.51 -10.68
C LYS B 335 19.12 15.02 -10.21
N ALA B 336 19.97 15.40 -11.16
CA ALA B 336 21.33 15.83 -10.85
C ALA B 336 21.40 17.30 -10.46
N LYS B 337 22.43 17.65 -9.70
CA LYS B 337 22.68 19.03 -9.31
C LYS B 337 22.88 19.93 -10.53
N ARG B 338 22.19 21.07 -10.53
CA ARG B 338 22.38 22.07 -11.57
C ARG B 338 23.75 22.72 -11.43
N PRO B 339 24.26 23.33 -12.51
CA PRO B 339 25.55 24.03 -12.42
C PRO B 339 25.59 25.06 -11.30
N GLY B 340 26.59 24.93 -10.41
CA GLY B 340 26.73 25.84 -9.30
C GLY B 340 26.22 25.28 -7.98
N MET B 341 25.30 24.32 -8.07
CA MET B 341 24.67 23.77 -6.87
C MET B 341 25.63 22.93 -6.03
N HIS B 342 26.51 22.19 -6.69
CA HIS B 342 27.47 21.37 -5.97
C HIS B 342 28.44 22.21 -5.15
N PHE B 343 28.95 23.28 -5.76
CA PHE B 343 29.83 24.21 -5.08
C PHE B 343 29.11 24.86 -3.91
N LEU B 344 27.84 25.21 -4.13
CA LEU B 344 27.02 25.86 -3.12
C LEU B 344 26.74 24.94 -1.92
N SER B 345 26.41 23.69 -2.19
CA SER B 345 26.12 22.73 -1.12
C SER B 345 27.38 22.37 -0.35
N SER B 346 28.52 22.32 -1.04
CA SER B 346 29.80 22.02 -0.41
C SER B 346 30.21 23.14 0.55
N MET B 347 30.07 24.39 0.10
CA MET B 347 30.39 25.54 0.93
C MET B 347 29.51 25.60 2.17
N GLN B 348 28.24 25.20 2.01
CA GLN B 348 27.32 25.16 3.15
C GLN B 348 27.79 24.16 4.19
N MET B 349 28.30 23.02 3.72
CA MET B 349 28.82 21.99 4.59
C MET B 349 29.98 22.51 5.42
N ILE B 350 30.89 23.23 4.79
CA ILE B 350 32.01 23.84 5.49
C ILE B 350 31.51 24.88 6.48
N ALA B 351 30.55 25.69 6.05
CA ALA B 351 30.02 26.78 6.86
C ALA B 351 29.41 26.29 8.17
N HIS B 352 28.87 25.09 8.16
CA HIS B 352 28.23 24.54 9.36
C HIS B 352 29.16 23.66 10.19
N GLY B 353 30.43 23.59 9.80
CA GLY B 353 31.44 22.97 10.63
C GLY B 353 32.11 21.71 10.13
N SER B 354 32.02 21.44 8.83
CA SER B 354 32.70 20.28 8.27
C SER B 354 34.13 20.63 7.87
N ASP B 355 35.07 19.75 8.18
CA ASP B 355 36.45 19.91 7.75
C ASP B 355 36.76 18.96 6.59
N SER B 356 35.73 18.60 5.85
CA SER B 356 35.89 17.68 4.74
C SER B 356 34.74 17.77 3.74
N ILE B 357 35.07 17.59 2.46
CA ILE B 357 34.06 17.37 1.44
C ILE B 357 34.37 16.05 0.76
N LEU B 358 33.72 14.98 1.21
CA LEU B 358 33.96 13.65 0.69
C LEU B 358 32.75 13.11 -0.06
N TYR B 359 33.00 12.38 -1.14
CA TYR B 359 31.91 11.91 -1.99
C TYR B 359 31.75 10.39 -2.01
N PHE B 360 30.54 9.97 -2.34
CA PHE B 360 30.33 8.70 -3.00
C PHE B 360 29.91 9.14 -4.41
N GLN B 361 30.73 8.85 -5.43
CA GLN B 361 31.69 7.77 -5.29
C GLN B 361 32.90 8.56 -5.81
N TRP B 362 34.06 7.93 -5.96
CA TRP B 362 35.11 8.48 -6.83
C TRP B 362 34.83 8.15 -8.31
N ARG B 363 34.68 6.86 -8.58
CA ARG B 363 34.38 6.38 -9.94
C ARG B 363 33.16 5.49 -9.94
N LYS B 364 32.24 5.75 -10.89
CA LYS B 364 31.01 4.97 -10.98
C LYS B 364 31.27 3.49 -11.17
N SER B 365 30.59 2.67 -10.37
CA SER B 365 30.62 1.23 -10.56
C SER B 365 30.07 0.91 -11.95
N ARG B 366 30.70 -0.02 -12.65
CA ARG B 366 30.28 -0.33 -14.02
C ARG B 366 28.97 -1.11 -14.02
N GLY B 367 28.73 -1.87 -12.98
CA GLY B 367 27.52 -2.67 -12.88
C GLY B 367 26.89 -2.65 -11.50
N SER B 368 25.86 -3.47 -11.33
CA SER B 368 25.15 -3.66 -10.06
C SER B 368 24.36 -2.43 -9.61
N PHE B 369 23.90 -2.46 -8.37
CA PHE B 369 22.85 -1.58 -7.86
C PHE B 369 23.11 -0.08 -7.99
N GLU B 370 24.35 0.34 -7.81
CA GLU B 370 24.67 1.77 -7.80
C GLU B 370 25.55 2.19 -8.96
N LYS B 371 25.33 1.58 -10.12
CA LYS B 371 26.15 1.88 -11.30
C LYS B 371 25.78 3.23 -11.91
N PHE B 372 24.64 3.77 -11.51
CA PHE B 372 24.20 5.07 -12.00
C PHE B 372 24.23 6.13 -10.90
N HIS B 373 24.76 5.77 -9.75
CA HIS B 373 24.98 6.73 -8.67
C HIS B 373 26.07 7.69 -9.08
N GLY B 374 25.94 8.96 -8.70
CA GLY B 374 26.89 9.98 -9.07
C GLY B 374 28.29 9.72 -8.54
N ALA B 375 29.29 10.19 -9.27
CA ALA B 375 30.68 10.05 -8.87
C ALA B 375 31.51 11.15 -9.54
N VAL B 376 32.76 11.28 -9.10
CA VAL B 376 33.67 12.25 -9.70
C VAL B 376 33.93 11.86 -11.16
N VAL B 377 34.05 10.57 -11.41
CA VAL B 377 34.34 10.07 -12.75
C VAL B 377 33.22 9.19 -13.30
N ASP B 378 32.66 9.61 -14.43
CA ASP B 378 31.57 8.88 -15.09
C ASP B 378 32.14 7.69 -15.87
N HIS B 379 31.25 6.90 -16.47
CA HIS B 379 31.65 5.79 -17.32
C HIS B 379 32.44 6.26 -18.54
N ASP B 380 32.27 7.53 -18.91
CA ASP B 380 32.94 8.07 -20.08
C ASP B 380 34.42 8.33 -19.81
N ASN B 381 34.80 8.26 -18.54
CA ASN B 381 36.18 8.46 -18.11
C ASN B 381 36.72 9.82 -18.54
N ARG B 382 35.83 10.82 -18.56
CA ARG B 382 36.18 12.15 -19.04
C ARG B 382 36.42 13.15 -17.91
N THR B 383 37.32 14.10 -18.17
CA THR B 383 37.49 15.26 -17.30
C THR B 383 36.65 16.40 -17.88
N ASP B 384 36.10 16.15 -19.05
CA ASP B 384 35.28 17.13 -19.76
C ASP B 384 33.91 17.30 -19.12
N SER B 385 33.55 16.38 -18.23
CA SER B 385 32.27 16.40 -17.55
C SER B 385 32.10 17.65 -16.68
N ARG B 386 30.88 18.17 -16.63
CA ARG B 386 30.59 19.34 -15.81
C ARG B 386 30.62 18.96 -14.33
N VAL B 387 30.42 17.68 -14.05
CA VAL B 387 30.51 17.18 -12.69
C VAL B 387 31.96 17.19 -12.23
N PHE B 388 32.85 16.69 -13.07
CA PHE B 388 34.28 16.67 -12.76
C PHE B 388 34.82 18.08 -12.59
N GLN B 389 34.40 18.98 -13.47
CA GLN B 389 34.89 20.35 -13.46
C GLN B 389 34.47 21.12 -12.20
N GLU B 390 33.26 20.86 -11.73
CA GLU B 390 32.78 21.53 -10.52
C GLU B 390 33.39 20.90 -9.27
N VAL B 391 33.71 19.61 -9.35
CA VAL B 391 34.45 18.97 -8.27
C VAL B 391 35.83 19.59 -8.16
N ALA B 392 36.47 19.81 -9.30
CA ALA B 392 37.77 20.47 -9.34
C ALA B 392 37.68 21.88 -8.79
N GLU B 393 36.60 22.58 -9.13
CA GLU B 393 36.36 23.93 -8.65
C GLU B 393 36.28 23.96 -7.13
N VAL B 394 35.59 22.98 -6.56
CA VAL B 394 35.49 22.85 -5.11
C VAL B 394 36.86 22.57 -4.50
N GLY B 395 37.61 21.67 -5.14
CA GLY B 395 38.95 21.31 -4.68
C GLY B 395 39.89 22.50 -4.62
N LYS B 396 39.83 23.36 -5.62
CA LYS B 396 40.67 24.55 -5.66
C LYS B 396 40.27 25.53 -4.56
N ALA B 397 38.98 25.64 -4.32
CA ALA B 397 38.47 26.52 -3.27
C ALA B 397 38.93 26.04 -1.91
N LEU B 398 38.78 24.74 -1.66
CA LEU B 398 39.15 24.14 -0.39
C LEU B 398 40.62 24.35 -0.03
N LYS B 399 41.48 24.35 -1.05
CA LYS B 399 42.91 24.55 -0.85
C LYS B 399 43.21 25.90 -0.20
N LYS B 400 42.39 26.90 -0.51
CA LYS B 400 42.60 28.24 0.01
C LYS B 400 41.89 28.46 1.33
N MET B 401 41.38 27.37 1.92
CA MET B 401 40.56 27.48 3.13
C MET B 401 41.12 26.68 4.30
N SER B 402 42.43 26.49 4.33
CA SER B 402 43.06 25.68 5.38
C SER B 402 42.99 26.34 6.75
N GLY B 403 42.73 27.63 6.77
CA GLY B 403 42.61 28.37 8.03
C GLY B 403 41.33 28.04 8.76
N ILE B 404 40.37 27.46 8.05
CA ILE B 404 39.07 27.14 8.62
C ILE B 404 39.12 25.79 9.35
N VAL B 405 40.10 24.97 9.00
CA VAL B 405 40.28 23.66 9.64
C VAL B 405 40.45 23.79 11.15
N GLY B 406 39.59 23.10 11.90
CA GLY B 406 39.68 23.09 13.35
C GLY B 406 38.87 24.18 14.02
N THR B 407 38.36 25.12 13.23
CA THR B 407 37.61 26.25 13.79
C THR B 407 36.22 25.83 14.27
N ASN B 408 35.86 26.30 15.45
CA ASN B 408 34.53 26.05 15.99
C ASN B 408 33.58 27.21 15.66
N ARG B 409 32.38 27.15 16.23
CA ARG B 409 31.38 28.20 16.00
C ARG B 409 30.32 28.18 17.11
N PRO B 410 30.64 28.80 18.25
CA PRO B 410 29.78 28.81 19.44
C PRO B 410 28.40 29.42 19.17
N ALA B 411 27.39 28.91 19.86
CA ALA B 411 26.03 29.41 19.70
C ALA B 411 25.43 29.76 21.05
N GLU B 412 24.53 30.74 21.05
CA GLU B 412 23.81 31.13 22.26
C GLU B 412 22.41 30.53 22.25
N VAL B 413 22.06 29.91 21.12
CA VAL B 413 20.74 29.32 20.96
C VAL B 413 20.85 27.81 20.74
N ALA B 414 20.08 27.05 21.52
CA ALA B 414 20.10 25.60 21.42
C ALA B 414 18.70 25.01 21.24
N ILE B 415 18.61 24.00 20.38
CA ILE B 415 17.36 23.26 20.20
C ILE B 415 17.56 21.83 20.66
N LEU B 416 16.76 21.40 21.64
CA LEU B 416 16.92 20.10 22.25
C LEU B 416 16.19 19.00 21.47
N TYR B 417 16.95 18.02 21.01
CA TYR B 417 16.39 16.86 20.31
C TYR B 417 16.71 15.58 21.09
N ASP B 418 15.77 14.64 21.09
CA ASP B 418 15.94 13.40 21.84
C ASP B 418 15.40 12.20 21.04
N TRP B 419 16.30 11.28 20.71
CA TRP B 419 15.94 10.11 19.90
C TRP B 419 14.96 9.19 20.59
N GLU B 420 15.16 8.96 21.89
CA GLU B 420 14.25 8.11 22.66
C GLU B 420 12.86 8.74 22.73
N ASN B 421 12.81 10.06 22.74
CA ASN B 421 11.54 10.78 22.67
C ASN B 421 10.88 10.56 21.32
N ASN B 422 11.68 10.58 20.26
CA ASN B 422 11.20 10.35 18.90
C ASN B 422 10.61 8.95 18.75
N TRP B 423 11.31 7.96 19.31
CA TRP B 423 10.84 6.58 19.31
C TRP B 423 9.51 6.44 20.04
N ALA B 424 9.45 6.97 21.25
CA ALA B 424 8.28 6.85 22.11
C ALA B 424 7.06 7.54 21.50
N LEU B 425 7.26 8.75 20.98
CA LEU B 425 6.17 9.52 20.40
C LEU B 425 5.62 8.83 19.14
N ASN B 426 6.51 8.26 18.34
CA ASN B 426 6.10 7.55 17.14
C ASN B 426 5.31 6.28 17.45
N ASP B 427 5.67 5.62 18.54
CA ASP B 427 5.03 4.36 18.93
C ASP B 427 3.71 4.58 19.66
N ALA B 428 3.54 5.77 20.22
CA ALA B 428 2.38 6.08 21.04
C ALA B 428 1.06 5.96 20.28
N GLN B 429 0.07 5.34 20.91
CA GLN B 429 -1.27 5.27 20.37
C GLN B 429 -2.10 6.45 20.86
N GLY B 430 -2.28 7.43 19.98
CA GLY B 430 -2.99 8.64 20.33
C GLY B 430 -2.61 9.75 19.37
N PHE B 431 -3.11 10.95 19.63
CA PHE B 431 -2.87 12.10 18.76
C PHE B 431 -3.25 11.75 17.32
N ALA B 432 -2.37 12.10 16.39
CA ALA B 432 -2.55 11.70 15.00
C ALA B 432 -1.20 11.29 14.41
N ALA B 433 -1.15 10.07 13.90
CA ALA B 433 0.10 9.47 13.44
C ALA B 433 0.83 10.30 12.38
N GLU B 434 0.08 10.85 11.44
CA GLU B 434 0.67 11.56 10.32
C GLU B 434 1.01 13.02 10.62
N THR B 435 0.58 13.52 11.78
CA THR B 435 0.82 14.91 12.12
C THR B 435 1.75 15.09 13.31
N LYS B 436 2.24 13.98 13.86
CA LYS B 436 3.20 14.03 14.96
C LYS B 436 4.41 14.86 14.53
N ARG B 437 5.13 14.34 13.54
CA ARG B 437 6.19 15.08 12.85
C ARG B 437 7.12 15.83 13.80
N TYR B 438 7.75 15.08 14.70
CA TYR B 438 8.58 15.66 15.76
C TYR B 438 9.86 16.32 15.25
N PRO B 439 10.65 15.64 14.39
CA PRO B 439 11.84 16.35 13.89
C PRO B 439 11.49 17.52 12.98
N GLN B 440 10.41 17.39 12.20
CA GLN B 440 9.96 18.46 11.33
C GLN B 440 9.53 19.68 12.14
N THR B 441 8.92 19.44 13.29
CA THR B 441 8.46 20.53 14.16
C THR B 441 9.65 21.30 14.73
N LEU B 442 10.72 20.59 15.04
CA LEU B 442 11.93 21.22 15.54
C LEU B 442 12.52 22.17 14.49
N VAL B 443 12.45 21.75 13.24
CA VAL B 443 12.95 22.56 12.12
C VAL B 443 12.14 23.85 12.01
N GLN B 444 10.85 23.77 12.32
CA GLN B 444 9.97 24.94 12.31
C GLN B 444 10.42 25.99 13.32
N HIS B 445 10.95 25.54 14.45
CA HIS B 445 11.47 26.44 15.47
C HIS B 445 12.88 26.87 15.12
N TYR B 446 13.48 26.17 14.18
CA TYR B 446 14.83 26.44 13.71
C TYR B 446 14.81 27.49 12.60
N ARG B 447 13.66 27.63 11.95
CA ARG B 447 13.51 28.50 10.80
C ARG B 447 13.81 29.99 11.05
N PRO B 448 13.22 30.60 12.10
CA PRO B 448 13.48 32.04 12.26
C PRO B 448 14.95 32.37 12.51
N PHE B 449 15.67 31.45 13.14
CA PHE B 449 17.08 31.66 13.43
C PHE B 449 17.94 31.48 12.19
N TRP B 450 17.50 30.59 11.29
CA TRP B 450 18.21 30.34 10.05
C TRP B 450 17.99 31.48 9.07
N GLU B 451 16.79 32.06 9.11
CA GLU B 451 16.46 33.20 8.26
C GLU B 451 17.15 34.47 8.76
N ARG B 452 17.57 34.45 10.01
CA ARG B 452 18.23 35.60 10.63
C ARG B 452 19.73 35.38 10.80
N ASP B 453 20.22 34.26 10.27
CA ASP B 453 21.64 33.92 10.30
C ASP B 453 22.18 33.81 11.73
N ILE B 454 21.32 33.43 12.66
CA ILE B 454 21.73 33.26 14.05
C ILE B 454 22.17 31.81 14.31
N PRO B 455 23.42 31.65 14.79
CA PRO B 455 24.03 30.33 15.01
C PRO B 455 23.25 29.48 16.01
N VAL B 456 22.95 28.24 15.62
CA VAL B 456 22.19 27.33 16.47
C VAL B 456 22.91 26.02 16.69
N ASP B 457 22.91 25.54 17.93
CA ASP B 457 23.34 24.18 18.23
C ASP B 457 22.11 23.31 18.49
N VAL B 458 22.02 22.19 17.78
CA VAL B 458 20.94 21.24 18.06
C VAL B 458 21.51 20.14 18.94
N ILE B 459 21.15 20.17 20.22
CA ILE B 459 21.79 19.33 21.23
C ILE B 459 20.91 18.19 21.72
N THR B 460 21.53 17.28 22.46
CA THR B 460 20.82 16.21 23.14
C THR B 460 20.96 16.41 24.66
N LYS B 461 20.38 15.51 25.45
CA LYS B 461 20.27 15.77 26.88
C LYS B 461 21.56 15.59 27.69
N GLU B 462 22.56 14.90 27.13
CA GLU B 462 23.83 14.79 27.83
C GLU B 462 24.74 15.97 27.50
N HIS B 463 24.26 16.86 26.63
CA HIS B 463 24.95 18.09 26.32
C HIS B 463 24.70 19.10 27.44
N ASP B 464 25.67 19.98 27.68
CA ASP B 464 25.51 21.01 28.71
C ASP B 464 24.53 22.08 28.26
N PHE B 465 23.70 22.55 29.18
CA PHE B 465 22.69 23.57 28.88
C PHE B 465 23.16 24.97 29.27
N SER B 466 24.10 25.03 30.20
CA SER B 466 24.46 26.27 30.89
CA SER B 466 24.46 26.28 30.89
C SER B 466 25.02 27.38 29.98
N ARG B 467 25.64 27.01 28.87
CA ARG B 467 26.32 27.98 28.02
CA ARG B 467 26.31 28.00 28.05
C ARG B 467 25.36 28.75 27.12
N TYR B 468 24.12 28.27 27.01
CA TYR B 468 23.15 28.91 26.12
C TYR B 468 22.23 29.89 26.84
N LYS B 469 21.90 30.98 26.15
CA LYS B 469 20.92 31.94 26.65
C LYS B 469 19.50 31.42 26.41
N LEU B 470 19.32 30.73 25.29
CA LEU B 470 18.02 30.27 24.87
C LEU B 470 18.01 28.77 24.57
N LEU B 471 17.14 28.04 25.26
CA LEU B 471 16.96 26.61 25.00
C LEU B 471 15.54 26.33 24.54
N ILE B 472 15.42 25.72 23.36
CA ILE B 472 14.12 25.39 22.80
C ILE B 472 13.92 23.88 22.78
N ALA B 473 12.84 23.42 23.42
CA ALA B 473 12.56 21.99 23.51
C ALA B 473 11.13 21.68 23.12
N PRO B 474 10.85 21.64 21.80
CA PRO B 474 9.50 21.36 21.30
C PRO B 474 9.11 19.89 21.48
N MET B 475 7.87 19.67 21.90
CA MET B 475 7.29 18.32 21.99
C MET B 475 8.17 17.32 22.74
N LEU B 476 8.66 17.72 23.91
CA LEU B 476 9.44 16.79 24.74
C LEU B 476 8.48 15.84 25.46
N TYR B 477 7.79 15.03 24.67
CA TYR B 477 6.79 14.09 25.14
C TYR B 477 7.33 13.16 26.21
N LEU B 478 8.50 12.56 25.94
CA LEU B 478 9.17 11.72 26.92
C LEU B 478 10.29 12.50 27.60
N VAL B 479 10.26 12.52 28.93
CA VAL B 479 11.30 13.21 29.69
C VAL B 479 11.43 12.63 31.11
N SER B 480 12.66 12.45 31.56
CA SER B 480 12.93 11.91 32.88
C SER B 480 12.96 13.01 33.94
N GLU B 481 12.85 12.61 35.20
CA GLU B 481 12.89 13.56 36.31
C GLU B 481 14.24 14.26 36.37
N GLU B 482 15.29 13.54 35.97
CA GLU B 482 16.64 14.09 35.96
CA GLU B 482 16.64 14.07 35.94
C GLU B 482 16.77 15.20 34.91
N THR B 483 16.22 14.96 33.73
CA THR B 483 16.25 15.96 32.67
C THR B 483 15.43 17.18 33.07
N ILE B 484 14.27 16.94 33.68
CA ILE B 484 13.43 18.02 34.20
C ILE B 484 14.17 18.88 35.20
N ALA B 485 14.86 18.23 36.13
CA ALA B 485 15.61 18.93 37.17
C ALA B 485 16.69 19.81 36.58
N ARG B 486 17.34 19.32 35.52
CA ARG B 486 18.39 20.08 34.84
C ARG B 486 17.79 21.26 34.10
N LEU B 487 16.57 21.10 33.61
CA LEU B 487 15.86 22.19 32.94
C LEU B 487 15.44 23.25 33.94
N LYS B 488 15.00 22.81 35.13
CA LYS B 488 14.61 23.73 36.18
C LYS B 488 15.83 24.55 36.62
N GLU B 489 16.96 23.88 36.74
CA GLU B 489 18.21 24.53 37.11
C GLU B 489 18.65 25.52 36.03
N PHE B 490 18.44 25.16 34.78
CA PHE B 490 18.80 26.00 33.65
C PHE B 490 18.04 27.32 33.66
N VAL B 491 16.74 27.24 33.92
CA VAL B 491 15.90 28.43 33.98
C VAL B 491 16.23 29.28 35.21
N ALA B 492 16.34 28.62 36.36
CA ALA B 492 16.59 29.31 37.62
C ALA B 492 17.89 30.12 37.60
N ASN B 493 18.85 29.68 36.81
CA ASN B 493 20.15 30.34 36.74
C ASN B 493 20.20 31.46 35.69
N GLY B 494 19.09 31.68 35.00
CA GLY B 494 19.01 32.79 34.07
C GLY B 494 18.72 32.41 32.62
N GLY B 495 18.57 31.11 32.36
CA GLY B 495 18.30 30.64 31.01
C GLY B 495 16.86 30.86 30.60
N THR B 496 16.65 31.09 29.31
CA THR B 496 15.30 31.21 28.76
C THR B 496 14.90 29.90 28.08
N LEU B 497 13.81 29.30 28.53
CA LEU B 497 13.36 28.02 28.00
C LEU B 497 12.03 28.12 27.28
N VAL B 498 11.93 27.45 26.14
CA VAL B 498 10.68 27.37 25.39
C VAL B 498 10.26 25.92 25.21
N MET B 499 9.04 25.62 25.63
CA MET B 499 8.46 24.30 25.39
C MET B 499 7.11 24.44 24.72
N THR B 500 6.62 23.34 24.16
CA THR B 500 5.37 23.37 23.42
C THR B 500 4.38 22.32 23.88
N TYR B 501 3.26 22.26 23.15
CA TYR B 501 2.29 21.18 23.26
C TYR B 501 2.98 19.81 23.22
N ILE B 502 2.38 18.85 23.93
CA ILE B 502 2.88 17.47 23.97
C ILE B 502 4.35 17.40 24.43
N SER B 503 4.67 18.16 25.47
CA SER B 503 5.94 17.98 26.16
C SER B 503 5.67 17.14 27.40
N GLY B 504 6.67 16.96 28.26
CA GLY B 504 6.56 16.21 29.50
C GLY B 504 5.31 15.41 29.87
N ILE B 505 4.84 14.54 28.98
CA ILE B 505 3.68 13.69 29.24
C ILE B 505 4.10 12.38 29.90
N VAL B 506 5.31 11.93 29.59
CA VAL B 506 5.71 10.56 29.81
C VAL B 506 7.15 10.48 30.36
N ASP B 507 7.44 9.47 31.18
CA ASP B 507 8.81 9.32 31.70
C ASP B 507 9.63 8.40 30.79
N GLU B 508 10.83 8.03 31.22
CA GLU B 508 11.75 7.28 30.37
C GLU B 508 11.28 5.86 30.07
N HIS B 509 10.20 5.43 30.71
CA HIS B 509 9.64 4.09 30.46
C HIS B 509 8.37 4.17 29.63
N ASP B 510 8.13 5.33 29.03
CA ASP B 510 6.85 5.66 28.38
C ASP B 510 5.71 5.44 29.36
N LEU B 511 5.94 5.80 30.62
CA LEU B 511 4.94 5.69 31.67
C LEU B 511 4.37 7.08 31.96
N ALA B 512 3.05 7.18 31.94
CA ALA B 512 2.39 8.48 32.08
C ALA B 512 2.55 9.08 33.48
N TYR B 513 3.00 10.33 33.54
CA TYR B 513 3.06 11.06 34.78
C TYR B 513 1.66 11.24 35.36
N LEU B 514 1.49 10.92 36.64
CA LEU B 514 0.17 10.95 37.26
C LEU B 514 -0.05 12.17 38.15
N GLY B 515 -1.31 12.52 38.35
CA GLY B 515 -1.69 13.57 39.29
C GLY B 515 -1.43 14.98 38.78
N GLY B 516 -1.58 15.17 37.47
CA GLY B 516 -1.29 16.45 36.86
C GLY B 516 0.16 16.46 36.45
N TRP B 517 0.66 17.61 36.06
CA TRP B 517 2.02 17.70 35.57
C TRP B 517 3.03 17.85 36.69
N HIS B 518 4.25 17.42 36.42
CA HIS B 518 5.34 17.42 37.39
C HIS B 518 5.48 18.79 38.04
N GLN B 519 5.68 18.80 39.35
CA GLN B 519 5.69 20.03 40.12
C GLN B 519 6.70 21.03 39.60
N ASP B 520 7.87 20.54 39.19
CA ASP B 520 8.93 21.39 38.67
C ASP B 520 8.49 22.16 37.43
N LEU B 521 7.99 21.44 36.44
CA LEU B 521 7.52 22.06 35.21
C LEU B 521 6.41 23.06 35.47
N ARG B 522 5.55 22.74 36.44
CA ARG B 522 4.45 23.61 36.80
C ARG B 522 4.95 24.90 37.45
N GLU B 523 6.00 24.77 38.25
CA GLU B 523 6.63 25.95 38.88
C GLU B 523 7.31 26.83 37.84
N MET B 524 8.10 26.20 36.97
CA MET B 524 8.88 26.91 35.96
C MET B 524 8.01 27.71 35.00
N PHE B 525 6.95 27.09 34.51
CA PHE B 525 6.13 27.68 33.46
C PHE B 525 4.95 28.47 33.99
N GLY B 526 4.68 28.35 35.29
CA GLY B 526 3.59 29.07 35.93
C GLY B 526 2.22 28.68 35.39
N MET B 527 2.15 27.49 34.79
CA MET B 527 0.91 26.97 34.24
C MET B 527 1.00 25.45 34.12
N GLU B 528 0.01 24.85 33.47
CA GLU B 528 0.05 23.43 33.15
C GLU B 528 -1.01 23.08 32.11
N PRO B 529 -0.68 22.15 31.21
CA PRO B 529 -1.65 21.63 30.24
C PRO B 529 -2.64 20.68 30.91
N ILE B 530 -3.89 20.68 30.44
CA ILE B 530 -4.90 19.79 31.01
C ILE B 530 -5.63 19.00 29.92
N GLU B 531 -5.41 19.38 28.67
CA GLU B 531 -5.98 18.65 27.54
C GLU B 531 -5.27 18.94 26.23
N THR B 532 -4.91 17.86 25.52
CA THR B 532 -4.37 17.98 24.18
C THR B 532 -5.45 17.71 23.16
N ASP B 533 -5.73 18.69 22.30
CA ASP B 533 -6.76 18.56 21.28
C ASP B 533 -6.15 18.21 19.92
N THR B 534 -6.49 17.03 19.41
CA THR B 534 -5.98 16.59 18.12
C THR B 534 -6.97 16.91 17.02
N LEU B 535 -6.51 17.60 15.97
CA LEU B 535 -7.39 18.09 14.92
C LEU B 535 -7.30 17.30 13.63
N TYR B 536 -8.38 17.32 12.86
CA TYR B 536 -8.41 16.72 11.53
C TYR B 536 -7.76 17.67 10.54
N PRO B 537 -7.33 17.15 9.37
CA PRO B 537 -6.64 17.96 8.36
C PRO B 537 -7.36 19.25 7.97
N ARG B 538 -8.69 19.24 8.01
CA ARG B 538 -9.45 20.42 7.60
C ARG B 538 -9.82 21.30 8.80
N ASP B 539 -9.55 20.81 10.01
CA ASP B 539 -9.80 21.59 11.21
C ASP B 539 -8.82 22.75 11.32
N ARG B 540 -9.31 23.91 11.75
CA ARG B 540 -8.47 25.08 11.95
C ARG B 540 -8.79 25.79 13.24
N ASN B 541 -7.81 26.51 13.76
CA ASN B 541 -8.03 27.46 14.85
C ASN B 541 -7.06 28.61 14.63
N SER B 542 -7.02 29.54 15.58
CA SER B 542 -6.06 30.63 15.49
C SER B 542 -5.70 31.16 16.87
N VAL B 543 -4.49 31.70 16.97
CA VAL B 543 -4.02 32.28 18.22
C VAL B 543 -3.71 33.75 18.01
N HIS B 544 -4.30 34.61 18.84
CA HIS B 544 -4.04 36.04 18.76
C HIS B 544 -2.86 36.40 19.66
N TYR B 545 -1.83 36.96 19.05
CA TYR B 545 -0.57 37.24 19.75
C TYR B 545 0.11 38.47 19.18
N ARG B 546 0.39 39.44 20.06
CA ARG B 546 1.04 40.69 19.68
C ARG B 546 0.36 41.39 18.50
N GLY B 547 -0.97 41.43 18.54
CA GLY B 547 -1.74 42.17 17.55
C GLY B 547 -2.02 41.43 16.26
N ARG B 548 -1.68 40.15 16.21
CA ARG B 548 -1.89 39.36 14.99
C ARG B 548 -2.49 37.99 15.30
N SER B 549 -3.39 37.53 14.43
CA SER B 549 -3.95 36.19 14.53
C SER B 549 -3.18 35.24 13.63
N TYR B 550 -2.72 34.13 14.21
CA TYR B 550 -1.92 33.16 13.47
C TYR B 550 -2.66 31.83 13.36
N GLU B 551 -2.60 31.22 12.18
CA GLU B 551 -3.33 29.98 11.93
C GLU B 551 -2.80 28.83 12.77
N LEU B 552 -3.72 28.03 13.31
CA LEU B 552 -3.37 26.85 14.09
C LEU B 552 -3.82 25.58 13.38
N LYS B 553 -2.96 24.57 13.38
CA LYS B 553 -3.31 23.28 12.79
C LYS B 553 -2.86 22.13 13.68
N ASP B 554 -3.43 20.95 13.43
CA ASP B 554 -3.01 19.68 14.03
C ASP B 554 -3.24 19.57 15.54
N TYR B 555 -2.61 20.44 16.33
CA TYR B 555 -2.67 20.30 17.77
C TYR B 555 -2.91 21.61 18.52
N ALA B 556 -3.66 21.51 19.61
CA ALA B 556 -3.90 22.63 20.50
C ALA B 556 -3.92 22.14 21.94
N THR B 557 -3.67 23.05 22.89
CA THR B 557 -3.63 22.67 24.30
C THR B 557 -4.46 23.58 25.18
N VAL B 558 -5.41 22.99 25.91
CA VAL B 558 -6.16 23.73 26.91
C VAL B 558 -5.24 23.94 28.13
N ILE B 559 -5.13 25.18 28.57
CA ILE B 559 -4.14 25.55 29.58
C ILE B 559 -4.75 26.07 30.87
N LYS B 560 -4.26 25.56 31.99
CA LYS B 560 -4.62 26.07 33.31
C LYS B 560 -3.53 27.02 33.80
N ILE B 561 -3.90 28.29 34.02
CA ILE B 561 -2.94 29.32 34.40
C ILE B 561 -2.76 29.43 35.90
N HIS B 562 -1.51 29.58 36.33
CA HIS B 562 -1.21 29.87 37.72
C HIS B 562 -0.58 31.25 37.87
N ALA B 563 0.77 31.31 37.82
CA ALA B 563 1.45 32.59 37.99
C ALA B 563 1.90 33.19 36.66
N ALA B 564 1.74 32.43 35.58
CA ALA B 564 2.25 32.83 34.28
C ALA B 564 1.48 34.00 33.67
N THR B 565 2.14 34.73 32.77
CA THR B 565 1.53 35.80 32.02
C THR B 565 0.98 35.27 30.69
N VAL B 566 -0.26 35.61 30.37
CA VAL B 566 -0.88 35.15 29.13
C VAL B 566 -0.49 36.06 27.96
N GLU B 567 0.24 35.50 27.02
CA GLU B 567 0.76 36.26 25.89
C GLU B 567 -0.10 36.06 24.64
N GLY B 568 -0.82 34.95 24.58
CA GLY B 568 -1.65 34.65 23.43
C GLY B 568 -2.86 33.81 23.81
N VAL B 569 -3.95 33.97 23.05
CA VAL B 569 -5.19 33.25 23.31
C VAL B 569 -5.75 32.60 22.06
N TYR B 570 -6.47 31.49 22.23
CA TYR B 570 -7.18 30.86 21.13
C TYR B 570 -8.38 31.72 20.75
N GLU B 571 -8.86 31.58 19.52
CA GLU B 571 -9.94 32.43 19.04
C GLU B 571 -11.16 31.63 18.56
N ASP B 572 -11.03 30.31 18.50
CA ASP B 572 -12.12 29.46 18.04
C ASP B 572 -12.33 28.25 18.95
N ASP B 573 -13.34 27.44 18.61
CA ASP B 573 -13.67 26.21 19.32
C ASP B 573 -14.08 26.46 20.78
N PHE B 574 -14.26 25.38 21.54
CA PHE B 574 -14.81 25.48 22.88
C PHE B 574 -13.83 26.09 23.88
N TYR B 575 -12.57 26.20 23.48
CA TYR B 575 -11.57 26.85 24.32
C TYR B 575 -11.17 28.20 23.74
N ALA B 576 -12.12 28.85 23.07
CA ALA B 576 -11.90 30.18 22.54
C ALA B 576 -11.63 31.17 23.68
N ASP B 577 -10.74 32.13 23.43
CA ASP B 577 -10.39 33.16 24.39
C ASP B 577 -9.78 32.60 25.68
N THR B 578 -9.14 31.44 25.57
CA THR B 578 -8.39 30.86 26.68
C THR B 578 -6.90 30.91 26.33
N PRO B 579 -6.02 30.91 27.35
CA PRO B 579 -4.57 31.03 27.11
C PRO B 579 -3.99 30.01 26.13
N ALA B 580 -3.15 30.48 25.22
CA ALA B 580 -2.52 29.63 24.22
C ALA B 580 -1.01 29.75 24.29
N VAL B 581 -0.52 30.95 24.58
CA VAL B 581 0.90 31.21 24.72
C VAL B 581 1.18 31.90 26.05
N THR B 582 2.14 31.37 26.81
CA THR B 582 2.42 31.90 28.14
C THR B 582 3.90 32.21 28.36
N SER B 583 4.16 33.07 29.34
CA SER B 583 5.51 33.36 29.78
C SER B 583 5.54 33.47 31.29
N ASN B 584 6.61 32.99 31.91
CA ASN B 584 6.70 33.01 33.37
C ASN B 584 8.12 33.22 33.86
N GLN B 585 8.30 34.21 34.72
CA GLN B 585 9.58 34.46 35.36
C GLN B 585 9.83 33.41 36.44
N TYR B 586 10.95 32.70 36.31
CA TYR B 586 11.31 31.68 37.29
C TYR B 586 12.77 31.81 37.69
N GLY B 587 13.01 32.20 38.94
CA GLY B 587 14.35 32.46 39.41
C GLY B 587 14.94 33.65 38.67
N LYS B 588 16.11 33.45 38.06
CA LYS B 588 16.76 34.51 37.30
C LYS B 588 16.40 34.43 35.82
N GLY B 589 15.68 33.38 35.45
CA GLY B 589 15.35 33.16 34.04
C GLY B 589 13.87 33.21 33.72
N GLN B 590 13.51 32.66 32.56
CA GLN B 590 12.15 32.76 32.05
C GLN B 590 11.75 31.51 31.27
N ALA B 591 10.46 31.16 31.33
CA ALA B 591 9.97 29.97 30.64
C ALA B 591 8.72 30.27 29.81
N TYR B 592 8.78 29.94 28.53
CA TYR B 592 7.66 30.16 27.61
C TYR B 592 6.98 28.83 27.22
N TYR B 593 5.67 28.87 27.08
CA TYR B 593 4.93 27.69 26.62
C TYR B 593 4.05 28.03 25.42
N ILE B 594 4.21 27.25 24.34
CA ILE B 594 3.42 27.43 23.13
C ILE B 594 2.46 26.26 22.95
N GLY B 595 1.19 26.49 23.24
CA GLY B 595 0.21 25.41 23.32
C GLY B 595 -0.35 24.88 22.02
N GLY B 596 -0.01 25.52 20.90
CA GLY B 596 -0.53 25.11 19.61
C GLY B 596 0.47 25.17 18.48
N ARG B 597 0.25 24.37 17.46
CA ARG B 597 1.10 24.38 16.27
C ARG B 597 0.67 25.51 15.33
N LEU B 598 1.50 26.55 15.24
CA LEU B 598 1.14 27.76 14.52
C LEU B 598 1.98 27.94 13.26
N GLU B 599 1.49 28.78 12.35
CA GLU B 599 2.16 29.03 11.08
C GLU B 599 3.55 29.64 11.28
N ASP B 600 4.35 29.62 10.22
CA ASP B 600 5.73 30.09 10.28
C ASP B 600 5.87 31.51 10.83
N GLN B 601 4.96 32.38 10.45
CA GLN B 601 5.05 33.80 10.81
C GLN B 601 5.01 34.03 12.32
N PHE B 602 4.30 33.16 13.04
CA PHE B 602 4.28 33.24 14.49
C PHE B 602 5.67 33.01 15.05
N HIS B 603 6.32 31.95 14.58
CA HIS B 603 7.66 31.61 15.04
C HIS B 603 8.64 32.73 14.73
N ARG B 604 8.45 33.38 13.59
CA ARG B 604 9.27 34.53 13.21
C ARG B 604 9.10 35.66 14.21
N ASP B 605 7.85 36.02 14.51
CA ASP B 605 7.56 37.14 15.39
C ASP B 605 7.85 36.80 16.86
N PHE B 606 7.49 35.61 17.29
CA PHE B 606 7.69 35.19 18.67
C PHE B 606 9.18 35.17 19.03
N TYR B 607 9.99 34.60 18.14
CA TYR B 607 11.42 34.49 18.41
C TYR B 607 12.15 35.79 18.09
N GLN B 608 11.52 36.66 17.29
CA GLN B 608 12.05 37.99 17.06
C GLN B 608 12.15 38.75 18.38
N GLU B 609 11.11 38.60 19.20
CA GLU B 609 11.06 39.24 20.50
C GLU B 609 12.19 38.74 21.40
N LEU B 610 12.49 37.44 21.31
CA LEU B 610 13.53 36.85 22.12
C LEU B 610 14.92 37.23 21.61
N MET B 611 15.05 37.37 20.30
CA MET B 611 16.31 37.82 19.70
C MET B 611 16.68 39.20 20.20
N GLU B 612 15.68 40.07 20.29
CA GLU B 612 15.88 41.43 20.80
C GLU B 612 16.11 41.42 22.30
N LYS B 613 15.25 40.71 23.02
CA LYS B 613 15.30 40.64 24.48
C LYS B 613 16.62 40.05 24.97
N LEU B 614 17.15 39.06 24.25
CA LEU B 614 18.36 38.36 24.67
C LEU B 614 19.59 38.80 23.88
N ASP B 615 19.41 39.78 23.00
CA ASP B 615 20.49 40.29 22.16
C ASP B 615 21.15 39.16 21.36
N LEU B 616 20.33 38.46 20.57
CA LEU B 616 20.83 37.36 19.75
C LEU B 616 21.16 37.85 18.35
N ARG B 617 22.44 37.79 18.00
CA ARG B 617 22.92 38.37 16.75
C ARG B 617 23.68 37.36 15.90
N PRO B 618 23.72 37.58 14.58
CA PRO B 618 24.60 36.78 13.72
C PRO B 618 26.06 37.14 13.98
N VAL B 619 26.98 36.27 13.58
CA VAL B 619 28.41 36.54 13.74
C VAL B 619 28.80 37.78 12.95
N LEU B 620 28.30 37.85 11.72
CA LEU B 620 28.47 39.04 10.89
C LEU B 620 27.14 39.40 10.24
N PHE B 621 26.64 40.60 10.50
CA PHE B 621 25.37 41.00 9.91
C PHE B 621 25.53 41.32 8.43
N VAL B 622 24.72 40.66 7.62
CA VAL B 622 24.66 40.92 6.18
C VAL B 622 23.20 41.09 5.78
N LYS B 623 22.86 42.26 5.24
CA LYS B 623 21.49 42.51 4.83
C LYS B 623 21.18 41.72 3.56
N HIS B 624 20.07 40.99 3.57
CA HIS B 624 19.69 40.17 2.43
C HIS B 624 18.22 39.79 2.46
N GLU B 625 17.72 39.31 1.32
CA GLU B 625 16.35 38.81 1.24
C GLU B 625 16.31 37.37 1.73
N LYS B 626 15.12 36.77 1.73
CA LYS B 626 15.00 35.37 2.11
CA LYS B 626 14.97 35.37 2.09
C LYS B 626 15.65 34.48 1.05
N GLY B 627 16.18 33.35 1.49
CA GLY B 627 16.83 32.42 0.59
C GLY B 627 18.35 32.56 0.60
N VAL B 628 18.82 33.71 1.06
CA VAL B 628 20.26 33.92 1.22
C VAL B 628 20.66 33.55 2.65
N SER B 629 21.59 32.61 2.77
CA SER B 629 22.03 32.14 4.08
C SER B 629 23.43 32.62 4.40
N VAL B 630 23.60 33.16 5.60
CA VAL B 630 24.92 33.63 6.05
C VAL B 630 25.37 32.85 7.27
N GLN B 631 26.39 32.02 7.09
CA GLN B 631 26.91 31.20 8.18
C GLN B 631 28.41 31.43 8.35
N ALA B 632 28.88 31.37 9.59
CA ALA B 632 30.26 31.69 9.88
C ALA B 632 30.93 30.67 10.80
N ARG B 633 32.25 30.54 10.65
CA ARG B 633 33.07 29.78 11.59
C ARG B 633 34.12 30.72 12.17
N GLN B 634 34.42 30.55 13.46
CA GLN B 634 35.20 31.55 14.17
C GLN B 634 36.58 31.07 14.61
N ALA B 635 37.61 31.72 14.07
CA ALA B 635 38.98 31.50 14.47
C ALA B 635 39.39 32.56 15.49
N PRO B 636 40.49 32.35 16.22
CA PRO B 636 40.90 33.36 17.21
C PRO B 636 41.26 34.70 16.59
N GLU B 637 41.73 34.70 15.35
CA GLU B 637 42.20 35.94 14.71
C GLU B 637 41.17 36.54 13.76
N CYS B 638 40.19 35.74 13.33
CA CYS B 638 39.21 36.23 12.37
C CYS B 638 37.95 35.37 12.29
N ASP B 639 36.91 35.94 11.68
CA ASP B 639 35.68 35.21 11.37
C ASP B 639 35.66 34.86 9.88
N TYR B 640 35.40 33.60 9.58
CA TYR B 640 35.22 33.17 8.19
C TYR B 640 33.72 33.09 7.88
N VAL B 641 33.25 33.97 7.01
CA VAL B 641 31.82 34.09 6.75
C VAL B 641 31.44 33.63 5.34
N PHE B 642 30.44 32.76 5.27
CA PHE B 642 29.93 32.27 4.00
C PHE B 642 28.60 32.93 3.66
N ILE B 643 28.55 33.61 2.53
CA ILE B 643 27.31 34.23 2.05
C ILE B 643 26.76 33.42 0.88
N MET B 644 25.70 32.67 1.14
CA MET B 644 25.22 31.66 0.21
C MET B 644 23.84 31.96 -0.35
N ASN B 645 23.76 32.05 -1.68
CA ASN B 645 22.50 32.31 -2.36
C ASN B 645 21.78 31.02 -2.72
N PHE B 646 20.81 30.63 -1.91
CA PHE B 646 20.04 29.41 -2.16
C PHE B 646 18.75 29.70 -2.92
N THR B 647 18.83 30.64 -3.86
CA THR B 647 17.71 30.95 -4.74
C THR B 647 18.13 30.85 -6.19
N GLU B 648 17.16 30.89 -7.10
CA GLU B 648 17.44 30.83 -8.52
C GLU B 648 17.47 32.23 -9.13
N GLU B 649 17.56 33.24 -8.26
CA GLU B 649 17.58 34.62 -8.71
C GLU B 649 18.88 35.32 -8.34
N LYS B 650 19.14 36.45 -8.99
CA LYS B 650 20.18 37.35 -8.54
C LYS B 650 19.76 37.95 -7.21
N GLN B 651 20.72 38.13 -6.30
CA GLN B 651 20.40 38.64 -4.97
C GLN B 651 21.32 39.77 -4.55
N ALA B 652 20.74 40.92 -4.23
CA ALA B 652 21.49 42.04 -3.71
C ALA B 652 21.66 41.91 -2.20
N VAL B 653 22.91 41.84 -1.76
CA VAL B 653 23.21 41.79 -0.34
C VAL B 653 24.13 42.95 0.03
N VAL B 654 24.11 43.37 1.29
CA VAL B 654 24.89 44.51 1.72
C VAL B 654 25.87 44.18 2.83
N LEU B 655 27.15 44.35 2.56
CA LEU B 655 28.19 44.20 3.57
C LEU B 655 28.33 45.48 4.38
N GLU B 656 27.85 45.44 5.62
CA GLU B 656 27.87 46.62 6.48
C GLU B 656 29.29 46.99 6.91
N GLU B 657 30.14 45.97 7.02
CA GLU B 657 31.53 46.18 7.42
C GLU B 657 32.47 45.70 6.33
N LYS B 658 33.63 46.34 6.24
CA LYS B 658 34.64 45.97 5.25
C LYS B 658 35.20 44.58 5.55
N VAL B 659 35.20 43.72 4.54
CA VAL B 659 35.74 42.36 4.68
C VAL B 659 36.62 42.01 3.50
N LYS B 660 37.39 40.94 3.64
CA LYS B 660 38.26 40.47 2.56
C LYS B 660 37.78 39.17 1.95
N ASP B 661 37.64 39.16 0.63
CA ASP B 661 37.34 37.93 -0.09
C ASP B 661 38.46 36.92 0.15
N LEU B 662 38.11 35.74 0.63
CA LEU B 662 39.11 34.74 1.01
C LEU B 662 39.89 34.23 -0.20
N PHE B 663 39.27 34.26 -1.37
CA PHE B 663 39.88 33.70 -2.57
C PHE B 663 40.74 34.71 -3.32
N THR B 664 40.29 35.96 -3.39
CA THR B 664 40.99 36.98 -4.17
C THR B 664 41.73 37.98 -3.29
N GLY B 665 41.28 38.14 -2.05
CA GLY B 665 41.90 39.08 -1.13
C GLY B 665 41.36 40.48 -1.26
N GLU B 666 40.40 40.65 -2.18
CA GLU B 666 39.81 41.96 -2.44
C GLU B 666 38.94 42.44 -1.30
N GLU B 667 39.22 43.65 -0.81
CA GLU B 667 38.33 44.30 0.14
C GLU B 667 36.98 44.55 -0.50
N ILE B 668 35.91 44.12 0.16
CA ILE B 668 34.57 44.41 -0.31
C ILE B 668 33.71 44.97 0.81
N VAL B 669 32.84 45.92 0.44
CA VAL B 669 31.97 46.57 1.40
C VAL B 669 30.77 47.14 0.63
N GLY B 670 29.66 47.37 1.33
CA GLY B 670 28.47 47.87 0.69
C GLY B 670 27.74 46.79 -0.07
N GLU B 671 26.92 47.21 -1.05
CA GLU B 671 26.08 46.27 -1.79
C GLU B 671 26.83 45.53 -2.88
N ILE B 672 26.60 44.22 -2.96
CA ILE B 672 27.10 43.42 -4.07
C ILE B 672 25.99 42.51 -4.59
N MET B 673 26.15 42.04 -5.83
CA MET B 673 25.16 41.16 -6.44
C MET B 673 25.63 39.71 -6.43
N LEU B 674 24.74 38.83 -6.00
CA LEU B 674 25.01 37.39 -6.01
C LEU B 674 24.23 36.73 -7.13
N ASP B 675 24.93 36.04 -8.02
CA ASP B 675 24.28 35.27 -9.09
C ASP B 675 23.54 34.08 -8.49
N LYS B 676 22.84 33.34 -9.34
CA LYS B 676 22.15 32.13 -8.92
C LYS B 676 23.15 31.13 -8.33
N TYR B 677 22.88 30.70 -7.10
CA TYR B 677 23.69 29.71 -6.39
C TYR B 677 25.10 30.17 -6.06
N GLU B 678 25.37 31.47 -6.22
CA GLU B 678 26.71 32.00 -5.97
C GLU B 678 27.04 32.05 -4.47
N VAL B 679 28.30 31.76 -4.15
CA VAL B 679 28.79 31.83 -2.77
C VAL B 679 29.94 32.81 -2.65
N ARG B 680 29.89 33.67 -1.65
CA ARG B 680 31.02 34.53 -1.32
C ARG B 680 31.58 34.16 0.04
N VAL B 681 32.86 33.79 0.07
CA VAL B 681 33.54 33.48 1.32
C VAL B 681 34.45 34.63 1.70
N VAL B 682 34.12 35.31 2.79
CA VAL B 682 34.87 36.50 3.20
C VAL B 682 35.52 36.33 4.57
N GLU B 683 36.57 37.10 4.80
CA GLU B 683 37.32 37.04 6.05
C GLU B 683 37.25 38.37 6.78
N LYS B 684 37.06 38.32 8.09
CA LYS B 684 36.96 39.53 8.90
C LYS B 684 37.81 39.44 10.17
N ARG B 685 38.89 40.21 10.20
CA ARG B 685 39.79 40.23 11.36
C ARG B 685 39.10 40.85 12.57
N ARG B 686 39.42 40.33 13.75
CA ARG B 686 38.92 40.90 15.00
C ARG B 686 39.71 42.15 15.38
N PRO C 2 -51.10 -6.04 28.00
CA PRO C 2 -51.87 -6.17 26.76
C PRO C 2 -51.16 -5.47 25.59
N LYS C 3 -50.17 -4.65 25.92
CA LYS C 3 -49.41 -3.90 24.92
C LYS C 3 -48.21 -3.19 25.55
N TYR C 4 -47.14 -3.07 24.79
CA TYR C 4 -45.92 -2.36 25.20
C TYR C 4 -45.30 -2.88 26.51
N GLU C 5 -45.45 -4.17 26.79
CA GLU C 5 -44.92 -4.72 28.04
C GLU C 5 -43.41 -4.58 28.15
N ARG C 6 -42.94 -4.34 29.38
CA ARG C 6 -41.51 -4.18 29.63
C ARG C 6 -40.78 -5.52 29.66
N THR C 7 -39.66 -5.60 28.94
CA THR C 7 -38.81 -6.78 28.96
C THR C 7 -37.44 -6.43 29.55
N TYR C 8 -37.13 -7.03 30.70
CA TYR C 8 -35.89 -6.71 31.41
C TYR C 8 -34.74 -7.64 31.01
N THR C 9 -33.55 -7.06 30.87
CA THR C 9 -32.36 -7.81 30.48
C THR C 9 -31.61 -8.33 31.70
N THR C 10 -31.59 -7.54 32.77
CA THR C 10 -30.99 -7.94 34.03
C THR C 10 -31.96 -7.70 35.17
N GLN C 11 -31.51 -8.00 36.39
CA GLN C 11 -32.33 -7.78 37.58
C GLN C 11 -32.25 -6.33 38.06
N ALA C 12 -31.67 -5.47 37.24
CA ALA C 12 -31.57 -4.05 37.56
C ALA C 12 -32.82 -3.30 37.09
N ASN C 13 -33.34 -2.45 37.96
CA ASN C 13 -34.47 -1.59 37.61
C ASN C 13 -34.00 -0.17 37.31
N PHE C 14 -32.70 -0.04 37.05
CA PHE C 14 -32.11 1.25 36.71
C PHE C 14 -31.25 1.10 35.46
N ILE C 15 -31.02 2.22 34.78
CA ILE C 15 -30.12 2.22 33.63
C ILE C 15 -28.68 2.09 34.11
N LEU C 16 -27.98 1.08 33.60
CA LEU C 16 -26.60 0.83 34.00
C LEU C 16 -25.70 1.99 33.60
N HIS C 17 -24.84 2.41 34.52
CA HIS C 17 -23.87 3.47 34.22
C HIS C 17 -22.52 3.14 34.86
N GLY C 18 -21.47 3.27 34.06
CA GLY C 18 -20.12 2.93 34.50
C GLY C 18 -19.33 2.36 33.34
N GLY C 19 -18.73 1.19 33.54
CA GLY C 19 -18.02 0.53 32.47
C GLY C 19 -16.86 -0.34 32.90
N ASP C 20 -15.93 -0.59 31.98
CA ASP C 20 -14.77 -1.42 32.27
C ASP C 20 -13.93 -0.85 33.40
N TYR C 21 -13.69 -1.68 34.42
CA TYR C 21 -12.89 -1.27 35.57
C TYR C 21 -11.74 -2.25 35.76
N ASN C 22 -10.52 -1.74 35.85
CA ASN C 22 -9.34 -2.60 35.96
C ASN C 22 -8.48 -2.29 37.17
N PRO C 23 -8.95 -2.68 38.36
CA PRO C 23 -8.19 -2.48 39.60
C PRO C 23 -6.96 -3.40 39.67
N ASP C 24 -6.93 -4.42 38.82
CA ASP C 24 -5.82 -5.36 38.78
C ASP C 24 -4.54 -4.71 38.24
N GLN C 25 -4.65 -3.48 37.77
CA GLN C 25 -3.51 -2.72 37.30
C GLN C 25 -3.03 -1.74 38.35
N TRP C 26 -3.79 -1.61 39.43
CA TRP C 26 -3.50 -0.63 40.48
C TRP C 26 -3.45 -1.26 41.87
N LEU C 27 -3.12 -2.54 41.95
CA LEU C 27 -3.13 -3.26 43.22
C LEU C 27 -2.08 -2.75 44.20
N ASP C 28 -1.00 -2.17 43.67
CA ASP C 28 0.04 -1.61 44.53
C ASP C 28 -0.25 -0.14 44.86
N ARG C 29 -1.45 0.30 44.49
CA ARG C 29 -1.88 1.67 44.77
C ARG C 29 -3.25 1.67 45.42
N PRO C 30 -3.31 1.32 46.72
CA PRO C 30 -4.59 1.32 47.45
C PRO C 30 -5.20 2.71 47.56
N ASP C 31 -4.37 3.74 47.44
CA ASP C 31 -4.85 5.12 47.46
C ASP C 31 -5.69 5.42 46.21
N ILE C 32 -5.28 4.83 45.09
CA ILE C 32 -6.03 4.97 43.84
C ILE C 32 -7.33 4.18 43.91
N LEU C 33 -7.23 2.95 44.39
CA LEU C 33 -8.40 2.08 44.53
C LEU C 33 -9.44 2.69 45.47
N GLN C 34 -8.97 3.43 46.46
CA GLN C 34 -9.85 4.13 47.39
C GLN C 34 -10.46 5.36 46.73
N ALA C 35 -9.68 6.05 45.92
CA ALA C 35 -10.14 7.22 45.20
C ALA C 35 -11.22 6.85 44.19
N ASP C 36 -11.06 5.68 43.57
CA ASP C 36 -12.01 5.19 42.58
C ASP C 36 -13.44 5.17 43.12
N LEU C 37 -13.63 4.55 44.27
CA LEU C 37 -14.95 4.40 44.87
C LEU C 37 -15.61 5.75 45.16
N GLU C 38 -14.82 6.73 45.58
CA GLU C 38 -15.33 8.07 45.84
C GLU C 38 -15.77 8.74 44.54
N LEU C 39 -14.92 8.66 43.52
CA LEU C 39 -15.20 9.26 42.22
C LEU C 39 -16.38 8.56 41.54
N MET C 40 -16.56 7.27 41.86
CA MET C 40 -17.67 6.50 41.33
C MET C 40 -19.00 7.05 41.82
N LYS C 41 -19.06 7.40 43.10
CA LYS C 41 -20.26 7.99 43.67
C LYS C 41 -20.49 9.40 43.13
N LEU C 42 -19.40 10.11 42.87
CA LEU C 42 -19.48 11.48 42.35
C LEU C 42 -19.95 11.51 40.91
N SER C 43 -19.62 10.47 40.15
CA SER C 43 -19.98 10.40 38.74
C SER C 43 -21.31 9.69 38.52
N HIS C 44 -21.93 9.27 39.63
CA HIS C 44 -23.19 8.53 39.61
C HIS C 44 -23.09 7.27 38.74
N THR C 45 -21.98 6.55 38.91
CA THR C 45 -21.77 5.29 38.19
C THR C 45 -22.04 4.12 39.11
N ASN C 46 -22.71 3.08 38.59
CA ASN C 46 -23.19 1.99 39.43
C ASN C 46 -22.93 0.58 38.89
N THR C 47 -22.42 0.49 37.67
CA THR C 47 -22.15 -0.82 37.09
C THR C 47 -20.74 -0.87 36.50
N PHE C 48 -20.02 -1.95 36.79
CA PHE C 48 -18.62 -2.04 36.37
C PHE C 48 -18.26 -3.44 35.88
N THR C 49 -17.61 -3.49 34.73
CA THR C 49 -17.17 -4.75 34.13
C THR C 49 -15.76 -5.09 34.58
N VAL C 50 -15.63 -6.17 35.35
CA VAL C 50 -14.36 -6.51 35.98
C VAL C 50 -13.84 -7.87 35.52
N GLY C 51 -12.52 -7.96 35.33
CA GLY C 51 -11.87 -9.23 35.08
C GLY C 51 -11.68 -9.60 33.62
N VAL C 52 -11.85 -8.63 32.73
CA VAL C 52 -11.77 -8.88 31.29
C VAL C 52 -10.39 -9.40 30.88
N PHE C 53 -9.35 -8.81 31.43
CA PHE C 53 -7.98 -9.23 31.13
C PHE C 53 -7.21 -9.53 32.42
N ALA C 54 -7.84 -10.23 33.34
CA ALA C 54 -7.28 -10.40 34.69
C ALA C 54 -6.74 -11.80 34.95
N TRP C 55 -6.54 -12.59 33.90
CA TRP C 55 -6.11 -13.98 34.07
C TRP C 55 -4.75 -14.06 34.77
N SER C 56 -3.80 -13.23 34.35
CA SER C 56 -2.47 -13.24 34.98
C SER C 56 -2.54 -12.74 36.42
N ALA C 57 -3.53 -11.90 36.71
CA ALA C 57 -3.74 -11.43 38.07
C ALA C 57 -4.47 -12.47 38.91
N LEU C 58 -5.26 -13.30 38.23
CA LEU C 58 -6.02 -14.35 38.89
C LEU C 58 -5.19 -15.62 39.02
N GLU C 59 -4.36 -15.89 38.02
CA GLU C 59 -3.52 -17.07 38.01
C GLU C 59 -2.12 -16.74 37.51
N PRO C 60 -1.31 -16.08 38.36
CA PRO C 60 0.04 -15.63 38.02
C PRO C 60 0.94 -16.78 37.55
N GLU C 61 0.82 -17.92 38.22
CA GLU C 61 1.49 -19.14 37.77
C GLU C 61 0.46 -20.25 37.71
N GLU C 62 0.71 -21.27 36.90
CA GLU C 62 -0.25 -22.36 36.72
C GLU C 62 -0.54 -23.07 38.04
N GLY C 63 -1.80 -23.13 38.40
CA GLY C 63 -2.20 -23.78 39.64
C GLY C 63 -2.16 -22.85 40.84
N VAL C 64 -1.57 -21.67 40.65
CA VAL C 64 -1.47 -20.68 41.71
C VAL C 64 -2.51 -19.59 41.52
N TYR C 65 -3.38 -19.42 42.52
CA TYR C 65 -4.51 -18.51 42.37
C TYR C 65 -4.52 -17.36 43.38
N ARG C 66 -4.94 -16.19 42.90
CA ARG C 66 -5.07 -15.00 43.74
C ARG C 66 -6.42 -14.32 43.49
N PHE C 67 -7.42 -14.69 44.28
CA PHE C 67 -8.78 -14.16 44.12
C PHE C 67 -9.12 -13.08 45.15
N GLU C 68 -8.20 -12.87 46.10
CA GLU C 68 -8.44 -11.96 47.22
CA GLU C 68 -8.46 -11.96 47.21
C GLU C 68 -8.74 -10.54 46.75
N TRP C 69 -7.91 -10.02 45.84
CA TRP C 69 -8.09 -8.66 45.35
C TRP C 69 -9.45 -8.48 44.68
N LEU C 70 -9.93 -9.53 44.03
CA LEU C 70 -11.21 -9.48 43.33
C LEU C 70 -12.37 -9.59 44.32
N ASP C 71 -12.16 -10.32 45.42
CA ASP C 71 -13.13 -10.38 46.50
C ASP C 71 -13.37 -8.98 47.03
N LYS C 72 -12.28 -8.27 47.27
CA LYS C 72 -12.32 -6.92 47.83
C LYS C 72 -13.04 -5.94 46.90
N VAL C 73 -12.75 -6.04 45.61
CA VAL C 73 -13.37 -5.17 44.61
C VAL C 73 -14.87 -5.43 44.52
N PHE C 74 -15.26 -6.69 44.54
CA PHE C 74 -16.67 -7.07 44.56
C PHE C 74 -17.38 -6.45 45.75
N ASP C 75 -16.77 -6.58 46.93
CA ASP C 75 -17.35 -6.06 48.17
C ASP C 75 -17.46 -4.54 48.16
N ASP C 76 -16.37 -3.87 47.80
CA ASP C 76 -16.32 -2.41 47.81
C ASP C 76 -17.34 -1.80 46.84
N ILE C 77 -17.46 -2.41 45.67
CA ILE C 77 -18.41 -1.92 44.67
C ILE C 77 -19.85 -2.09 45.15
N TYR C 78 -20.12 -3.21 45.81
CA TYR C 78 -21.46 -3.45 46.34
C TYR C 78 -21.79 -2.49 47.48
N ARG C 79 -20.76 -2.01 48.15
CA ARG C 79 -20.94 -1.13 49.31
C ARG C 79 -21.26 0.31 48.90
N ILE C 80 -20.89 0.69 47.69
CA ILE C 80 -21.27 2.00 47.18
C ILE C 80 -22.54 1.89 46.34
N GLY C 81 -23.26 0.78 46.52
CA GLY C 81 -24.54 0.57 45.85
C GLY C 81 -24.40 0.15 44.41
N GLY C 82 -23.24 -0.39 44.05
CA GLY C 82 -22.97 -0.75 42.67
C GLY C 82 -23.14 -2.23 42.36
N ARG C 83 -23.09 -2.55 41.07
CA ARG C 83 -23.20 -3.94 40.64
CA ARG C 83 -23.21 -3.94 40.62
C ARG C 83 -22.01 -4.31 39.75
N VAL C 84 -21.74 -5.60 39.63
CA VAL C 84 -20.60 -6.07 38.86
C VAL C 84 -21.00 -6.94 37.67
N ILE C 85 -20.55 -6.55 36.48
CA ILE C 85 -20.61 -7.43 35.32
C ILE C 85 -19.31 -8.22 35.27
N LEU C 86 -19.37 -9.50 35.61
CA LEU C 86 -18.16 -10.30 35.71
C LEU C 86 -17.78 -10.91 34.37
N ALA C 87 -16.55 -10.66 33.95
CA ALA C 87 -16.06 -11.18 32.68
C ALA C 87 -15.25 -12.45 32.87
N THR C 88 -15.25 -13.30 31.85
CA THR C 88 -14.33 -14.42 31.78
C THR C 88 -13.06 -13.94 31.07
N PRO C 89 -11.89 -14.40 31.54
CA PRO C 89 -10.62 -13.82 31.10
C PRO C 89 -10.01 -14.42 29.84
N SER C 90 -10.80 -15.13 29.03
CA SER C 90 -10.25 -15.84 27.86
C SER C 90 -9.69 -14.91 26.79
N GLY C 91 -10.02 -13.62 26.89
CA GLY C 91 -9.56 -12.64 25.92
C GLY C 91 -8.05 -12.49 25.86
N ALA C 92 -7.37 -12.79 26.97
CA ALA C 92 -5.91 -12.69 27.03
C ALA C 92 -5.30 -13.78 27.90
N ARG C 93 -4.62 -14.70 27.25
CA ARG C 93 -3.90 -15.79 27.92
C ARG C 93 -2.66 -15.29 28.64
N PRO C 94 -2.37 -15.85 29.82
CA PRO C 94 -1.12 -15.54 30.51
C PRO C 94 0.09 -16.04 29.72
N ALA C 95 1.25 -15.44 29.95
CA ALA C 95 2.46 -15.78 29.20
C ALA C 95 2.91 -17.22 29.46
N TRP C 96 2.72 -17.70 30.69
CA TRP C 96 3.14 -19.05 31.04
C TRP C 96 2.29 -20.09 30.31
N LEU C 97 1.07 -19.71 29.93
CA LEU C 97 0.16 -20.62 29.25
C LEU C 97 0.59 -20.84 27.79
N SER C 98 0.99 -19.76 27.13
CA SER C 98 1.46 -19.85 25.75
C SER C 98 2.77 -20.62 25.68
N GLN C 99 3.67 -20.33 26.62
CA GLN C 99 4.98 -20.95 26.66
C GLN C 99 4.90 -22.46 26.87
N LYS C 100 3.99 -22.88 27.75
CA LYS C 100 3.85 -24.29 28.07
C LYS C 100 2.95 -25.04 27.09
N TYR C 101 1.92 -24.36 26.59
CA TYR C 101 0.99 -24.97 25.66
C TYR C 101 0.93 -24.21 24.34
N PRO C 102 1.91 -24.45 23.45
CA PRO C 102 2.05 -23.71 22.19
C PRO C 102 0.87 -23.88 21.23
N GLU C 103 0.02 -24.88 21.48
CA GLU C 103 -1.10 -25.15 20.57
C GLU C 103 -2.19 -24.08 20.64
N VAL C 104 -2.13 -23.24 21.66
CA VAL C 104 -3.13 -22.19 21.83
C VAL C 104 -2.83 -21.00 20.91
N LEU C 105 -1.62 -20.97 20.38
CA LEU C 105 -1.21 -19.89 19.49
C LEU C 105 -1.79 -20.10 18.09
N ARG C 106 -2.19 -18.99 17.46
CA ARG C 106 -2.85 -19.04 16.16
C ARG C 106 -1.90 -19.29 15.01
N VAL C 107 -2.45 -19.83 13.92
CA VAL C 107 -1.78 -19.91 12.64
C VAL C 107 -2.61 -19.14 11.64
N ASN C 108 -2.04 -18.07 11.07
CA ASN C 108 -2.80 -17.21 10.17
C ASN C 108 -3.04 -17.85 8.81
N ALA C 109 -3.72 -17.12 7.93
CA ALA C 109 -4.09 -17.62 6.61
C ALA C 109 -2.87 -17.99 5.77
N ALA C 110 -1.78 -17.26 5.98
CA ALA C 110 -0.54 -17.54 5.25
C ALA C 110 0.22 -18.70 5.89
N ARG C 111 -0.44 -19.39 6.81
CA ARG C 111 0.08 -20.56 7.49
C ARG C 111 1.31 -20.26 8.36
N VAL C 112 1.38 -19.04 8.88
CA VAL C 112 2.45 -18.65 9.80
C VAL C 112 1.98 -18.73 11.25
N ARG C 113 2.64 -19.56 12.05
CA ARG C 113 2.33 -19.67 13.47
C ARG C 113 2.74 -18.40 14.21
N GLN C 114 1.81 -17.84 14.97
CA GLN C 114 2.06 -16.60 15.69
C GLN C 114 2.85 -16.84 16.97
N LEU C 115 3.44 -15.77 17.49
CA LEU C 115 4.09 -15.81 18.79
C LEU C 115 3.10 -15.32 19.85
N HIS C 116 3.46 -15.45 21.12
CA HIS C 116 2.64 -14.92 22.19
C HIS C 116 2.58 -13.40 22.11
N GLY C 117 1.43 -12.83 22.46
CA GLY C 117 1.29 -11.39 22.48
C GLY C 117 -0.10 -10.91 22.09
N GLY C 118 -0.34 -9.61 22.27
CA GLY C 118 -1.61 -9.00 21.91
C GLY C 118 -2.77 -9.55 22.71
N ARG C 119 -3.90 -9.73 22.03
CA ARG C 119 -5.12 -10.22 22.66
C ARG C 119 -6.08 -10.77 21.62
N HIS C 120 -7.11 -11.48 22.07
CA HIS C 120 -8.19 -11.99 21.21
C HIS C 120 -7.69 -12.92 20.11
N ASN C 121 -6.48 -13.44 20.26
CA ASN C 121 -5.85 -14.22 19.19
C ASN C 121 -5.48 -15.64 19.59
N HIS C 122 -6.46 -16.39 20.06
CA HIS C 122 -6.26 -17.78 20.44
C HIS C 122 -6.79 -18.72 19.35
N CYS C 123 -6.24 -19.92 19.29
CA CYS C 123 -6.79 -20.97 18.45
C CYS C 123 -8.11 -21.45 19.06
N PHE C 124 -9.21 -21.30 18.34
CA PHE C 124 -10.52 -21.64 18.89
C PHE C 124 -10.86 -23.12 18.79
N THR C 125 -9.91 -23.93 18.34
CA THR C 125 -10.11 -25.37 18.24
C THR C 125 -9.34 -26.11 19.33
N SER C 126 -8.23 -25.52 19.76
CA SER C 126 -7.36 -26.10 20.78
C SER C 126 -8.11 -26.61 22.01
N SER C 127 -8.01 -27.92 22.25
CA SER C 127 -8.69 -28.55 23.38
CA SER C 127 -8.69 -28.54 23.38
C SER C 127 -8.14 -28.04 24.70
N VAL C 128 -6.84 -27.77 24.74
CA VAL C 128 -6.19 -27.29 25.95
C VAL C 128 -6.75 -25.94 26.39
N TYR C 129 -6.87 -25.01 25.44
CA TYR C 129 -7.37 -23.68 25.78
C TYR C 129 -8.83 -23.73 26.19
N ARG C 130 -9.60 -24.62 25.58
CA ARG C 130 -11.01 -24.80 25.95
CA ARG C 130 -11.01 -24.79 25.95
C ARG C 130 -11.12 -25.30 27.39
N GLU C 131 -10.26 -26.25 27.73
CA GLU C 131 -10.25 -26.82 29.08
C GLU C 131 -9.79 -25.78 30.11
N LYS C 132 -8.71 -25.07 29.79
CA LYS C 132 -8.15 -24.07 30.69
CA LYS C 132 -8.16 -24.08 30.70
C LYS C 132 -9.13 -22.93 30.95
N THR C 133 -9.75 -22.43 29.89
CA THR C 133 -10.70 -21.33 30.02
C THR C 133 -11.95 -21.74 30.78
N GLN C 134 -12.50 -22.91 30.47
CA GLN C 134 -13.69 -23.39 31.14
C GLN C 134 -13.44 -23.63 32.63
N HIS C 135 -12.21 -24.05 32.95
CA HIS C 135 -11.86 -24.35 34.33
C HIS C 135 -11.84 -23.11 35.21
N ILE C 136 -11.14 -22.06 34.76
CA ILE C 136 -11.08 -20.83 35.53
C ILE C 136 -12.45 -20.15 35.53
N ASN C 137 -13.24 -20.40 34.49
CA ASN C 137 -14.61 -19.92 34.45
C ASN C 137 -15.45 -20.59 35.53
N ARG C 138 -15.19 -21.87 35.75
CA ARG C 138 -15.88 -22.60 36.81
C ARG C 138 -15.50 -22.01 38.16
N LEU C 139 -14.20 -21.77 38.35
CA LEU C 139 -13.69 -21.19 39.59
C LEU C 139 -14.32 -19.85 39.90
N LEU C 140 -14.47 -19.01 38.88
CA LEU C 140 -15.10 -17.71 39.05
C LEU C 140 -16.56 -17.88 39.44
N ALA C 141 -17.21 -18.88 38.84
CA ALA C 141 -18.63 -19.12 39.07
C ALA C 141 -18.91 -19.60 40.49
N GLU C 142 -18.02 -20.42 41.05
CA GLU C 142 -18.28 -20.95 42.39
C GLU C 142 -17.92 -19.95 43.49
N ARG C 143 -16.97 -19.05 43.21
CA ARG C 143 -16.58 -18.07 44.22
C ARG C 143 -17.51 -16.86 44.24
N TYR C 144 -18.02 -16.45 43.08
CA TYR C 144 -18.78 -15.21 42.98
C TYR C 144 -20.23 -15.41 42.55
N GLY C 145 -20.62 -16.65 42.34
CA GLY C 145 -21.96 -16.96 41.87
C GLY C 145 -23.07 -16.52 42.82
N ASP C 146 -22.78 -16.53 44.11
CA ASP C 146 -23.77 -16.17 45.12
C ASP C 146 -23.49 -14.80 45.73
N HIS C 147 -22.58 -14.06 45.10
CA HIS C 147 -22.29 -12.70 45.55
C HIS C 147 -23.38 -11.75 45.07
N PRO C 148 -23.90 -10.93 45.98
CA PRO C 148 -25.05 -10.05 45.70
C PRO C 148 -24.76 -8.94 44.69
N ALA C 149 -23.49 -8.74 44.33
CA ALA C 149 -23.12 -7.69 43.39
C ALA C 149 -23.17 -8.18 41.95
N LEU C 150 -23.04 -9.49 41.75
CA LEU C 150 -23.01 -10.08 40.42
C LEU C 150 -24.32 -9.84 39.68
N LEU C 151 -24.23 -9.17 38.52
CA LEU C 151 -25.41 -8.83 37.74
C LEU C 151 -25.45 -9.59 36.42
N MET C 152 -24.29 -9.86 35.85
CA MET C 152 -24.22 -10.37 34.49
C MET C 152 -22.87 -11.01 34.16
N TRP C 153 -22.86 -11.92 33.19
CA TRP C 153 -21.62 -12.50 32.70
C TRP C 153 -21.16 -11.85 31.40
N HIS C 154 -19.87 -11.55 31.33
CA HIS C 154 -19.26 -10.93 30.16
C HIS C 154 -18.24 -11.89 29.55
N VAL C 155 -18.72 -12.86 28.78
CA VAL C 155 -17.87 -13.94 28.30
C VAL C 155 -16.85 -13.46 27.27
N SER C 156 -15.57 -13.62 27.62
CA SER C 156 -14.45 -13.19 26.80
C SER C 156 -14.52 -11.70 26.50
N ASN C 157 -13.92 -11.29 25.39
CA ASN C 157 -13.95 -9.89 24.97
C ASN C 157 -13.74 -9.73 23.48
N GLU C 158 -14.75 -9.20 22.80
CA GLU C 158 -14.71 -8.93 21.37
C GLU C 158 -14.18 -10.10 20.55
N TYR C 159 -14.95 -11.19 20.55
CA TYR C 159 -14.66 -12.37 19.74
C TYR C 159 -14.36 -11.98 18.29
N GLY C 160 -13.35 -12.62 17.70
CA GLY C 160 -12.98 -12.33 16.32
C GLY C 160 -11.69 -13.00 15.92
N GLY C 161 -11.43 -13.02 14.61
CA GLY C 161 -10.20 -13.61 14.10
C GLY C 161 -10.37 -15.05 13.67
N GLU C 162 -9.36 -15.59 12.98
CA GLU C 162 -9.39 -16.96 12.49
C GLU C 162 -8.11 -17.70 12.84
N CYS C 163 -8.19 -19.03 12.83
CA CYS C 163 -6.99 -19.86 12.97
C CYS C 163 -6.97 -20.91 11.87
N HIS C 164 -5.78 -21.17 11.34
CA HIS C 164 -5.64 -22.08 10.20
C HIS C 164 -4.68 -23.23 10.49
N CYS C 165 -4.47 -23.52 11.77
CA CYS C 165 -3.57 -24.61 12.17
C CYS C 165 -4.18 -25.95 11.80
N ASN C 166 -3.40 -27.02 11.96
CA ASN C 166 -3.83 -28.35 11.57
C ASN C 166 -5.01 -28.86 12.38
N LEU C 167 -5.12 -28.40 13.63
CA LEU C 167 -6.28 -28.73 14.46
C LEU C 167 -7.54 -28.15 13.84
N CYS C 168 -7.43 -26.90 13.37
CA CYS C 168 -8.55 -26.19 12.77
C CYS C 168 -8.86 -26.75 11.38
N GLN C 169 -7.84 -27.18 10.65
CA GLN C 169 -8.04 -27.80 9.34
C GLN C 169 -8.86 -29.08 9.51
N GLU C 170 -8.55 -29.84 10.54
CA GLU C 170 -9.26 -31.08 10.82
C GLU C 170 -10.70 -30.82 11.25
N ALA C 171 -10.89 -29.83 12.11
CA ALA C 171 -12.23 -29.46 12.57
C ALA C 171 -13.07 -28.94 11.40
N PHE C 172 -12.42 -28.23 10.49
CA PHE C 172 -13.08 -27.72 9.30
C PHE C 172 -13.56 -28.85 8.41
N ARG C 173 -12.72 -29.86 8.24
CA ARG C 173 -13.06 -31.03 7.44
C ARG C 173 -14.24 -31.78 8.03
N GLU C 174 -14.25 -31.92 9.35
CA GLU C 174 -15.35 -32.57 10.05
C GLU C 174 -16.65 -31.75 9.92
N TRP C 175 -16.51 -30.44 9.97
CA TRP C 175 -17.65 -29.54 9.83
C TRP C 175 -18.25 -29.66 8.43
N LEU C 176 -17.40 -29.83 7.43
CA LEU C 176 -17.84 -30.02 6.05
C LEU C 176 -18.52 -31.38 5.87
N LYS C 177 -17.94 -32.41 6.49
CA LYS C 177 -18.49 -33.76 6.42
C LYS C 177 -19.93 -33.81 6.93
N LYS C 178 -20.19 -33.05 7.99
CA LYS C 178 -21.53 -33.00 8.58
C LYS C 178 -22.49 -32.16 7.75
N LYS C 179 -22.00 -31.07 7.18
CA LYS C 179 -22.85 -30.19 6.38
C LYS C 179 -23.26 -30.85 5.07
N TYR C 180 -22.37 -31.67 4.51
CA TYR C 180 -22.64 -32.30 3.21
C TYR C 180 -22.82 -33.82 3.33
N ASN C 181 -23.11 -34.28 4.54
CA ASN C 181 -23.41 -35.70 4.80
C ASN C 181 -22.35 -36.66 4.27
N HIS C 182 -21.08 -36.29 4.49
CA HIS C 182 -19.95 -37.13 4.08
CA HIS C 182 -19.94 -37.12 4.07
C HIS C 182 -20.02 -37.50 2.59
N ASP C 183 -20.61 -36.61 1.79
CA ASP C 183 -20.74 -36.84 0.36
C ASP C 183 -19.94 -35.81 -0.42
N LEU C 184 -18.80 -36.24 -0.96
CA LEU C 184 -17.88 -35.35 -1.65
C LEU C 184 -18.47 -34.80 -2.95
N ASP C 185 -19.38 -35.57 -3.55
CA ASP C 185 -20.05 -35.14 -4.77
C ASP C 185 -20.96 -33.95 -4.49
N ALA C 186 -21.62 -33.98 -3.34
CA ALA C 186 -22.48 -32.89 -2.90
C ALA C 186 -21.68 -31.61 -2.72
N LEU C 187 -20.51 -31.73 -2.11
CA LEU C 187 -19.63 -30.60 -1.86
C LEU C 187 -19.09 -30.01 -3.17
N ASN C 188 -18.59 -30.90 -4.04
CA ASN C 188 -18.04 -30.47 -5.32
C ASN C 188 -19.07 -29.77 -6.19
N ALA C 189 -20.33 -30.19 -6.08
CA ALA C 189 -21.41 -29.57 -6.82
C ALA C 189 -21.74 -28.18 -6.26
N ALA C 190 -21.69 -28.07 -4.94
CA ALA C 190 -22.01 -26.81 -4.27
C ALA C 190 -20.96 -25.75 -4.56
N TRP C 191 -19.70 -26.18 -4.69
CA TRP C 191 -18.59 -25.24 -4.88
C TRP C 191 -18.23 -25.06 -6.35
N TRP C 192 -18.80 -25.89 -7.21
CA TRP C 192 -18.49 -25.88 -8.65
C TRP C 192 -16.99 -26.06 -8.87
N THR C 193 -16.45 -27.13 -8.29
CA THR C 193 -15.01 -27.36 -8.31
C THR C 193 -14.51 -27.89 -9.65
N SER C 194 -15.45 -28.23 -10.55
CA SER C 194 -15.09 -28.66 -11.90
C SER C 194 -14.34 -27.55 -12.63
N PHE C 195 -14.60 -26.32 -12.23
CA PHE C 195 -13.90 -25.15 -12.75
C PHE C 195 -12.43 -25.17 -12.31
N TRP C 196 -11.53 -24.96 -13.28
CA TRP C 196 -10.09 -24.99 -13.05
C TRP C 196 -9.61 -26.29 -12.39
N SER C 197 -10.34 -27.38 -12.66
CA SER C 197 -9.93 -28.72 -12.24
C SER C 197 -9.66 -28.84 -10.73
N HIS C 198 -10.56 -28.27 -9.93
CA HIS C 198 -10.38 -28.24 -8.48
C HIS C 198 -11.20 -29.31 -7.75
N THR C 199 -11.65 -30.31 -8.49
CA THR C 199 -12.48 -31.38 -7.92
C THR C 199 -11.77 -32.14 -6.81
N TYR C 200 -12.42 -32.26 -5.66
CA TYR C 200 -11.87 -32.99 -4.53
C TYR C 200 -12.24 -34.47 -4.58
N THR C 201 -11.25 -35.33 -4.32
CA THR C 201 -11.47 -36.77 -4.37
C THR C 201 -11.18 -37.42 -3.02
N ASP C 202 -10.72 -36.60 -2.07
CA ASP C 202 -10.51 -37.06 -0.70
C ASP C 202 -10.72 -35.88 0.25
N TRP C 203 -11.29 -36.16 1.42
CA TRP C 203 -11.59 -35.10 2.38
C TRP C 203 -10.33 -34.44 2.93
N SER C 204 -9.22 -35.18 2.90
CA SER C 204 -7.96 -34.67 3.41
C SER C 204 -7.36 -33.61 2.50
N GLN C 205 -7.80 -33.59 1.24
CA GLN C 205 -7.30 -32.63 0.27
C GLN C 205 -7.81 -31.22 0.56
N ILE C 206 -8.93 -31.13 1.26
CA ILE C 206 -9.57 -29.85 1.55
C ILE C 206 -8.82 -29.07 2.62
N GLU C 207 -8.52 -27.80 2.32
CA GLU C 207 -7.87 -26.91 3.25
C GLU C 207 -8.61 -25.59 3.35
N SER C 208 -8.34 -24.83 4.42
CA SER C 208 -8.86 -23.48 4.54
C SER C 208 -8.23 -22.61 3.46
N PRO C 209 -8.95 -21.57 3.00
CA PRO C 209 -8.40 -20.69 1.97
C PRO C 209 -7.11 -19.99 2.42
N SER C 210 -6.21 -19.75 1.47
CA SER C 210 -4.91 -19.16 1.79
C SER C 210 -4.36 -18.33 0.64
N PRO C 211 -3.68 -17.22 0.97
CA PRO C 211 -2.98 -16.40 -0.02
C PRO C 211 -1.83 -17.14 -0.69
N ILE C 212 -1.32 -18.18 -0.04
CA ILE C 212 -0.27 -19.02 -0.64
C ILE C 212 -0.84 -20.34 -1.11
N GLY C 213 -2.15 -20.49 -1.02
CA GLY C 213 -2.81 -21.71 -1.42
C GLY C 213 -3.98 -21.50 -2.37
N GLU C 214 -5.18 -21.83 -1.90
CA GLU C 214 -6.38 -21.72 -2.72
C GLU C 214 -7.29 -20.60 -2.22
N HIS C 215 -7.51 -19.59 -3.06
CA HIS C 215 -8.36 -18.48 -2.67
C HIS C 215 -9.33 -18.07 -3.78
N THR C 216 -9.53 -18.96 -4.74
CA THR C 216 -10.36 -18.65 -5.91
C THR C 216 -11.69 -19.39 -5.91
N ILE C 217 -11.93 -20.22 -4.90
CA ILE C 217 -13.17 -20.97 -4.81
C ILE C 217 -14.13 -20.30 -3.82
N HIS C 218 -15.16 -19.66 -4.36
CA HIS C 218 -16.10 -18.88 -3.55
C HIS C 218 -16.84 -19.73 -2.52
N GLY C 219 -17.27 -20.92 -2.94
CA GLY C 219 -17.97 -21.83 -2.06
C GLY C 219 -17.13 -22.20 -0.85
N LEU C 220 -15.83 -22.37 -1.06
CA LEU C 220 -14.90 -22.68 0.00
C LEU C 220 -14.73 -21.50 0.95
N ASN C 221 -14.59 -20.30 0.37
CA ASN C 221 -14.42 -19.08 1.15
C ASN C 221 -15.62 -18.78 2.03
N LEU C 222 -16.82 -19.01 1.48
CA LEU C 222 -18.06 -18.76 2.21
C LEU C 222 -18.26 -19.78 3.32
N ASP C 223 -18.03 -21.05 3.01
CA ASP C 223 -18.16 -22.12 4.00
C ASP C 223 -17.13 -21.98 5.11
N TRP C 224 -15.97 -21.42 4.77
CA TRP C 224 -14.92 -21.21 5.75
C TRP C 224 -15.31 -20.14 6.76
N LYS C 225 -15.86 -19.03 6.27
CA LYS C 225 -16.35 -17.98 7.15
C LYS C 225 -17.49 -18.50 8.03
N ARG C 226 -18.32 -19.36 7.47
CA ARG C 226 -19.40 -20.00 8.21
C ARG C 226 -18.83 -20.86 9.34
N PHE C 227 -17.78 -21.62 9.02
CA PHE C 227 -17.14 -22.48 10.00
C PHE C 227 -16.50 -21.68 11.13
N VAL C 228 -15.89 -20.56 10.77
CA VAL C 228 -15.25 -19.69 11.75
C VAL C 228 -16.28 -19.20 12.78
N THR C 229 -17.47 -18.87 12.30
CA THR C 229 -18.56 -18.46 13.17
C THR C 229 -19.00 -19.61 14.08
N ASP C 230 -19.26 -20.77 13.49
CA ASP C 230 -19.73 -21.94 14.24
C ASP C 230 -18.73 -22.39 15.29
N GLN C 231 -17.44 -22.25 14.99
CA GLN C 231 -16.40 -22.73 15.90
C GLN C 231 -16.15 -21.72 17.01
N THR C 232 -16.30 -20.44 16.71
CA THR C 232 -16.21 -19.39 17.72
C THR C 232 -17.36 -19.53 18.70
N ILE C 233 -18.54 -19.83 18.16
CA ILE C 233 -19.73 -20.07 18.98
C ILE C 233 -19.53 -21.33 19.83
N SER C 234 -18.89 -22.34 19.24
CA SER C 234 -18.60 -23.58 19.96
C SER C 234 -17.67 -23.32 21.13
N PHE C 235 -16.67 -22.47 20.91
CA PHE C 235 -15.75 -22.07 21.98
C PHE C 235 -16.51 -21.33 23.07
N PHE C 236 -17.47 -20.50 22.65
CA PHE C 236 -18.30 -19.76 23.58
C PHE C 236 -19.15 -20.69 24.42
N GLU C 237 -19.77 -21.69 23.79
CA GLU C 237 -20.63 -22.63 24.50
C GLU C 237 -19.84 -23.43 25.52
N ASN C 238 -18.57 -23.72 25.21
CA ASN C 238 -17.71 -24.44 26.14
C ASN C 238 -17.36 -23.57 27.34
N GLU C 239 -17.29 -22.26 27.13
CA GLU C 239 -16.99 -21.32 28.20
C GLU C 239 -18.12 -21.21 29.23
N ILE C 240 -19.35 -21.27 28.74
CA ILE C 240 -20.52 -20.96 29.58
C ILE C 240 -21.13 -22.17 30.26
N VAL C 241 -20.54 -23.35 30.08
CA VAL C 241 -21.04 -24.56 30.72
C VAL C 241 -21.10 -24.43 32.26
N PRO C 242 -20.00 -23.99 32.91
CA PRO C 242 -20.13 -23.87 34.36
C PRO C 242 -21.04 -22.70 34.76
N LEU C 243 -21.13 -21.70 33.90
CA LEU C 243 -21.97 -20.54 34.15
C LEU C 243 -23.45 -20.93 34.16
N ARG C 244 -23.82 -21.82 33.25
CA ARG C 244 -25.19 -22.33 33.20
C ARG C 244 -25.48 -23.27 34.36
N GLU C 245 -24.46 -24.03 34.76
CA GLU C 245 -24.60 -25.00 35.85
C GLU C 245 -24.73 -24.32 37.21
N LEU C 246 -23.84 -23.38 37.49
CA LEU C 246 -23.74 -22.79 38.82
C LEU C 246 -24.53 -21.50 38.96
N THR C 247 -24.69 -20.76 37.87
CA THR C 247 -25.44 -19.50 37.90
C THR C 247 -26.45 -19.41 36.76
N PRO C 248 -27.48 -20.27 36.78
CA PRO C 248 -28.43 -20.34 35.67
C PRO C 248 -29.33 -19.11 35.53
N HIS C 249 -29.39 -18.27 36.57
CA HIS C 249 -30.27 -17.12 36.55
C HIS C 249 -29.53 -15.81 36.28
N ILE C 250 -28.21 -15.90 36.11
CA ILE C 250 -27.42 -14.75 35.71
C ILE C 250 -27.32 -14.69 34.20
N PRO C 251 -27.78 -13.59 33.60
CA PRO C 251 -27.78 -13.43 32.14
C PRO C 251 -26.36 -13.43 31.56
N ILE C 252 -26.21 -13.97 30.37
CA ILE C 252 -24.91 -14.07 29.70
C ILE C 252 -24.84 -13.22 28.44
N THR C 253 -23.75 -12.50 28.26
CA THR C 253 -23.53 -11.72 27.05
C THR C 253 -22.09 -11.77 26.59
N THR C 254 -21.87 -11.32 25.35
CA THR C 254 -20.53 -11.05 24.84
C THR C 254 -20.63 -9.80 23.97
N ASN C 255 -19.65 -8.92 24.08
CA ASN C 255 -19.73 -7.62 23.42
C ASN C 255 -19.42 -7.68 21.94
N PHE C 256 -20.34 -7.18 21.13
CA PHE C 256 -20.19 -7.13 19.68
C PHE C 256 -19.41 -5.89 19.26
N MET C 257 -18.98 -5.87 18.00
CA MET C 257 -18.24 -4.72 17.46
C MET C 257 -18.86 -4.18 16.18
N ALA C 258 -18.35 -3.03 15.76
CA ALA C 258 -18.55 -2.55 14.40
C ALA C 258 -17.19 -2.59 13.73
N ASP C 259 -17.18 -2.69 12.40
CA ASP C 259 -15.91 -2.77 11.67
CA ASP C 259 -15.93 -2.76 11.65
C ASP C 259 -15.08 -1.50 11.87
N THR C 260 -13.77 -1.67 11.85
CA THR C 260 -12.80 -0.60 12.05
C THR C 260 -13.07 0.64 11.20
N HIS C 261 -13.69 0.44 10.04
CA HIS C 261 -13.92 1.55 9.10
CA HIS C 261 -13.92 1.55 9.12
C HIS C 261 -15.40 1.75 8.81
N ASP C 262 -15.79 3.03 8.70
CA ASP C 262 -17.13 3.43 8.25
C ASP C 262 -18.31 2.97 9.12
N LEU C 263 -18.03 2.50 10.33
CA LEU C 263 -19.09 2.12 11.27
C LEU C 263 -20.12 1.14 10.70
N ILE C 264 -19.66 0.18 9.92
CA ILE C 264 -20.55 -0.85 9.38
C ILE C 264 -20.54 -2.03 10.36
N PRO C 265 -21.54 -2.94 10.26
CA PRO C 265 -21.54 -4.10 11.17
C PRO C 265 -20.27 -4.93 11.08
N PHE C 266 -19.88 -5.57 12.18
CA PHE C 266 -18.69 -6.40 12.21
C PHE C 266 -18.81 -7.52 11.17
N GLN C 267 -17.73 -7.77 10.46
CA GLN C 267 -17.76 -8.69 9.32
CA GLN C 267 -17.75 -8.68 9.32
C GLN C 267 -17.03 -10.01 9.60
N GLY C 268 -16.35 -10.08 10.76
CA GLY C 268 -15.61 -11.27 11.11
C GLY C 268 -16.49 -12.43 11.54
N LEU C 269 -17.65 -12.11 12.11
CA LEU C 269 -18.55 -13.13 12.63
C LEU C 269 -20.00 -12.89 12.21
N ASP C 270 -20.73 -13.96 11.97
CA ASP C 270 -22.16 -13.88 11.69
C ASP C 270 -22.91 -13.69 13.00
N TYR C 271 -23.09 -12.44 13.40
CA TYR C 271 -23.70 -12.12 14.69
C TYR C 271 -25.15 -12.59 14.81
N SER C 272 -25.82 -12.75 13.67
CA SER C 272 -27.20 -13.23 13.68
C SER C 272 -27.27 -14.68 14.17
N LYS C 273 -26.20 -15.42 13.93
CA LYS C 273 -26.08 -16.79 14.43
C LYS C 273 -25.76 -16.78 15.92
N PHE C 274 -24.81 -15.94 16.32
CA PHE C 274 -24.33 -15.90 17.69
C PHE C 274 -25.42 -15.40 18.65
N ALA C 275 -26.21 -14.43 18.19
CA ALA C 275 -27.23 -13.81 19.02
C ALA C 275 -28.19 -14.81 19.67
N LYS C 276 -28.42 -15.93 18.98
CA LYS C 276 -29.33 -16.95 19.47
C LYS C 276 -28.76 -17.71 20.68
N HIS C 277 -27.46 -17.57 20.90
CA HIS C 277 -26.79 -18.26 22.00
C HIS C 277 -26.59 -17.33 23.20
N LEU C 278 -27.01 -16.08 23.04
CA LEU C 278 -26.85 -15.07 24.10
C LEU C 278 -28.17 -14.74 24.77
N ASP C 279 -28.09 -14.32 26.03
CA ASP C 279 -29.28 -13.86 26.75
C ASP C 279 -29.58 -12.42 26.39
N VAL C 280 -28.54 -11.58 26.35
CA VAL C 280 -28.68 -10.17 26.02
C VAL C 280 -27.63 -9.72 25.01
N ILE C 281 -28.03 -8.85 24.09
CA ILE C 281 -27.11 -8.28 23.11
C ILE C 281 -26.38 -7.08 23.71
N SER C 282 -25.08 -6.99 23.46
CA SER C 282 -24.27 -5.86 23.89
C SER C 282 -23.20 -5.55 22.85
N TRP C 283 -22.84 -4.28 22.72
CA TRP C 283 -21.82 -3.91 21.73
C TRP C 283 -21.06 -2.63 22.11
N ASP C 284 -19.86 -2.51 21.55
CA ASP C 284 -19.00 -1.37 21.82
C ASP C 284 -19.03 -0.38 20.65
N ALA C 285 -19.35 0.87 20.95
CA ALA C 285 -19.50 1.88 19.91
C ALA C 285 -18.41 2.96 20.01
N TYR C 286 -17.68 3.14 18.92
CA TYR C 286 -16.64 4.17 18.87
C TYR C 286 -16.72 5.01 17.60
N PRO C 287 -17.76 5.86 17.50
CA PRO C 287 -17.91 6.72 16.32
C PRO C 287 -16.87 7.84 16.31
N ALA C 288 -16.31 8.13 15.14
CA ALA C 288 -15.33 9.20 15.03
C ALA C 288 -16.03 10.55 14.99
N TRP C 289 -16.53 10.99 16.14
CA TRP C 289 -17.24 12.27 16.23
C TRP C 289 -16.33 13.42 15.83
N HIS C 290 -16.93 14.41 15.16
CA HIS C 290 -16.26 15.64 14.74
C HIS C 290 -15.16 15.40 13.70
N ASN C 291 -15.36 14.44 12.82
CA ASN C 291 -14.43 14.23 11.71
C ASN C 291 -14.71 15.22 10.59
N ASP C 292 -13.82 15.27 9.60
CA ASP C 292 -13.92 16.28 8.55
C ASP C 292 -14.31 15.71 7.18
N TRP C 293 -15.09 14.63 7.17
CA TRP C 293 -15.55 14.07 5.90
C TRP C 293 -17.06 13.86 5.88
N GLU C 294 -17.74 14.25 6.96
CA GLU C 294 -19.19 14.13 7.03
C GLU C 294 -19.75 14.98 8.16
N SER C 295 -21.06 15.25 8.09
CA SER C 295 -21.74 16.01 9.12
C SER C 295 -21.91 15.17 10.38
N THR C 296 -22.26 15.82 11.48
CA THR C 296 -22.55 15.11 12.72
C THR C 296 -23.81 14.27 12.56
N ALA C 297 -24.75 14.78 11.77
CA ALA C 297 -26.03 14.11 11.53
C ALA C 297 -25.83 12.78 10.78
N ASP C 298 -24.98 12.81 9.76
CA ASP C 298 -24.68 11.61 8.98
C ASP C 298 -24.11 10.50 9.86
N LEU C 299 -23.16 10.86 10.71
CA LEU C 299 -22.55 9.90 11.63
C LEU C 299 -23.59 9.38 12.61
N ALA C 300 -24.40 10.30 13.14
CA ALA C 300 -25.46 9.94 14.08
C ALA C 300 -26.45 8.96 13.45
N MET C 301 -26.74 9.17 12.18
CA MET C 301 -27.64 8.29 11.45
C MET C 301 -27.06 6.88 11.35
N LYS C 302 -25.76 6.80 11.08
CA LYS C 302 -25.08 5.52 10.96
C LYS C 302 -25.04 4.78 12.30
N VAL C 303 -24.90 5.54 13.38
CA VAL C 303 -24.95 4.97 14.72
C VAL C 303 -26.34 4.40 14.99
N GLY C 304 -27.37 5.15 14.56
CA GLY C 304 -28.74 4.72 14.71
C GLY C 304 -29.02 3.43 13.96
N PHE C 305 -28.43 3.29 12.78
CA PHE C 305 -28.60 2.10 11.96
C PHE C 305 -28.06 0.85 12.65
N ILE C 306 -26.85 0.96 13.19
CA ILE C 306 -26.22 -0.15 13.88
C ILE C 306 -27.01 -0.53 15.13
N ASN C 307 -27.46 0.49 15.86
CA ASN C 307 -28.28 0.26 17.04
C ASN C 307 -29.56 -0.48 16.70
N ASP C 308 -30.23 -0.03 15.64
CA ASP C 308 -31.47 -0.67 15.19
C ASP C 308 -31.23 -2.11 14.74
N LEU C 309 -30.02 -2.40 14.31
CA LEU C 309 -29.65 -3.74 13.90
C LEU C 309 -29.43 -4.66 15.10
N TYR C 310 -28.65 -4.18 16.06
CA TYR C 310 -28.27 -5.00 17.20
C TYR C 310 -29.40 -5.13 18.22
N ARG C 311 -30.28 -4.14 18.25
CA ARG C 311 -31.47 -4.22 19.12
CA ARG C 311 -31.47 -4.22 19.12
C ARG C 311 -32.43 -5.27 18.59
N SER C 312 -32.55 -5.34 17.27
CA SER C 312 -33.52 -6.23 16.63
C SER C 312 -33.09 -7.70 16.61
N LEU C 313 -31.87 -8.00 17.05
CA LEU C 313 -31.41 -9.38 17.11
C LEU C 313 -32.20 -10.18 18.14
N LYS C 314 -32.77 -9.47 19.11
CA LYS C 314 -33.66 -10.08 20.09
C LYS C 314 -34.86 -9.17 20.34
N GLN C 315 -35.92 -9.70 20.94
CA GLN C 315 -37.12 -8.91 21.21
C GLN C 315 -37.03 -8.24 22.57
N GLN C 316 -36.00 -7.40 22.74
CA GLN C 316 -35.71 -6.81 24.04
C GLN C 316 -34.71 -5.66 23.92
N PRO C 317 -34.58 -4.84 24.98
CA PRO C 317 -33.50 -3.84 25.00
C PRO C 317 -32.12 -4.48 24.92
N PHE C 318 -31.14 -3.72 24.43
CA PHE C 318 -29.75 -4.19 24.43
C PHE C 318 -28.95 -3.37 25.42
N LEU C 319 -27.65 -3.67 25.53
CA LEU C 319 -26.79 -2.97 26.46
C LEU C 319 -25.56 -2.39 25.78
N LEU C 320 -25.39 -1.08 25.85
CA LEU C 320 -24.14 -0.47 25.41
C LEU C 320 -23.04 -0.91 26.37
N MET C 321 -22.18 -1.81 25.92
CA MET C 321 -21.17 -2.40 26.79
C MET C 321 -19.93 -1.52 26.89
N ALA C 322 -19.65 -0.76 25.84
CA ALA C 322 -18.50 0.15 25.85
C ALA C 322 -18.64 1.30 24.87
N CYS C 323 -18.19 2.47 25.31
CA CYS C 323 -18.06 3.65 24.47
C CYS C 323 -17.08 4.57 25.17
N THR C 324 -16.54 5.56 24.46
CA THR C 324 -15.62 6.47 25.10
C THR C 324 -16.32 7.76 25.51
N PRO C 325 -16.06 8.23 26.75
CA PRO C 325 -16.61 9.50 27.24
C PRO C 325 -15.86 10.70 26.66
N SER C 326 -14.84 10.43 25.85
CA SER C 326 -14.03 11.48 25.25
C SER C 326 -13.44 11.06 23.92
N LEU C 327 -12.30 10.38 23.97
CA LEU C 327 -11.58 9.97 22.76
C LEU C 327 -11.20 8.49 22.78
N VAL C 328 -10.66 8.01 21.67
CA VAL C 328 -10.06 6.69 21.61
C VAL C 328 -8.57 6.83 21.35
N ASN C 329 -7.88 5.71 21.13
CA ASN C 329 -6.43 5.73 20.99
C ASN C 329 -5.93 5.26 19.63
N TRP C 330 -6.80 4.58 18.87
CA TRP C 330 -6.37 3.84 17.70
C TRP C 330 -6.87 4.39 16.37
N HIS C 331 -7.57 5.52 16.39
CA HIS C 331 -8.01 6.14 15.14
C HIS C 331 -6.85 6.87 14.48
N LYS C 332 -7.00 7.16 13.19
CA LYS C 332 -6.00 7.95 12.47
C LYS C 332 -5.87 9.32 13.11
N VAL C 333 -7.00 9.86 13.54
CA VAL C 333 -7.05 11.12 14.27
C VAL C 333 -7.88 10.93 15.54
N ASN C 334 -7.24 11.03 16.69
CA ASN C 334 -7.93 10.81 17.96
C ASN C 334 -8.45 12.11 18.56
N LYS C 335 -9.53 12.60 17.97
CA LYS C 335 -10.16 13.85 18.39
C LYS C 335 -11.21 13.58 19.46
N ALA C 336 -11.21 14.38 20.52
CA ALA C 336 -12.11 14.17 21.64
C ALA C 336 -13.48 14.78 21.40
N LYS C 337 -14.49 14.23 22.07
CA LYS C 337 -15.85 14.76 22.00
C LYS C 337 -15.91 16.19 22.48
N ARG C 338 -16.63 17.03 21.76
CA ARG C 338 -16.83 18.41 22.14
C ARG C 338 -17.81 18.48 23.31
N PRO C 339 -17.79 19.58 24.08
CA PRO C 339 -18.74 19.77 25.17
C PRO C 339 -20.19 19.57 24.73
N GLY C 340 -20.88 18.62 25.35
CA GLY C 340 -22.28 18.36 25.04
C GLY C 340 -22.50 17.14 24.17
N MET C 341 -21.46 16.71 23.45
CA MET C 341 -21.58 15.59 22.52
C MET C 341 -21.74 14.26 23.23
N HIS C 342 -21.05 14.09 24.35
CA HIS C 342 -21.13 12.83 25.10
C HIS C 342 -22.53 12.61 25.66
N PHE C 343 -23.13 13.66 26.19
CA PHE C 343 -24.50 13.60 26.68
C PHE C 343 -25.43 13.28 25.53
N LEU C 344 -25.21 13.96 24.41
CA LEU C 344 -25.98 13.75 23.19
C LEU C 344 -25.93 12.30 22.71
N SER C 345 -24.73 11.75 22.62
CA SER C 345 -24.53 10.39 22.12
C SER C 345 -25.09 9.35 23.09
N SER C 346 -24.97 9.63 24.38
CA SER C 346 -25.49 8.71 25.41
C SER C 346 -27.01 8.64 25.33
N MET C 347 -27.65 9.80 25.17
CA MET C 347 -29.10 9.88 25.06
C MET C 347 -29.59 9.15 23.81
N GLN C 348 -28.81 9.25 22.73
CA GLN C 348 -29.16 8.57 21.49
C GLN C 348 -29.15 7.05 21.68
N MET C 349 -28.17 6.57 22.44
CA MET C 349 -28.07 5.15 22.74
C MET C 349 -29.29 4.66 23.49
N ILE C 350 -29.72 5.42 24.50
CA ILE C 350 -30.91 5.09 25.25
C ILE C 350 -32.14 5.11 24.34
N ALA C 351 -32.23 6.14 23.49
CA ALA C 351 -33.37 6.31 22.60
C ALA C 351 -33.57 5.15 21.66
N HIS C 352 -32.47 4.54 21.21
CA HIS C 352 -32.55 3.44 20.25
C HIS C 352 -32.61 2.07 20.93
N GLY C 353 -32.75 2.06 22.25
CA GLY C 353 -33.06 0.83 22.96
C GLY C 353 -32.04 0.30 23.94
N SER C 354 -30.99 1.07 24.21
CA SER C 354 -29.98 0.64 25.18
C SER C 354 -30.46 0.92 26.61
N ASP C 355 -30.32 -0.07 27.48
CA ASP C 355 -30.63 0.11 28.89
C ASP C 355 -29.37 0.29 29.71
N SER C 356 -28.33 0.85 29.08
CA SER C 356 -27.05 1.04 29.75
C SER C 356 -26.16 2.06 29.05
N ILE C 357 -25.36 2.76 29.84
CA ILE C 357 -24.27 3.57 29.32
C ILE C 357 -22.97 3.13 30.00
N LEU C 358 -22.20 2.32 29.30
CA LEU C 358 -20.97 1.77 29.88
C LEU C 358 -19.75 2.21 29.08
N TYR C 359 -18.66 2.52 29.80
CA TYR C 359 -17.47 3.05 29.14
C TYR C 359 -16.28 2.11 29.17
N PHE C 360 -15.44 2.26 28.15
CA PHE C 360 -14.03 1.96 28.28
C PHE C 360 -13.33 3.31 28.17
N GLN C 361 -12.63 3.73 29.21
CA GLN C 361 -12.40 2.93 30.41
C GLN C 361 -12.87 3.71 31.64
N TRP C 362 -12.77 3.12 32.83
CA TRP C 362 -13.05 3.87 34.04
C TRP C 362 -11.90 4.81 34.37
N ARG C 363 -10.71 4.25 34.47
CA ARG C 363 -9.51 5.03 34.71
C ARG C 363 -8.44 4.69 33.68
N LYS C 364 -7.80 5.72 33.13
CA LYS C 364 -6.75 5.52 32.15
C LYS C 364 -5.61 4.67 32.71
N SER C 365 -5.23 3.63 31.97
CA SER C 365 -4.06 2.84 32.33
C SER C 365 -2.82 3.71 32.17
N ARG C 366 -1.84 3.53 33.04
CA ARG C 366 -0.68 4.39 33.06
C ARG C 366 0.27 4.11 31.90
N GLY C 367 0.24 2.88 31.39
CA GLY C 367 1.13 2.50 30.32
C GLY C 367 0.53 1.57 29.29
N SER C 368 1.37 1.14 28.35
CA SER C 368 1.01 0.22 27.27
C SER C 368 0.00 0.82 26.29
N PHE C 369 -0.54 -0.04 25.43
CA PHE C 369 -1.23 0.36 24.20
C PHE C 369 -2.32 1.41 24.34
N GLU C 370 -3.18 1.29 25.35
CA GLU C 370 -4.32 2.18 25.48
C GLU C 370 -4.21 3.14 26.65
N LYS C 371 -2.98 3.59 26.93
CA LYS C 371 -2.76 4.51 28.04
C LYS C 371 -3.30 5.91 27.71
N PHE C 372 -3.56 6.14 26.43
CA PHE C 372 -4.14 7.41 26.00
C PHE C 372 -5.56 7.25 25.48
N HIS C 373 -6.16 6.08 25.72
CA HIS C 373 -7.56 5.87 25.43
C HIS C 373 -8.40 6.63 26.45
N GLY C 374 -9.53 7.18 26.01
CA GLY C 374 -10.38 7.96 26.88
C GLY C 374 -10.92 7.18 28.06
N ALA C 375 -11.06 7.86 29.19
CA ALA C 375 -11.62 7.26 30.39
C ALA C 375 -12.34 8.31 31.23
N VAL C 376 -13.10 7.85 32.22
CA VAL C 376 -13.82 8.76 33.10
C VAL C 376 -12.84 9.58 33.93
N VAL C 377 -11.76 8.93 34.36
CA VAL C 377 -10.73 9.61 35.15
C VAL C 377 -9.42 9.69 34.37
N ASP C 378 -8.90 10.91 34.23
CA ASP C 378 -7.66 11.15 33.50
C ASP C 378 -6.45 10.74 34.34
N HIS C 379 -5.27 10.96 33.80
CA HIS C 379 -4.03 10.67 34.53
C HIS C 379 -3.84 11.63 35.70
N ASP C 380 -4.55 12.75 35.68
CA ASP C 380 -4.39 13.78 36.71
C ASP C 380 -5.32 13.55 37.91
N ASN C 381 -6.20 12.55 37.80
CA ASN C 381 -7.09 12.15 38.88
C ASN C 381 -8.00 13.28 39.35
N ARG C 382 -8.40 14.15 38.42
CA ARG C 382 -9.21 15.31 38.78
C ARG C 382 -10.68 15.14 38.43
N THR C 383 -11.54 15.54 39.36
CA THR C 383 -12.97 15.61 39.10
C THR C 383 -13.26 16.91 38.35
N ASP C 384 -12.25 17.76 38.27
CA ASP C 384 -12.34 19.06 37.62
C ASP C 384 -12.47 18.94 36.11
N SER C 385 -12.04 17.79 35.57
CA SER C 385 -12.03 17.54 34.13
C SER C 385 -13.44 17.66 33.52
N ARG C 386 -13.49 18.22 32.32
CA ARG C 386 -14.77 18.37 31.62
C ARG C 386 -15.33 17.01 31.22
N VAL C 387 -14.45 16.03 31.07
CA VAL C 387 -14.87 14.66 30.78
C VAL C 387 -15.61 14.08 31.97
N PHE C 388 -15.03 14.22 33.16
CA PHE C 388 -15.65 13.73 34.38
C PHE C 388 -16.97 14.43 34.65
N GLN C 389 -16.97 15.76 34.51
CA GLN C 389 -18.17 16.53 34.79
CA GLN C 389 -18.15 16.58 34.73
C GLN C 389 -19.33 16.15 33.87
N GLU C 390 -19.03 15.84 32.61
CA GLU C 390 -20.09 15.48 31.67
C GLU C 390 -20.56 14.05 31.89
N VAL C 391 -19.65 13.17 32.30
CA VAL C 391 -20.04 11.82 32.70
C VAL C 391 -20.99 11.92 33.89
N ALA C 392 -20.69 12.84 34.80
CA ALA C 392 -21.55 13.08 35.96
C ALA C 392 -22.93 13.59 35.52
N GLU C 393 -22.94 14.47 34.53
CA GLU C 393 -24.19 15.00 33.99
CA GLU C 393 -24.19 15.00 34.00
C GLU C 393 -25.04 13.89 33.39
N VAL C 394 -24.39 12.96 32.69
CA VAL C 394 -25.07 11.83 32.08
C VAL C 394 -25.69 10.92 33.15
N GLY C 395 -24.88 10.53 34.13
CA GLY C 395 -25.32 9.66 35.20
C GLY C 395 -26.44 10.27 36.03
N LYS C 396 -26.35 11.58 36.23
CA LYS C 396 -27.37 12.33 36.95
C LYS C 396 -28.70 12.29 36.21
N ALA C 397 -28.63 12.28 34.88
CA ALA C 397 -29.82 12.21 34.05
C ALA C 397 -30.36 10.79 33.97
N LEU C 398 -29.46 9.81 34.00
CA LEU C 398 -29.83 8.40 33.91
C LEU C 398 -30.62 7.94 35.13
N LYS C 399 -30.35 8.54 36.28
CA LYS C 399 -31.03 8.17 37.51
C LYS C 399 -32.51 8.55 37.48
N LYS C 400 -32.84 9.50 36.60
CA LYS C 400 -34.22 9.97 36.49
C LYS C 400 -34.98 9.20 35.40
N MET C 401 -34.32 8.24 34.77
CA MET C 401 -34.87 7.59 33.59
C MET C 401 -35.10 6.09 33.77
N SER C 402 -35.31 5.66 35.01
CA SER C 402 -35.50 4.24 35.30
C SER C 402 -36.80 3.69 34.72
N GLY C 403 -37.72 4.59 34.39
CA GLY C 403 -38.98 4.19 33.79
C GLY C 403 -38.80 3.65 32.38
N ILE C 404 -37.70 4.04 31.76
CA ILE C 404 -37.39 3.63 30.40
C ILE C 404 -36.82 2.21 30.38
N VAL C 405 -36.27 1.78 31.52
CA VAL C 405 -35.69 0.44 31.65
C VAL C 405 -36.70 -0.66 31.29
N GLY C 406 -36.33 -1.48 30.32
CA GLY C 406 -37.16 -2.60 29.92
C GLY C 406 -38.13 -2.29 28.80
N THR C 407 -38.26 -1.03 28.45
CA THR C 407 -39.19 -0.61 27.41
C THR C 407 -38.68 -0.96 26.01
N ASN C 408 -39.61 -1.33 25.14
CA ASN C 408 -39.27 -1.64 23.76
C ASN C 408 -39.76 -0.55 22.81
N ARG C 409 -39.59 -0.78 21.51
CA ARG C 409 -40.00 0.20 20.51
C ARG C 409 -40.33 -0.48 19.18
N PRO C 410 -41.58 -0.95 19.04
CA PRO C 410 -42.05 -1.65 17.84
C PRO C 410 -41.94 -0.79 16.58
N ALA C 411 -41.62 -1.42 15.46
CA ALA C 411 -41.50 -0.70 14.20
C ALA C 411 -42.39 -1.31 13.13
N GLU C 412 -42.83 -0.47 12.18
CA GLU C 412 -43.63 -0.94 11.06
C GLU C 412 -42.76 -1.07 9.81
N VAL C 413 -41.52 -0.58 9.92
CA VAL C 413 -40.58 -0.63 8.80
C VAL C 413 -39.37 -1.49 9.15
N ALA C 414 -39.01 -2.39 8.23
CA ALA C 414 -37.86 -3.27 8.43
C ALA C 414 -36.91 -3.24 7.25
N ILE C 415 -35.61 -3.23 7.54
CA ILE C 415 -34.59 -3.37 6.51
C ILE C 415 -33.83 -4.68 6.72
N LEU C 416 -33.78 -5.50 5.67
CA LEU C 416 -33.15 -6.80 5.76
C LEU C 416 -31.65 -6.75 5.53
N TYR C 417 -30.89 -7.26 6.49
CA TYR C 417 -29.45 -7.38 6.37
C TYR C 417 -29.03 -8.83 6.52
N ASP C 418 -28.05 -9.26 5.73
CA ASP C 418 -27.57 -10.63 5.79
C ASP C 418 -26.04 -10.69 5.77
N TRP C 419 -25.47 -11.31 6.79
CA TRP C 419 -24.01 -11.41 6.92
C TRP C 419 -23.40 -12.31 5.84
N GLU C 420 -24.07 -13.42 5.56
CA GLU C 420 -23.58 -14.34 4.53
C GLU C 420 -23.63 -13.71 3.15
N ASN C 421 -24.68 -12.93 2.89
CA ASN C 421 -24.81 -12.20 1.64
C ASN C 421 -23.66 -11.20 1.47
N ASN C 422 -23.43 -10.42 2.53
CA ASN C 422 -22.34 -9.46 2.55
C ASN C 422 -20.98 -10.11 2.29
N TRP C 423 -20.82 -11.33 2.82
CA TRP C 423 -19.60 -12.10 2.61
C TRP C 423 -19.42 -12.49 1.15
N ALA C 424 -20.46 -13.10 0.58
CA ALA C 424 -20.40 -13.57 -0.80
C ALA C 424 -20.27 -12.41 -1.79
N LEU C 425 -20.95 -11.31 -1.50
CA LEU C 425 -20.91 -10.13 -2.35
C LEU C 425 -19.51 -9.52 -2.35
N ASN C 426 -18.90 -9.47 -1.17
CA ASN C 426 -17.53 -8.94 -1.04
C ASN C 426 -16.51 -9.82 -1.75
N ASP C 427 -16.75 -11.13 -1.76
CA ASP C 427 -15.80 -12.07 -2.34
C ASP C 427 -16.01 -12.23 -3.85
N ALA C 428 -17.16 -11.78 -4.34
CA ALA C 428 -17.53 -11.96 -5.74
C ALA C 428 -16.59 -11.25 -6.70
N GLN C 429 -16.20 -11.96 -7.76
CA GLN C 429 -15.39 -11.38 -8.82
C GLN C 429 -16.28 -10.87 -9.94
N GLY C 430 -16.58 -9.57 -9.88
CA GLY C 430 -17.49 -8.94 -10.82
C GLY C 430 -17.84 -7.57 -10.29
N PHE C 431 -18.70 -6.86 -11.02
CA PHE C 431 -19.09 -5.50 -10.65
C PHE C 431 -17.86 -4.63 -10.45
N ALA C 432 -17.84 -3.86 -9.38
CA ALA C 432 -16.67 -3.06 -9.02
C ALA C 432 -16.42 -3.16 -7.52
N ALA C 433 -15.20 -3.53 -7.15
CA ALA C 433 -14.84 -3.83 -5.76
C ALA C 433 -15.14 -2.68 -4.80
N GLU C 434 -14.81 -1.46 -5.20
CA GLU C 434 -14.90 -0.32 -4.30
C GLU C 434 -16.27 0.35 -4.30
N THR C 435 -17.17 -0.13 -5.15
CA THR C 435 -18.51 0.47 -5.24
C THR C 435 -19.62 -0.47 -4.78
N LYS C 436 -19.26 -1.70 -4.43
CA LYS C 436 -20.23 -2.66 -3.92
C LYS C 436 -20.97 -2.04 -2.72
N ARG C 437 -20.23 -1.81 -1.65
CA ARG C 437 -20.70 -1.02 -0.51
C ARG C 437 -22.09 -1.41 -0.03
N TYR C 438 -22.25 -2.66 0.37
CA TYR C 438 -23.53 -3.21 0.74
C TYR C 438 -24.12 -2.61 2.03
N PRO C 439 -23.34 -2.54 3.13
CA PRO C 439 -23.97 -1.95 4.32
C PRO C 439 -24.20 -0.44 4.20
N GLN C 440 -23.34 0.25 3.46
CA GLN C 440 -23.52 1.69 3.25
C GLN C 440 -24.77 1.97 2.43
N THR C 441 -25.06 1.08 1.48
CA THR C 441 -26.24 1.20 0.65
C THR C 441 -27.52 1.07 1.47
N LEU C 442 -27.50 0.13 2.42
CA LEU C 442 -28.62 -0.07 3.32
C LEU C 442 -28.90 1.18 4.14
N VAL C 443 -27.84 1.88 4.53
CA VAL C 443 -27.96 3.12 5.28
C VAL C 443 -28.64 4.19 4.44
N GLN C 444 -28.37 4.18 3.15
CA GLN C 444 -28.98 5.15 2.22
C GLN C 444 -30.48 4.96 2.13
N HIS C 445 -30.94 3.70 2.24
CA HIS C 445 -32.36 3.41 2.26
C HIS C 445 -32.94 3.68 3.64
N TYR C 446 -32.06 3.72 4.63
CA TYR C 446 -32.43 3.99 6.01
C TYR C 446 -32.60 5.50 6.25
N ARG C 447 -31.92 6.29 5.43
CA ARG C 447 -31.88 7.74 5.59
C ARG C 447 -33.26 8.46 5.62
N PRO C 448 -34.16 8.16 4.67
CA PRO C 448 -35.42 8.92 4.68
C PRO C 448 -36.23 8.72 5.96
N PHE C 449 -36.18 7.52 6.50
CA PHE C 449 -36.93 7.19 7.72
C PHE C 449 -36.30 7.83 8.95
N TRP C 450 -34.98 7.99 8.92
CA TRP C 450 -34.26 8.62 10.04
C TRP C 450 -34.55 10.11 10.06
N GLU C 451 -34.70 10.70 8.88
CA GLU C 451 -35.02 12.12 8.74
C GLU C 451 -36.47 12.39 9.10
N ARG C 452 -37.31 11.36 8.98
CA ARG C 452 -38.73 11.48 9.27
C ARG C 452 -39.07 10.94 10.66
N ASP C 453 -38.05 10.52 11.39
CA ASP C 453 -38.21 9.98 12.74
C ASP C 453 -39.14 8.78 12.78
N ILE C 454 -39.08 7.95 11.74
CA ILE C 454 -39.89 6.74 11.67
C ILE C 454 -39.09 5.54 12.17
N PRO C 455 -39.63 4.84 13.18
CA PRO C 455 -38.98 3.67 13.79
C PRO C 455 -38.66 2.58 12.77
N VAL C 456 -37.42 2.12 12.78
CA VAL C 456 -36.98 1.08 11.85
C VAL C 456 -36.27 -0.06 12.57
N ASP C 457 -36.64 -1.28 12.23
CA ASP C 457 -35.90 -2.47 12.67
C ASP C 457 -34.99 -2.95 11.55
N VAL C 458 -33.70 -3.07 11.81
CA VAL C 458 -32.80 -3.71 10.86
C VAL C 458 -32.71 -5.19 11.22
N ILE C 459 -33.36 -6.03 10.42
CA ILE C 459 -33.54 -7.43 10.76
C ILE C 459 -32.69 -8.37 9.92
N THR C 460 -32.65 -9.64 10.34
CA THR C 460 -31.99 -10.69 9.57
C THR C 460 -33.04 -11.70 9.11
N LYS C 461 -32.63 -12.67 8.30
CA LYS C 461 -33.59 -13.54 7.62
C LYS C 461 -34.35 -14.48 8.55
N GLU C 462 -33.82 -14.71 9.74
CA GLU C 462 -34.50 -15.57 10.72
C GLU C 462 -35.66 -14.84 11.38
N HIS C 463 -35.53 -13.53 11.50
CA HIS C 463 -36.55 -12.66 12.06
C HIS C 463 -37.90 -12.83 11.35
N ASP C 464 -38.98 -12.60 12.07
CA ASP C 464 -40.32 -12.66 11.49
C ASP C 464 -40.57 -11.44 10.61
N PHE C 465 -41.24 -11.65 9.47
CA PHE C 465 -41.54 -10.56 8.54
C PHE C 465 -42.98 -10.08 8.67
N SER C 466 -43.84 -10.94 9.21
CA SER C 466 -45.29 -10.74 9.20
CA SER C 466 -45.28 -10.72 9.18
C SER C 466 -45.75 -9.43 9.85
N ARG C 467 -45.01 -8.95 10.84
CA ARG C 467 -45.46 -7.77 11.59
C ARG C 467 -45.18 -6.44 10.88
N TYR C 468 -44.40 -6.47 9.80
CA TYR C 468 -44.01 -5.23 9.14
C TYR C 468 -44.86 -4.89 7.92
N LYS C 469 -45.23 -3.62 7.82
CA LYS C 469 -45.94 -3.11 6.65
C LYS C 469 -45.00 -3.02 5.46
N LEU C 470 -43.77 -2.60 5.73
CA LEU C 470 -42.79 -2.37 4.69
C LEU C 470 -41.47 -3.09 4.98
N LEU C 471 -41.00 -3.88 4.02
CA LEU C 471 -39.73 -4.59 4.16
C LEU C 471 -38.79 -4.19 3.03
N ILE C 472 -37.59 -3.73 3.40
CA ILE C 472 -36.62 -3.23 2.43
C ILE C 472 -35.38 -4.11 2.37
N ALA C 473 -35.17 -4.77 1.25
CA ALA C 473 -34.02 -5.66 1.08
C ALA C 473 -33.15 -5.24 -0.09
N PRO C 474 -32.27 -4.25 0.13
CA PRO C 474 -31.37 -3.78 -0.93
C PRO C 474 -30.23 -4.76 -1.19
N MET C 475 -29.91 -4.96 -2.47
CA MET C 475 -28.75 -5.75 -2.88
C MET C 475 -28.68 -7.13 -2.24
N LEU C 476 -29.80 -7.84 -2.19
CA LEU C 476 -29.81 -9.19 -1.64
C LEU C 476 -29.23 -10.17 -2.67
N TYR C 477 -27.96 -9.95 -3.00
CA TYR C 477 -27.23 -10.73 -4.00
C TYR C 477 -27.32 -12.23 -3.74
N LEU C 478 -27.05 -12.63 -2.50
CA LEU C 478 -27.22 -14.01 -2.10
C LEU C 478 -28.55 -14.21 -1.39
N VAL C 479 -29.36 -15.12 -1.92
CA VAL C 479 -30.63 -15.43 -1.28
C VAL C 479 -30.99 -16.90 -1.58
N SER C 480 -31.61 -17.55 -0.59
CA SER C 480 -31.95 -18.97 -0.72
C SER C 480 -33.41 -19.15 -1.14
N GLU C 481 -33.76 -20.37 -1.53
CA GLU C 481 -35.13 -20.70 -1.92
C GLU C 481 -36.11 -20.41 -0.80
N GLU C 482 -35.75 -20.81 0.41
CA GLU C 482 -36.62 -20.66 1.57
C GLU C 482 -36.87 -19.19 1.87
N THR C 483 -35.83 -18.37 1.77
CA THR C 483 -35.95 -16.93 2.00
C THR C 483 -36.84 -16.31 0.93
N ILE C 484 -36.65 -16.72 -0.31
CA ILE C 484 -37.48 -16.26 -1.42
C ILE C 484 -38.94 -16.59 -1.18
N ALA C 485 -39.20 -17.82 -0.75
CA ALA C 485 -40.56 -18.28 -0.47
C ALA C 485 -41.22 -17.48 0.63
N ARG C 486 -40.46 -17.18 1.68
CA ARG C 486 -40.96 -16.38 2.80
C ARG C 486 -41.27 -14.96 2.37
N LEU C 487 -40.47 -14.43 1.45
CA LEU C 487 -40.68 -13.09 0.92
C LEU C 487 -41.91 -13.04 0.02
N LYS C 488 -42.14 -14.12 -0.72
CA LYS C 488 -43.32 -14.22 -1.57
C LYS C 488 -44.57 -14.25 -0.71
N GLU C 489 -44.53 -15.03 0.36
CA GLU C 489 -45.63 -15.14 1.31
C GLU C 489 -45.88 -13.81 2.01
N PHE C 490 -44.79 -13.08 2.29
CA PHE C 490 -44.90 -11.76 2.93
C PHE C 490 -45.64 -10.76 2.04
N VAL C 491 -45.24 -10.69 0.78
CA VAL C 491 -45.87 -9.79 -0.18
C VAL C 491 -47.32 -10.17 -0.41
N ALA C 492 -47.56 -11.45 -0.66
CA ALA C 492 -48.89 -11.96 -0.95
C ALA C 492 -49.89 -11.63 0.16
N ASN C 493 -49.43 -11.72 1.41
CA ASN C 493 -50.30 -11.49 2.56
C ASN C 493 -50.56 -10.01 2.83
N GLY C 494 -50.05 -9.14 1.97
CA GLY C 494 -50.34 -7.72 2.07
C GLY C 494 -49.13 -6.84 2.33
N GLY C 495 -47.96 -7.45 2.43
CA GLY C 495 -46.74 -6.72 2.71
C GLY C 495 -46.18 -6.01 1.49
N THR C 496 -45.51 -4.89 1.73
CA THR C 496 -44.81 -4.17 0.66
C THR C 496 -43.33 -4.46 0.73
N LEU C 497 -42.76 -4.93 -0.38
CA LEU C 497 -41.36 -5.29 -0.43
C LEU C 497 -40.59 -4.46 -1.45
N VAL C 498 -39.46 -3.92 -1.02
CA VAL C 498 -38.58 -3.18 -1.92
C VAL C 498 -37.25 -3.89 -2.09
N MET C 499 -36.89 -4.17 -3.34
CA MET C 499 -35.58 -4.72 -3.66
C MET C 499 -34.89 -3.84 -4.68
N THR C 500 -33.59 -4.06 -4.86
CA THR C 500 -32.82 -3.23 -5.77
C THR C 500 -32.00 -4.05 -6.75
N TYR C 501 -31.17 -3.33 -7.51
CA TYR C 501 -30.12 -3.90 -8.33
C TYR C 501 -29.27 -4.88 -7.53
N ILE C 502 -28.72 -5.88 -8.21
CA ILE C 502 -27.83 -6.87 -7.60
C ILE C 502 -28.48 -7.55 -6.39
N SER C 503 -29.68 -8.06 -6.59
CA SER C 503 -30.32 -8.91 -5.59
C SER C 503 -30.42 -10.31 -6.18
N GLY C 504 -31.02 -11.25 -5.45
CA GLY C 504 -31.23 -12.62 -5.90
C GLY C 504 -30.51 -13.20 -7.11
N ILE C 505 -29.19 -13.01 -7.18
CA ILE C 505 -28.37 -13.55 -8.27
C ILE C 505 -27.89 -14.96 -7.96
N VAL C 506 -27.79 -15.27 -6.67
CA VAL C 506 -27.01 -16.39 -6.19
C VAL C 506 -27.67 -17.09 -5.00
N ASP C 507 -27.51 -18.40 -4.89
CA ASP C 507 -28.09 -19.12 -3.75
C ASP C 507 -27.08 -19.22 -2.60
N GLU C 508 -27.43 -19.98 -1.57
CA GLU C 508 -26.61 -20.03 -0.36
C GLU C 508 -25.24 -20.68 -0.56
N HIS C 509 -25.00 -21.22 -1.75
CA HIS C 509 -23.71 -21.81 -2.08
C HIS C 509 -22.88 -20.90 -3.00
N ASP C 510 -23.35 -19.66 -3.14
CA ASP C 510 -22.81 -18.71 -4.11
C ASP C 510 -22.88 -19.27 -5.53
N LEU C 511 -23.83 -20.18 -5.75
CA LEU C 511 -24.07 -20.73 -7.07
C LEU C 511 -25.13 -19.91 -7.77
N ALA C 512 -24.85 -19.50 -9.00
CA ALA C 512 -25.75 -18.62 -9.74
C ALA C 512 -27.05 -19.33 -10.14
N TYR C 513 -28.18 -18.65 -9.90
CA TYR C 513 -29.46 -19.14 -10.37
C TYR C 513 -29.48 -19.16 -11.89
N LEU C 514 -29.88 -20.29 -12.48
CA LEU C 514 -29.87 -20.45 -13.93
C LEU C 514 -31.24 -20.20 -14.55
N GLY C 515 -31.24 -19.99 -15.86
CA GLY C 515 -32.47 -19.85 -16.63
C GLY C 515 -33.30 -18.64 -16.28
N GLY C 516 -32.63 -17.49 -16.17
CA GLY C 516 -33.31 -16.27 -15.75
C GLY C 516 -33.49 -16.31 -14.25
N TRP C 517 -34.28 -15.39 -13.71
CA TRP C 517 -34.44 -15.34 -12.27
C TRP C 517 -35.52 -16.27 -11.75
N HIS C 518 -35.42 -16.57 -10.46
CA HIS C 518 -36.34 -17.45 -9.77
C HIS C 518 -37.78 -17.07 -10.08
N GLN C 519 -38.59 -18.08 -10.41
CA GLN C 519 -39.98 -17.89 -10.81
C GLN C 519 -40.76 -17.01 -9.82
N ASP C 520 -40.53 -17.24 -8.53
CA ASP C 520 -41.26 -16.51 -7.50
C ASP C 520 -40.94 -15.02 -7.51
N LEU C 521 -39.66 -14.70 -7.66
CA LEU C 521 -39.25 -13.30 -7.73
C LEU C 521 -39.81 -12.61 -8.98
N ARG C 522 -39.87 -13.35 -10.08
CA ARG C 522 -40.42 -12.81 -11.32
C ARG C 522 -41.91 -12.52 -11.19
N GLU C 523 -42.62 -13.44 -10.54
CA GLU C 523 -44.05 -13.27 -10.30
C GLU C 523 -44.32 -12.11 -9.34
N MET C 524 -43.52 -12.04 -8.28
CA MET C 524 -43.67 -11.03 -7.24
C MET C 524 -43.52 -9.61 -7.80
N PHE C 525 -42.43 -9.38 -8.51
CA PHE C 525 -42.09 -8.04 -8.97
C PHE C 525 -42.66 -7.72 -10.34
N GLY C 526 -43.17 -8.74 -11.02
CA GLY C 526 -43.74 -8.57 -12.36
C GLY C 526 -42.71 -8.12 -13.38
N MET C 527 -41.45 -8.39 -13.09
CA MET C 527 -40.35 -8.05 -14.00
C MET C 527 -39.15 -8.93 -13.73
N GLU C 528 -38.06 -8.67 -14.44
CA GLU C 528 -36.80 -9.37 -14.19
C GLU C 528 -35.62 -8.64 -14.81
N PRO C 529 -34.47 -8.64 -14.11
CA PRO C 529 -33.21 -8.07 -14.59
C PRO C 529 -32.51 -9.00 -15.57
N ILE C 530 -31.99 -8.45 -16.67
CA ILE C 530 -31.30 -9.26 -17.66
C ILE C 530 -29.84 -8.85 -17.79
N GLU C 531 -29.50 -7.69 -17.26
CA GLU C 531 -28.10 -7.23 -17.26
C GLU C 531 -27.82 -6.18 -16.20
N THR C 532 -26.74 -6.39 -15.46
CA THR C 532 -26.25 -5.39 -14.52
C THR C 532 -25.11 -4.60 -15.17
N ASP C 533 -25.29 -3.28 -15.26
CA ASP C 533 -24.26 -2.44 -15.85
C ASP C 533 -23.42 -1.77 -14.76
N THR C 534 -22.13 -2.07 -14.75
CA THR C 534 -21.21 -1.50 -13.77
C THR C 534 -20.51 -0.29 -14.37
N LEU C 535 -20.42 0.79 -13.59
CA LEU C 535 -19.90 2.05 -14.11
C LEU C 535 -18.57 2.48 -13.48
N TYR C 536 -17.83 3.29 -14.22
CA TYR C 536 -16.60 3.90 -13.72
C TYR C 536 -16.94 5.14 -12.89
N PRO C 537 -16.03 5.56 -12.01
CA PRO C 537 -16.27 6.71 -11.12
C PRO C 537 -16.77 7.99 -11.81
N ARG C 538 -16.32 8.24 -13.04
CA ARG C 538 -16.73 9.43 -13.77
C ARG C 538 -18.07 9.24 -14.48
N ASP C 539 -18.43 7.99 -14.72
CA ASP C 539 -19.66 7.67 -15.45
C ASP C 539 -20.90 8.20 -14.73
N ARG C 540 -21.87 8.65 -15.51
CA ARG C 540 -23.12 9.15 -14.97
C ARG C 540 -24.31 8.66 -15.78
N ASN C 541 -25.48 8.70 -15.15
CA ASN C 541 -26.75 8.51 -15.83
C ASN C 541 -27.81 9.22 -15.02
N SER C 542 -29.08 9.06 -15.40
CA SER C 542 -30.16 9.71 -14.67
C SER C 542 -31.47 8.96 -14.90
N VAL C 543 -32.31 8.96 -13.87
CA VAL C 543 -33.59 8.26 -13.94
C VAL C 543 -34.75 9.23 -13.80
N HIS C 544 -35.69 9.17 -14.74
CA HIS C 544 -36.87 10.01 -14.68
C HIS C 544 -37.95 9.37 -13.81
N TYR C 545 -38.23 10.00 -12.67
CA TYR C 545 -39.19 9.47 -11.72
C TYR C 545 -40.07 10.58 -11.18
N ARG C 546 -41.39 10.40 -11.30
CA ARG C 546 -42.37 11.40 -10.88
C ARG C 546 -42.02 12.78 -11.44
N GLY C 547 -41.97 12.87 -12.76
CA GLY C 547 -41.69 14.13 -13.46
C GLY C 547 -40.45 14.86 -12.98
N ARG C 548 -39.39 14.11 -12.68
CA ARG C 548 -38.15 14.70 -12.18
C ARG C 548 -36.96 13.80 -12.54
N SER C 549 -35.77 14.39 -12.57
CA SER C 549 -34.56 13.65 -12.91
C SER C 549 -33.68 13.40 -11.69
N TYR C 550 -33.28 12.14 -11.50
CA TYR C 550 -32.43 11.76 -10.38
C TYR C 550 -31.12 11.15 -10.88
N GLU C 551 -30.00 11.68 -10.39
CA GLU C 551 -28.68 11.23 -10.84
C GLU C 551 -28.41 9.77 -10.49
N LEU C 552 -27.80 9.06 -11.43
CA LEU C 552 -27.43 7.65 -11.21
C LEU C 552 -25.92 7.49 -11.22
N LYS C 553 -25.41 6.64 -10.33
CA LYS C 553 -24.00 6.30 -10.30
C LYS C 553 -23.79 4.82 -10.03
N ASP C 554 -22.57 4.36 -10.26
CA ASP C 554 -22.12 3.01 -9.87
C ASP C 554 -22.81 1.86 -10.61
N TYR C 555 -24.13 1.74 -10.46
CA TYR C 555 -24.83 0.59 -11.02
C TYR C 555 -26.17 0.92 -11.66
N ALA C 556 -26.48 0.21 -12.74
CA ALA C 556 -27.77 0.30 -13.40
C ALA C 556 -28.21 -1.09 -13.84
N THR C 557 -29.51 -1.31 -13.94
CA THR C 557 -30.04 -2.61 -14.32
C THR C 557 -30.99 -2.53 -15.51
N VAL C 558 -30.75 -3.36 -16.51
CA VAL C 558 -31.64 -3.47 -17.65
C VAL C 558 -32.79 -4.41 -17.31
N ILE C 559 -34.02 -3.94 -17.49
CA ILE C 559 -35.19 -4.62 -16.96
C ILE C 559 -36.17 -5.13 -18.04
N LYS C 560 -36.57 -6.39 -17.90
CA LYS C 560 -37.62 -6.97 -18.73
C LYS C 560 -38.96 -6.89 -18.00
N ILE C 561 -39.87 -6.06 -18.52
CA ILE C 561 -41.19 -5.88 -17.90
C ILE C 561 -42.15 -7.02 -18.22
N HIS C 562 -42.88 -7.46 -17.22
CA HIS C 562 -43.98 -8.40 -17.42
C HIS C 562 -45.30 -7.74 -17.01
N ALA C 563 -45.76 -8.03 -15.81
CA ALA C 563 -47.02 -7.47 -15.32
C ALA C 563 -46.82 -6.17 -14.55
N ALA C 564 -45.57 -5.78 -14.37
CA ALA C 564 -45.23 -4.63 -13.53
C ALA C 564 -45.55 -3.29 -14.19
N THR C 565 -45.72 -2.27 -13.36
CA THR C 565 -45.93 -0.91 -13.84
C THR C 565 -44.63 -0.12 -13.78
N VAL C 566 -44.28 0.54 -14.88
CA VAL C 566 -43.06 1.34 -14.94
C VAL C 566 -43.23 2.67 -14.21
N GLU C 567 -42.50 2.84 -13.12
CA GLU C 567 -42.56 4.06 -12.33
C GLU C 567 -41.48 5.05 -12.77
N GLY C 568 -40.39 4.53 -13.32
CA GLY C 568 -39.28 5.35 -13.75
C GLY C 568 -38.45 4.74 -14.86
N VAL C 569 -37.81 5.59 -15.65
CA VAL C 569 -36.98 5.14 -16.77
C VAL C 569 -35.61 5.81 -16.76
N TYR C 570 -34.63 5.15 -17.39
CA TYR C 570 -33.30 5.74 -17.57
C TYR C 570 -33.35 6.82 -18.64
N GLU C 571 -32.37 7.72 -18.62
CA GLU C 571 -32.39 8.86 -19.54
C GLU C 571 -31.17 8.89 -20.47
N ASP C 572 -30.12 8.16 -20.12
CA ASP C 572 -28.89 8.15 -20.91
C ASP C 572 -28.46 6.74 -21.31
N ASP C 573 -27.32 6.68 -22.01
CA ASP C 573 -26.72 5.43 -22.45
C ASP C 573 -27.63 4.63 -23.38
N PHE C 574 -27.22 3.41 -23.72
CA PHE C 574 -27.94 2.60 -24.71
C PHE C 574 -29.25 2.06 -24.18
N TYR C 575 -29.45 2.14 -22.86
CA TYR C 575 -30.72 1.72 -22.27
C TYR C 575 -31.54 2.92 -21.83
N ALA C 576 -31.38 4.04 -22.54
CA ALA C 576 -32.20 5.21 -22.30
C ALA C 576 -33.66 4.91 -22.63
N ASP C 577 -34.56 5.56 -21.90
CA ASP C 577 -36.00 5.38 -22.08
CA ASP C 577 -36.00 5.38 -22.08
C ASP C 577 -36.42 3.92 -21.90
N THR C 578 -35.72 3.23 -21.01
CA THR C 578 -36.07 1.86 -20.64
C THR C 578 -36.31 1.82 -19.13
N PRO C 579 -37.15 0.87 -18.66
CA PRO C 579 -37.59 0.86 -17.26
C PRO C 579 -36.45 0.81 -16.23
N ALA C 580 -36.47 1.75 -15.29
CA ALA C 580 -35.48 1.80 -14.23
C ALA C 580 -36.09 1.46 -12.88
N VAL C 581 -37.31 1.95 -12.63
CA VAL C 581 -38.01 1.69 -11.39
C VAL C 581 -39.40 1.11 -11.67
N THR C 582 -39.73 0.00 -11.01
CA THR C 582 -41.01 -0.67 -11.24
C THR C 582 -41.80 -0.91 -9.95
N SER C 583 -43.10 -1.07 -10.10
CA SER C 583 -43.99 -1.47 -9.01
C SER C 583 -44.94 -2.53 -9.53
N ASN C 584 -45.43 -3.39 -8.64
CA ASN C 584 -46.32 -4.47 -9.05
C ASN C 584 -47.17 -5.02 -7.92
N GLN C 585 -48.44 -5.27 -8.22
CA GLN C 585 -49.36 -5.87 -7.27
C GLN C 585 -49.26 -7.39 -7.27
N TYR C 586 -49.04 -7.96 -6.10
CA TYR C 586 -48.97 -9.41 -5.95
C TYR C 586 -49.78 -9.84 -4.74
N GLY C 587 -50.95 -10.43 -4.99
CA GLY C 587 -51.88 -10.73 -3.93
C GLY C 587 -52.37 -9.44 -3.29
N LYS C 588 -52.41 -9.41 -1.96
CA LYS C 588 -52.87 -8.23 -1.25
C LYS C 588 -51.76 -7.19 -1.09
N GLY C 589 -50.55 -7.53 -1.53
CA GLY C 589 -49.41 -6.66 -1.32
C GLY C 589 -48.82 -6.05 -2.59
N GLN C 590 -47.64 -5.44 -2.43
CA GLN C 590 -46.99 -4.74 -3.52
C GLN C 590 -45.48 -4.98 -3.49
N ALA C 591 -44.85 -5.00 -4.66
CA ALA C 591 -43.41 -5.21 -4.75
C ALA C 591 -42.74 -4.19 -5.67
N TYR C 592 -41.76 -3.47 -5.12
CA TYR C 592 -41.07 -2.44 -5.86
C TYR C 592 -39.64 -2.87 -6.22
N TYR C 593 -39.13 -2.36 -7.34
CA TYR C 593 -37.76 -2.65 -7.75
C TYR C 593 -37.03 -1.38 -8.19
N ILE C 594 -35.86 -1.15 -7.61
CA ILE C 594 -35.03 -0.02 -7.97
C ILE C 594 -33.79 -0.50 -8.73
N GLY C 595 -33.77 -0.28 -10.03
CA GLY C 595 -32.74 -0.85 -10.90
C GLY C 595 -31.40 -0.15 -10.87
N GLY C 596 -31.34 1.04 -10.30
CA GLY C 596 -30.10 1.80 -10.27
C GLY C 596 -29.83 2.51 -8.96
N ARG C 597 -28.57 2.81 -8.70
CA ARG C 597 -28.17 3.52 -7.49
C ARG C 597 -28.37 5.01 -7.66
N LEU C 598 -29.46 5.52 -7.09
CA LEU C 598 -29.82 6.92 -7.26
C LEU C 598 -29.48 7.78 -6.05
N GLU C 599 -29.46 9.09 -6.25
CA GLU C 599 -29.09 10.03 -5.19
C GLU C 599 -30.07 10.03 -4.03
N ASP C 600 -29.73 10.76 -2.97
CA ASP C 600 -30.51 10.79 -1.74
C ASP C 600 -31.95 11.22 -1.95
N GLN C 601 -32.16 12.21 -2.81
CA GLN C 601 -33.49 12.79 -2.99
C GLN C 601 -34.47 11.80 -3.59
N PHE C 602 -33.97 10.81 -4.34
CA PHE C 602 -34.83 9.77 -4.86
C PHE C 602 -35.40 8.93 -3.72
N HIS C 603 -34.52 8.50 -2.83
CA HIS C 603 -34.92 7.70 -1.68
C HIS C 603 -35.88 8.49 -0.79
N ARG C 604 -35.67 9.79 -0.70
CA ARG C 604 -36.57 10.67 0.04
C ARG C 604 -37.97 10.66 -0.58
N ASP C 605 -38.03 10.95 -1.87
CA ASP C 605 -39.32 11.04 -2.58
C ASP C 605 -40.00 9.68 -2.71
N PHE C 606 -39.24 8.67 -3.09
CA PHE C 606 -39.77 7.32 -3.28
C PHE C 606 -40.41 6.78 -2.01
N TYR C 607 -39.73 6.95 -0.88
CA TYR C 607 -40.21 6.39 0.38
C TYR C 607 -41.23 7.30 1.06
N GLN C 608 -41.19 8.59 0.75
CA GLN C 608 -42.20 9.53 1.26
C GLN C 608 -43.57 9.12 0.74
N GLU C 609 -43.61 8.63 -0.50
CA GLU C 609 -44.84 8.13 -1.10
C GLU C 609 -45.34 6.90 -0.33
N LEU C 610 -44.40 6.04 0.07
CA LEU C 610 -44.75 4.82 0.79
C LEU C 610 -45.17 5.12 2.23
N MET C 611 -44.58 6.15 2.82
CA MET C 611 -44.95 6.58 4.16
C MET C 611 -46.40 7.05 4.19
N GLU C 612 -46.75 7.92 3.25
CA GLU C 612 -48.09 8.46 3.15
C GLU C 612 -49.09 7.38 2.73
N LYS C 613 -48.62 6.44 1.92
CA LYS C 613 -49.47 5.34 1.44
C LYS C 613 -49.74 4.32 2.53
N LEU C 614 -48.71 3.94 3.27
CA LEU C 614 -48.83 2.88 4.27
C LEU C 614 -49.05 3.44 5.68
N ASP C 615 -49.28 4.75 5.76
CA ASP C 615 -49.49 5.44 7.03
C ASP C 615 -48.34 5.19 8.00
N LEU C 616 -47.14 5.58 7.60
CA LEU C 616 -45.97 5.45 8.45
C LEU C 616 -45.63 6.80 9.08
N ARG C 617 -45.74 6.87 10.40
CA ARG C 617 -45.56 8.13 11.12
C ARG C 617 -44.72 7.91 12.36
N PRO C 618 -44.13 9.00 12.91
CA PRO C 618 -43.36 8.88 14.15
C PRO C 618 -44.21 8.42 15.34
N VAL C 619 -43.56 8.03 16.42
CA VAL C 619 -44.27 7.74 17.66
C VAL C 619 -44.89 9.03 18.15
N LEU C 620 -44.09 10.10 18.13
CA LEU C 620 -44.55 11.44 18.42
C LEU C 620 -44.02 12.40 17.37
N PHE C 621 -44.93 13.07 16.66
CA PHE C 621 -44.49 14.00 15.62
C PHE C 621 -43.96 15.29 16.23
N VAL C 622 -42.79 15.71 15.76
CA VAL C 622 -42.19 16.98 16.16
C VAL C 622 -41.64 17.68 14.91
N LYS C 623 -42.06 18.91 14.70
CA LYS C 623 -41.61 19.67 13.53
C LYS C 623 -40.18 20.16 13.75
N HIS C 624 -39.27 19.77 12.87
CA HIS C 624 -37.86 20.15 13.00
C HIS C 624 -37.14 20.18 11.66
N GLU C 625 -36.00 20.88 11.63
CA GLU C 625 -35.16 20.91 10.44
C GLU C 625 -34.27 19.67 10.38
N LYS C 626 -33.56 19.51 9.27
CA LYS C 626 -32.64 18.40 9.11
C LYS C 626 -31.50 18.47 10.13
N GLY C 627 -31.18 17.32 10.72
CA GLY C 627 -30.12 17.25 11.72
C GLY C 627 -30.66 16.95 13.10
N VAL C 628 -31.96 17.15 13.28
CA VAL C 628 -32.62 16.81 14.53
C VAL C 628 -33.24 15.42 14.46
N SER C 629 -32.84 14.56 15.39
CA SER C 629 -33.38 13.20 15.42
C SER C 629 -34.35 13.03 16.59
N VAL C 630 -35.56 12.60 16.28
CA VAL C 630 -36.54 12.29 17.31
C VAL C 630 -36.78 10.79 17.35
N GLN C 631 -36.43 10.17 18.48
CA GLN C 631 -36.58 8.74 18.65
C GLN C 631 -37.28 8.42 19.98
N ALA C 632 -38.06 7.35 20.00
CA ALA C 632 -38.88 7.06 21.16
C ALA C 632 -38.83 5.60 21.60
N ARG C 633 -39.14 5.39 22.89
CA ARG C 633 -39.36 4.06 23.43
C ARG C 633 -40.72 4.05 24.12
N GLN C 634 -41.45 2.96 23.96
CA GLN C 634 -42.84 2.95 24.37
C GLN C 634 -43.13 2.00 25.53
N ALA C 635 -43.59 2.58 26.64
CA ALA C 635 -44.08 1.84 27.78
C ALA C 635 -45.61 1.75 27.66
N PRO C 636 -46.25 0.83 28.42
CA PRO C 636 -47.70 0.72 28.24
C PRO C 636 -48.46 1.96 28.70
N GLU C 637 -47.89 2.73 29.63
CA GLU C 637 -48.59 3.88 30.19
C GLU C 637 -48.19 5.20 29.53
N CYS C 638 -47.04 5.23 28.86
CA CYS C 638 -46.58 6.46 28.23
C CYS C 638 -45.48 6.24 27.18
N ASP C 639 -45.21 7.29 26.41
CA ASP C 639 -44.13 7.28 25.43
C ASP C 639 -42.96 8.13 25.91
N TYR C 640 -41.76 7.56 25.90
CA TYR C 640 -40.55 8.31 26.22
C TYR C 640 -39.89 8.78 24.93
N VAL C 641 -39.86 10.10 24.73
CA VAL C 641 -39.40 10.65 23.46
C VAL C 641 -38.13 11.47 23.61
N PHE C 642 -37.14 11.19 22.77
CA PHE C 642 -35.87 11.90 22.80
C PHE C 642 -35.75 12.85 21.61
N ILE C 643 -35.62 14.15 21.90
CA ILE C 643 -35.43 15.14 20.85
C ILE C 643 -33.97 15.59 20.85
N MET C 644 -33.24 15.16 19.82
CA MET C 644 -31.79 15.33 19.81
C MET C 644 -31.30 16.19 18.66
N ASN C 645 -30.52 17.22 18.98
CA ASN C 645 -29.98 18.14 17.98
C ASN C 645 -28.56 17.78 17.58
N PHE C 646 -28.43 17.05 16.46
CA PHE C 646 -27.12 16.66 15.96
C PHE C 646 -26.55 17.70 15.00
N THR C 647 -26.75 18.97 15.31
CA THR C 647 -26.17 20.05 14.52
C THR C 647 -25.36 20.98 15.42
N GLU C 648 -24.53 21.81 14.81
CA GLU C 648 -23.73 22.78 15.57
C GLU C 648 -24.43 24.14 15.64
N GLU C 649 -25.74 24.14 15.39
CA GLU C 649 -26.52 25.37 15.41
C GLU C 649 -27.60 25.33 16.48
N LYS C 650 -28.18 26.49 16.77
CA LYS C 650 -29.45 26.55 17.47
C LYS C 650 -30.50 25.94 16.56
N GLN C 651 -31.50 25.29 17.14
CA GLN C 651 -32.49 24.60 16.34
C GLN C 651 -33.89 24.74 16.93
N ALA C 652 -34.83 25.23 16.12
CA ALA C 652 -36.20 25.41 16.56
C ALA C 652 -37.04 24.18 16.23
N VAL C 653 -37.66 23.60 17.25
CA VAL C 653 -38.55 22.45 17.06
C VAL C 653 -39.92 22.73 17.65
N VAL C 654 -40.95 22.11 17.09
CA VAL C 654 -42.32 22.35 17.54
C VAL C 654 -43.02 21.06 17.95
N LEU C 655 -43.34 20.96 19.24
CA LEU C 655 -44.14 19.84 19.74
C LEU C 655 -45.62 20.09 19.45
N GLU C 656 -46.26 19.14 18.79
CA GLU C 656 -47.66 19.28 18.40
C GLU C 656 -48.61 18.84 19.50
N GLU C 657 -48.07 18.13 20.49
CA GLU C 657 -48.89 17.65 21.60
C GLU C 657 -48.28 18.05 22.95
N LYS C 658 -49.13 18.19 23.96
CA LYS C 658 -48.68 18.53 25.30
C LYS C 658 -47.87 17.39 25.91
N VAL C 659 -46.62 17.67 26.29
CA VAL C 659 -45.76 16.66 26.87
C VAL C 659 -45.16 17.10 28.20
N LYS C 660 -44.55 16.15 28.90
CA LYS C 660 -43.94 16.41 30.19
C LYS C 660 -42.42 16.31 30.11
N ASP C 661 -41.70 17.24 30.73
CA ASP C 661 -40.26 17.14 30.81
C ASP C 661 -39.90 16.13 31.88
N LEU C 662 -39.15 15.10 31.50
CA LEU C 662 -38.85 13.99 32.41
C LEU C 662 -37.93 14.41 33.55
N PHE C 663 -37.23 15.51 33.37
CA PHE C 663 -36.26 15.97 34.37
C PHE C 663 -36.85 16.99 35.35
N THR C 664 -37.71 17.86 34.84
CA THR C 664 -38.29 18.92 35.67
C THR C 664 -39.76 18.65 36.00
N GLY C 665 -40.53 18.19 35.00
CA GLY C 665 -41.93 17.90 35.20
C GLY C 665 -42.84 18.92 34.55
N GLU C 666 -42.23 19.94 33.95
CA GLU C 666 -42.96 21.03 33.33
C GLU C 666 -43.68 20.62 32.05
N GLU C 667 -44.90 21.11 31.87
CA GLU C 667 -45.66 20.88 30.65
C GLU C 667 -45.05 21.67 29.49
N ILE C 668 -44.85 21.00 28.36
CA ILE C 668 -44.28 21.64 27.19
C ILE C 668 -45.13 21.39 25.94
N VAL C 669 -45.38 22.46 25.18
CA VAL C 669 -46.12 22.35 23.93
C VAL C 669 -45.71 23.50 23.02
N GLY C 670 -45.87 23.32 21.71
CA GLY C 670 -45.51 24.34 20.75
C GLY C 670 -44.03 24.36 20.43
N GLU C 671 -43.50 25.54 20.16
CA GLU C 671 -42.11 25.68 19.74
C GLU C 671 -41.16 25.89 20.91
N ILE C 672 -40.07 25.13 20.91
CA ILE C 672 -38.99 25.33 21.87
C ILE C 672 -37.65 25.41 21.14
N MET C 673 -36.65 25.98 21.81
CA MET C 673 -35.35 26.19 21.20
C MET C 673 -34.30 25.22 21.72
N LEU C 674 -33.56 24.61 20.81
CA LEU C 674 -32.50 23.68 21.16
C LEU C 674 -31.13 24.25 20.84
N ASP C 675 -30.27 24.36 21.86
CA ASP C 675 -28.90 24.78 21.65
C ASP C 675 -28.11 23.69 20.92
N LYS C 676 -26.84 23.96 20.65
CA LYS C 676 -25.98 22.98 20.01
C LYS C 676 -25.88 21.72 20.86
N TYR C 677 -26.17 20.57 20.23
CA TYR C 677 -26.07 19.25 20.86
C TYR C 677 -27.03 19.05 22.03
N GLU C 678 -28.03 19.92 22.15
CA GLU C 678 -28.98 19.83 23.25
C GLU C 678 -29.98 18.69 23.03
N VAL C 679 -30.33 18.01 24.12
CA VAL C 679 -31.33 16.95 24.08
C VAL C 679 -32.46 17.24 25.04
N ARG C 680 -33.70 17.08 24.56
CA ARG C 680 -34.86 17.12 25.44
C ARG C 680 -35.43 15.71 25.56
N VAL C 681 -35.67 15.28 26.80
CA VAL C 681 -36.28 13.99 27.04
C VAL C 681 -37.69 14.19 27.60
N VAL C 682 -38.69 14.02 26.75
CA VAL C 682 -40.06 14.32 27.14
C VAL C 682 -40.92 13.08 27.30
N GLU C 683 -42.00 13.23 28.07
CA GLU C 683 -42.88 12.11 28.40
C GLU C 683 -44.31 12.41 28.00
N LYS C 684 -44.84 11.62 27.06
CA LYS C 684 -46.22 11.76 26.63
C LYS C 684 -47.10 10.69 27.27
N ARG C 685 -47.89 11.08 28.25
CA ARG C 685 -48.76 10.13 28.93
C ARG C 685 -49.85 9.64 27.98
N ARG C 686 -50.27 8.40 28.16
CA ARG C 686 -51.21 7.77 27.24
C ARG C 686 -52.62 7.74 27.81
ZN ZN D . 10.78 -25.43 -8.59
C1 GOL E . -5.72 10.72 -41.60
O1 GOL E . -4.50 10.42 -42.25
C2 GOL E . -6.85 10.75 -42.62
O2 GOL E . -6.62 9.78 -43.61
C3 GOL E . -6.91 12.14 -43.25
O3 GOL E . -8.00 12.19 -44.15
C1 GOL F . -9.62 -16.53 -18.70
O1 GOL F . -9.01 -16.50 -17.43
C2 GOL F . -8.92 -17.57 -19.56
O2 GOL F . -8.94 -18.83 -18.92
C3 GOL F . -7.49 -17.14 -19.82
O3 GOL F . -7.48 -15.90 -20.49
C1 GOL G . -14.13 -7.74 -7.38
O1 GOL G . -13.66 -8.46 -6.27
C2 GOL G . -13.01 -7.64 -8.42
O2 GOL G . -13.49 -8.06 -9.68
C3 GOL G . -12.53 -6.20 -8.52
O3 GOL G . -13.59 -5.37 -8.95
ZN ZN H . 20.76 -12.26 15.66
C1 GOL I . 18.06 38.71 7.68
O1 GOL I . 18.35 38.96 9.04
C2 GOL I . 18.78 39.73 6.82
O2 GOL I . 20.04 40.02 7.39
C3 GOL I . 17.94 41.00 6.76
O3 GOL I . 18.45 41.85 5.75
C1 GOL J . 26.12 4.97 -0.75
O1 GOL J . 25.34 3.80 -0.86
C2 GOL J . 27.25 4.73 0.26
O2 GOL J . 27.72 3.40 0.13
C3 GOL J . 26.72 4.95 1.67
O3 GOL J . 26.21 6.26 1.78
C1 GOL K . 3.82 20.91 9.63
O1 GOL K . 3.71 19.55 9.28
C2 GOL K . 5.03 21.12 10.52
O2 GOL K . 6.17 20.55 9.90
C3 GOL K . 4.78 20.44 11.86
O3 GOL K . 5.56 21.06 12.86
ZN ZN L . -6.11 -23.55 15.34
C1 GOL M . -39.29 15.73 9.77
O1 GOL M . -40.26 14.74 9.98
C2 GOL M . -39.65 16.97 10.60
O2 GOL M . -40.47 16.60 11.67
C3 GOL M . -40.40 17.96 9.70
O3 GOL M . -40.68 19.13 10.44
C1 GOL N . -22.82 5.12 -2.32
O1 GOL N . -21.55 4.57 -2.04
C2 GOL N . -23.72 4.93 -1.11
O2 GOL N . -23.09 5.44 0.04
C3 GOL N . -24.00 3.45 -0.93
O3 GOL N . -24.78 2.97 -2.01
C1 GOL O . -11.10 -1.41 24.13
O1 GOL O . -9.96 -2.00 23.56
C2 GOL O . -11.93 -2.47 24.86
O2 GOL O . -11.08 -3.33 25.59
C3 GOL O . -12.71 -3.29 23.83
O3 GOL O . -13.51 -2.43 23.05
#